data_1KFR
# 
_entry.id   1KFR 
# 
_audit_conform.dict_name       mmcif_pdbx.dic 
_audit_conform.dict_version    5.386 
_audit_conform.dict_location   http://mmcif.pdb.org/dictionaries/ascii/mmcif_pdbx.dic 
# 
loop_
_database_2.database_id 
_database_2.database_code 
_database_2.pdbx_database_accession 
_database_2.pdbx_DOI 
PDB   1KFR         pdb_00001kfr 10.2210/pdb1kfr/pdb 
RCSB  RCSB014909   ?            ?                   
WWPDB D_1000014909 ?            ?                   
# 
loop_
_pdbx_audit_revision_history.ordinal 
_pdbx_audit_revision_history.data_content_type 
_pdbx_audit_revision_history.major_revision 
_pdbx_audit_revision_history.minor_revision 
_pdbx_audit_revision_history.revision_date 
1 'Structure model' 1 0 2002-04-24 
2 'Structure model' 1 1 2008-04-27 
3 'Structure model' 1 2 2011-07-13 
4 'Structure model' 1 3 2024-02-07 
# 
_pdbx_audit_revision_details.ordinal             1 
_pdbx_audit_revision_details.revision_ordinal    1 
_pdbx_audit_revision_details.data_content_type   'Structure model' 
_pdbx_audit_revision_details.provider            repository 
_pdbx_audit_revision_details.type                'Initial release' 
_pdbx_audit_revision_details.description         ? 
_pdbx_audit_revision_details.details             ? 
# 
loop_
_pdbx_audit_revision_group.ordinal 
_pdbx_audit_revision_group.revision_ordinal 
_pdbx_audit_revision_group.data_content_type 
_pdbx_audit_revision_group.group 
1 2 'Structure model' 'Version format compliance' 
2 3 'Structure model' 'Version format compliance' 
3 4 'Structure model' 'Data collection'           
4 4 'Structure model' 'Database references'       
5 4 'Structure model' 'Derived calculations'      
# 
loop_
_pdbx_audit_revision_category.ordinal 
_pdbx_audit_revision_category.revision_ordinal 
_pdbx_audit_revision_category.data_content_type 
_pdbx_audit_revision_category.category 
1 4 'Structure model' chem_comp_atom     
2 4 'Structure model' chem_comp_bond     
3 4 'Structure model' database_2         
4 4 'Structure model' diffrn_source      
5 4 'Structure model' struct_conn        
6 4 'Structure model' struct_ref_seq_dif 
7 4 'Structure model' struct_site        
# 
loop_
_pdbx_audit_revision_item.ordinal 
_pdbx_audit_revision_item.revision_ordinal 
_pdbx_audit_revision_item.data_content_type 
_pdbx_audit_revision_item.item 
1  4 'Structure model' '_database_2.pdbx_DOI'                 
2  4 'Structure model' '_database_2.pdbx_database_accession'  
3  4 'Structure model' '_diffrn_source.pdbx_synchrotron_site' 
4  4 'Structure model' '_struct_conn.ptnr1_auth_comp_id'      
5  4 'Structure model' '_struct_conn.ptnr1_auth_seq_id'       
6  4 'Structure model' '_struct_conn.ptnr1_label_asym_id'     
7  4 'Structure model' '_struct_conn.ptnr1_label_atom_id'     
8  4 'Structure model' '_struct_conn.ptnr1_label_comp_id'     
9  4 'Structure model' '_struct_conn.ptnr1_label_seq_id'      
10 4 'Structure model' '_struct_conn.ptnr2_auth_comp_id'      
11 4 'Structure model' '_struct_conn.ptnr2_auth_seq_id'       
12 4 'Structure model' '_struct_conn.ptnr2_label_asym_id'     
13 4 'Structure model' '_struct_conn.ptnr2_label_atom_id'     
14 4 'Structure model' '_struct_conn.ptnr2_label_comp_id'     
15 4 'Structure model' '_struct_conn.ptnr2_label_seq_id'      
16 4 'Structure model' '_struct_ref_seq_dif.details'          
17 4 'Structure model' '_struct_site.pdbx_auth_asym_id'       
18 4 'Structure model' '_struct_site.pdbx_auth_comp_id'       
19 4 'Structure model' '_struct_site.pdbx_auth_seq_id'        
# 
_pdbx_database_status.status_code                     REL 
_pdbx_database_status.entry_id                        1KFR 
_pdbx_database_status.recvd_initial_deposition_date   2001-11-22 
_pdbx_database_status.deposit_site                    RCSB 
_pdbx_database_status.process_site                    RCSB 
_pdbx_database_status.status_code_sf                  REL 
_pdbx_database_status.SG_entry                        . 
_pdbx_database_status.pdb_format_compatible           Y 
_pdbx_database_status.status_code_mr                  ? 
_pdbx_database_status.status_code_cs                  ? 
_pdbx_database_status.status_code_nmr_data            ? 
_pdbx_database_status.methods_development_category    ? 
# 
_pdbx_database_related.db_name        PDB 
_pdbx_database_related.db_id          1H97 
_pdbx_database_related.details        'Trematode Hemoglobin From Paramphistomum Epiclitum' 
_pdbx_database_related.content_type   unspecified 
# 
loop_
_audit_author.name 
_audit_author.pdbx_ordinal 
'Milani, M.'    1 
'Pesce, A.'     2 
'Dewilde, S.'   3 
'Ascenzi, P.'   4 
'Moens, L.'     5 
'Bolognesi, M.' 6 
# 
_citation.id                        primary 
_citation.title                     'Structural plasticity in the eight-helix fold of a trematode haemoglobin.' 
_citation.journal_abbrev            'Acta Crystallogr.,Sect.D' 
_citation.journal_volume            58 
_citation.page_first                719 
_citation.page_last                 722 
_citation.year                      2002 
_citation.journal_id_ASTM           ABCRE6 
_citation.country                   DK 
_citation.journal_id_ISSN           0907-4449 
_citation.journal_id_CSD            0766 
_citation.book_publisher            ? 
_citation.pdbx_database_id_PubMed   11914507 
_citation.pdbx_database_id_DOI      10.1107/S0907444902001865 
# 
loop_
_citation_author.citation_id 
_citation_author.name 
_citation_author.ordinal 
_citation_author.identifier_ORCID 
primary 'Milani, M.'    1 ? 
primary 'Pesce, A.'     2 ? 
primary 'Dewilde, S.'   3 ? 
primary 'Ascenzi, P.'   4 ? 
primary 'Moens, L.'     5 ? 
primary 'Bolognesi, M.' 6 ? 
# 
loop_
_entity.id 
_entity.type 
_entity.src_method 
_entity.pdbx_description 
_entity.formula_weight 
_entity.pdbx_number_of_molecules 
_entity.pdbx_ec 
_entity.pdbx_mutation 
_entity.pdbx_fragment 
_entity.details 
1 polymer     nat Hemoglobin                        16568.924 1   ? ? ? ? 
2 non-polymer syn 'SULFATE ION'                     96.063    3   ? ? ? ? 
3 non-polymer syn 'PROTOPORPHYRIN IX CONTAINING FE' 616.487   1   ? ? ? ? 
4 water       nat water                             18.015    180 ? ? ? ? 
# 
_entity_poly.entity_id                      1 
_entity_poly.type                           'polypeptide(L)' 
_entity_poly.nstd_linkage                   no 
_entity_poly.nstd_monomer                   no 
_entity_poly.pdbx_seq_one_letter_code       
;TLTKHEQDILLKELGPHVDTPAHIVETGLGAYHALFTAHPQYISHFSRLEGHTIENVMQSDGIKHYARTLTEAIVHMLKE
ISNDAEVKKIAAQYGKDHTSRKVTKDEFMSGEPIFTKYFQNLVADAEGKAAVEKFLKHVFPMMAAEI
;
_entity_poly.pdbx_seq_one_letter_code_can   
;TLTKHEQDILLKELGPHVDTPAHIVETGLGAYHALFTAHPQYISHFSRLEGHTIENVMQSDGIKHYARTLTEAIVHMLKE
ISNDAEVKKIAAQYGKDHTSRKVTKDEFMSGEPIFTKYFQNLVADAEGKAAVEKFLKHVFPMMAAEI
;
_entity_poly.pdbx_strand_id                 A 
_entity_poly.pdbx_target_identifier         ? 
# 
loop_
_pdbx_entity_nonpoly.entity_id 
_pdbx_entity_nonpoly.name 
_pdbx_entity_nonpoly.comp_id 
2 'SULFATE ION'                     SO4 
3 'PROTOPORPHYRIN IX CONTAINING FE' HEM 
4 water                             HOH 
# 
loop_
_entity_poly_seq.entity_id 
_entity_poly_seq.num 
_entity_poly_seq.mon_id 
_entity_poly_seq.hetero 
1 1   THR n 
1 2   LEU n 
1 3   THR n 
1 4   LYS n 
1 5   HIS n 
1 6   GLU n 
1 7   GLN n 
1 8   ASP n 
1 9   ILE n 
1 10  LEU n 
1 11  LEU n 
1 12  LYS n 
1 13  GLU n 
1 14  LEU n 
1 15  GLY n 
1 16  PRO n 
1 17  HIS n 
1 18  VAL n 
1 19  ASP n 
1 20  THR n 
1 21  PRO n 
1 22  ALA n 
1 23  HIS n 
1 24  ILE n 
1 25  VAL n 
1 26  GLU n 
1 27  THR n 
1 28  GLY n 
1 29  LEU n 
1 30  GLY n 
1 31  ALA n 
1 32  TYR n 
1 33  HIS n 
1 34  ALA n 
1 35  LEU n 
1 36  PHE n 
1 37  THR n 
1 38  ALA n 
1 39  HIS n 
1 40  PRO n 
1 41  GLN n 
1 42  TYR n 
1 43  ILE n 
1 44  SER n 
1 45  HIS n 
1 46  PHE n 
1 47  SER n 
1 48  ARG n 
1 49  LEU n 
1 50  GLU n 
1 51  GLY n 
1 52  HIS n 
1 53  THR n 
1 54  ILE n 
1 55  GLU n 
1 56  ASN n 
1 57  VAL n 
1 58  MET n 
1 59  GLN n 
1 60  SER n 
1 61  ASP n 
1 62  GLY n 
1 63  ILE n 
1 64  LYS n 
1 65  HIS n 
1 66  TYR n 
1 67  ALA n 
1 68  ARG n 
1 69  THR n 
1 70  LEU n 
1 71  THR n 
1 72  GLU n 
1 73  ALA n 
1 74  ILE n 
1 75  VAL n 
1 76  HIS n 
1 77  MET n 
1 78  LEU n 
1 79  LYS n 
1 80  GLU n 
1 81  ILE n 
1 82  SER n 
1 83  ASN n 
1 84  ASP n 
1 85  ALA n 
1 86  GLU n 
1 87  VAL n 
1 88  LYS n 
1 89  LYS n 
1 90  ILE n 
1 91  ALA n 
1 92  ALA n 
1 93  GLN n 
1 94  TYR n 
1 95  GLY n 
1 96  LYS n 
1 97  ASP n 
1 98  HIS n 
1 99  THR n 
1 100 SER n 
1 101 ARG n 
1 102 LYS n 
1 103 VAL n 
1 104 THR n 
1 105 LYS n 
1 106 ASP n 
1 107 GLU n 
1 108 PHE n 
1 109 MET n 
1 110 SER n 
1 111 GLY n 
1 112 GLU n 
1 113 PRO n 
1 114 ILE n 
1 115 PHE n 
1 116 THR n 
1 117 LYS n 
1 118 TYR n 
1 119 PHE n 
1 120 GLN n 
1 121 ASN n 
1 122 LEU n 
1 123 VAL n 
1 124 ALA n 
1 125 ASP n 
1 126 ALA n 
1 127 GLU n 
1 128 GLY n 
1 129 LYS n 
1 130 ALA n 
1 131 ALA n 
1 132 VAL n 
1 133 GLU n 
1 134 LYS n 
1 135 PHE n 
1 136 LEU n 
1 137 LYS n 
1 138 HIS n 
1 139 VAL n 
1 140 PHE n 
1 141 PRO n 
1 142 MET n 
1 143 MET n 
1 144 ALA n 
1 145 ALA n 
1 146 GLU n 
1 147 ILE n 
# 
_entity_src_nat.entity_id                  1 
_entity_src_nat.pdbx_src_id                1 
_entity_src_nat.pdbx_alt_source_flag       sample 
_entity_src_nat.pdbx_beg_seq_num           ? 
_entity_src_nat.pdbx_end_seq_num           ? 
_entity_src_nat.common_name                ? 
_entity_src_nat.pdbx_organism_scientific   'Paramphistomum epiclitum' 
_entity_src_nat.pdbx_ncbi_taxonomy_id      54403 
_entity_src_nat.genus                      Paramphistomum 
_entity_src_nat.species                    ? 
_entity_src_nat.strain                     ? 
_entity_src_nat.tissue                     ? 
_entity_src_nat.tissue_fraction            ? 
_entity_src_nat.pdbx_secretion             ? 
_entity_src_nat.pdbx_fragment              ? 
_entity_src_nat.pdbx_variant               ? 
_entity_src_nat.pdbx_cell_line             ? 
_entity_src_nat.pdbx_atcc                  ? 
_entity_src_nat.pdbx_cellular_location     ? 
_entity_src_nat.pdbx_organ                 ? 
_entity_src_nat.pdbx_organelle             ? 
_entity_src_nat.pdbx_cell                  ? 
_entity_src_nat.pdbx_plasmid_name          ? 
_entity_src_nat.pdbx_plasmid_details       ? 
_entity_src_nat.details                    ? 
# 
loop_
_chem_comp.id 
_chem_comp.type 
_chem_comp.mon_nstd_flag 
_chem_comp.name 
_chem_comp.pdbx_synonyms 
_chem_comp.formula 
_chem_comp.formula_weight 
ALA 'L-peptide linking' y ALANINE                           ?    'C3 H7 N O2'       89.093  
ARG 'L-peptide linking' y ARGININE                          ?    'C6 H15 N4 O2 1'   175.209 
ASN 'L-peptide linking' y ASPARAGINE                        ?    'C4 H8 N2 O3'      132.118 
ASP 'L-peptide linking' y 'ASPARTIC ACID'                   ?    'C4 H7 N O4'       133.103 
GLN 'L-peptide linking' y GLUTAMINE                         ?    'C5 H10 N2 O3'     146.144 
GLU 'L-peptide linking' y 'GLUTAMIC ACID'                   ?    'C5 H9 N O4'       147.129 
GLY 'peptide linking'   y GLYCINE                           ?    'C2 H5 N O2'       75.067  
HEM non-polymer         . 'PROTOPORPHYRIN IX CONTAINING FE' HEME 'C34 H32 Fe N4 O4' 616.487 
HIS 'L-peptide linking' y HISTIDINE                         ?    'C6 H10 N3 O2 1'   156.162 
HOH non-polymer         . WATER                             ?    'H2 O'             18.015  
ILE 'L-peptide linking' y ISOLEUCINE                        ?    'C6 H13 N O2'      131.173 
LEU 'L-peptide linking' y LEUCINE                           ?    'C6 H13 N O2'      131.173 
LYS 'L-peptide linking' y LYSINE                            ?    'C6 H15 N2 O2 1'   147.195 
MET 'L-peptide linking' y METHIONINE                        ?    'C5 H11 N O2 S'    149.211 
PHE 'L-peptide linking' y PHENYLALANINE                     ?    'C9 H11 N O2'      165.189 
PRO 'L-peptide linking' y PROLINE                           ?    'C5 H9 N O2'       115.130 
SER 'L-peptide linking' y SERINE                            ?    'C3 H7 N O3'       105.093 
SO4 non-polymer         . 'SULFATE ION'                     ?    'O4 S -2'          96.063  
THR 'L-peptide linking' y THREONINE                         ?    'C4 H9 N O3'       119.119 
TYR 'L-peptide linking' y TYROSINE                          ?    'C9 H11 N O3'      181.189 
VAL 'L-peptide linking' y VALINE                            ?    'C5 H11 N O2'      117.146 
# 
loop_
_pdbx_poly_seq_scheme.asym_id 
_pdbx_poly_seq_scheme.entity_id 
_pdbx_poly_seq_scheme.seq_id 
_pdbx_poly_seq_scheme.mon_id 
_pdbx_poly_seq_scheme.ndb_seq_num 
_pdbx_poly_seq_scheme.pdb_seq_num 
_pdbx_poly_seq_scheme.auth_seq_num 
_pdbx_poly_seq_scheme.pdb_mon_id 
_pdbx_poly_seq_scheme.auth_mon_id 
_pdbx_poly_seq_scheme.pdb_strand_id 
_pdbx_poly_seq_scheme.pdb_ins_code 
_pdbx_poly_seq_scheme.hetero 
A 1 1   THR 1   1   1   THR THR A . n 
A 1 2   LEU 2   2   2   LEU LEU A . n 
A 1 3   THR 3   3   3   THR THR A . n 
A 1 4   LYS 4   4   4   LYS LYS A . n 
A 1 5   HIS 5   5   5   HIS HIS A . n 
A 1 6   GLU 6   6   6   GLU GLU A . n 
A 1 7   GLN 7   7   7   GLN GLN A . n 
A 1 8   ASP 8   8   8   ASP ASP A . n 
A 1 9   ILE 9   9   9   ILE ILE A . n 
A 1 10  LEU 10  10  10  LEU LEU A . n 
A 1 11  LEU 11  11  11  LEU LEU A . n 
A 1 12  LYS 12  12  12  LYS LYS A . n 
A 1 13  GLU 13  13  13  GLU GLU A . n 
A 1 14  LEU 14  14  14  LEU LEU A . n 
A 1 15  GLY 15  15  15  GLY GLY A . n 
A 1 16  PRO 16  16  16  PRO PRO A . n 
A 1 17  HIS 17  17  17  HIS HIS A . n 
A 1 18  VAL 18  18  18  VAL VAL A . n 
A 1 19  ASP 19  19  19  ASP ASP A . n 
A 1 20  THR 20  20  20  THR THR A . n 
A 1 21  PRO 21  21  21  PRO PRO A . n 
A 1 22  ALA 22  22  22  ALA ALA A . n 
A 1 23  HIS 23  23  23  HIS HIS A . n 
A 1 24  ILE 24  24  24  ILE ILE A . n 
A 1 25  VAL 25  25  25  VAL VAL A . n 
A 1 26  GLU 26  26  26  GLU GLU A . n 
A 1 27  THR 27  27  27  THR THR A . n 
A 1 28  GLY 28  28  28  GLY GLY A . n 
A 1 29  LEU 29  29  29  LEU LEU A . n 
A 1 30  GLY 30  30  30  GLY GLY A . n 
A 1 31  ALA 31  31  31  ALA ALA A . n 
A 1 32  TYR 32  32  32  TYR TYR A . n 
A 1 33  HIS 33  33  33  HIS HIS A . n 
A 1 34  ALA 34  34  34  ALA ALA A . n 
A 1 35  LEU 35  35  35  LEU LEU A . n 
A 1 36  PHE 36  36  36  PHE PHE A . n 
A 1 37  THR 37  37  37  THR THR A . n 
A 1 38  ALA 38  38  38  ALA ALA A . n 
A 1 39  HIS 39  39  39  HIS HIS A . n 
A 1 40  PRO 40  40  40  PRO PRO A . n 
A 1 41  GLN 41  41  41  GLN GLN A . n 
A 1 42  TYR 42  42  42  TYR TYR A . n 
A 1 43  ILE 43  43  43  ILE ILE A . n 
A 1 44  SER 44  44  44  SER SER A . n 
A 1 45  HIS 45  45  45  HIS HIS A . n 
A 1 46  PHE 46  46  46  PHE PHE A . n 
A 1 47  SER 47  47  47  SER SER A . n 
A 1 48  ARG 48  48  48  ARG ARG A . n 
A 1 49  LEU 49  49  49  LEU LEU A . n 
A 1 50  GLU 50  50  50  GLU GLU A . n 
A 1 51  GLY 51  51  51  GLY GLY A . n 
A 1 52  HIS 52  52  52  HIS HIS A . n 
A 1 53  THR 53  53  53  THR THR A . n 
A 1 54  ILE 54  54  54  ILE ILE A . n 
A 1 55  GLU 55  55  55  GLU GLU A . n 
A 1 56  ASN 56  56  56  ASN ASN A . n 
A 1 57  VAL 57  57  57  VAL VAL A . n 
A 1 58  MET 58  58  58  MET MET A . n 
A 1 59  GLN 59  59  59  GLN GLN A . n 
A 1 60  SER 60  60  60  SER SER A . n 
A 1 61  ASP 61  61  61  ASP ASP A . n 
A 1 62  GLY 62  62  62  GLY GLY A . n 
A 1 63  ILE 63  63  63  ILE ILE A . n 
A 1 64  LYS 64  64  64  LYS LYS A . n 
A 1 65  HIS 65  65  65  HIS HIS A . n 
A 1 66  TYR 66  66  66  TYR TYR A . n 
A 1 67  ALA 67  67  67  ALA ALA A . n 
A 1 68  ARG 68  68  68  ARG ARG A . n 
A 1 69  THR 69  69  69  THR THR A . n 
A 1 70  LEU 70  70  70  LEU LEU A . n 
A 1 71  THR 71  71  71  THR THR A . n 
A 1 72  GLU 72  72  72  GLU GLU A . n 
A 1 73  ALA 73  73  73  ALA ALA A . n 
A 1 74  ILE 74  74  74  ILE ILE A . n 
A 1 75  VAL 75  75  75  VAL VAL A . n 
A 1 76  HIS 76  76  76  HIS HIS A . n 
A 1 77  MET 77  77  77  MET MET A . n 
A 1 78  LEU 78  78  78  LEU LEU A . n 
A 1 79  LYS 79  79  79  LYS LYS A . n 
A 1 80  GLU 80  80  80  GLU GLU A . n 
A 1 81  ILE 81  81  81  ILE ILE A . n 
A 1 82  SER 82  82  82  SER SER A . n 
A 1 83  ASN 83  83  83  ASN ASN A . n 
A 1 84  ASP 84  84  84  ASP ASP A . n 
A 1 85  ALA 85  85  85  ALA ALA A . n 
A 1 86  GLU 86  86  86  GLU GLU A . n 
A 1 87  VAL 87  87  87  VAL VAL A . n 
A 1 88  LYS 88  88  88  LYS LYS A . n 
A 1 89  LYS 89  89  89  LYS LYS A . n 
A 1 90  ILE 90  90  90  ILE ILE A . n 
A 1 91  ALA 91  91  91  ALA ALA A . n 
A 1 92  ALA 92  92  92  ALA ALA A . n 
A 1 93  GLN 93  93  93  GLN GLN A . n 
A 1 94  TYR 94  94  94  TYR TYR A . n 
A 1 95  GLY 95  95  95  GLY GLY A . n 
A 1 96  LYS 96  96  96  LYS LYS A . n 
A 1 97  ASP 97  97  97  ASP ASP A . n 
A 1 98  HIS 98  98  98  HIS HIS A . n 
A 1 99  THR 99  99  99  THR THR A . n 
A 1 100 SER 100 100 100 SER SER A . n 
A 1 101 ARG 101 101 101 ARG ARG A . n 
A 1 102 LYS 102 102 102 LYS LYS A . n 
A 1 103 VAL 103 103 103 VAL VAL A . n 
A 1 104 THR 104 104 104 THR THR A . n 
A 1 105 LYS 105 105 105 LYS LYS A . n 
A 1 106 ASP 106 106 106 ASP ASP A . n 
A 1 107 GLU 107 107 107 GLU GLU A . n 
A 1 108 PHE 108 108 108 PHE PHE A . n 
A 1 109 MET 109 109 109 MET MET A . n 
A 1 110 SER 110 110 110 SER SER A . n 
A 1 111 GLY 111 111 111 GLY GLY A . n 
A 1 112 GLU 112 112 112 GLU GLU A . n 
A 1 113 PRO 113 113 113 PRO PRO A . n 
A 1 114 ILE 114 114 114 ILE ILE A . n 
A 1 115 PHE 115 115 115 PHE PHE A . n 
A 1 116 THR 116 116 116 THR THR A . n 
A 1 117 LYS 117 117 117 LYS LYS A . n 
A 1 118 TYR 118 118 118 TYR TYR A . n 
A 1 119 PHE 119 119 119 PHE PHE A . n 
A 1 120 GLN 120 120 120 GLN GLN A . n 
A 1 121 ASN 121 121 121 ASN ASN A . n 
A 1 122 LEU 122 122 122 LEU LEU A . n 
A 1 123 VAL 123 123 123 VAL VAL A . n 
A 1 124 ALA 124 124 124 ALA ALA A . n 
A 1 125 ASP 125 125 125 ASP ASP A . n 
A 1 126 ALA 126 126 126 ALA ALA A . n 
A 1 127 GLU 127 127 127 GLU GLU A . n 
A 1 128 GLY 128 128 128 GLY GLY A . n 
A 1 129 LYS 129 129 129 LYS LYS A . n 
A 1 130 ALA 130 130 130 ALA ALA A . n 
A 1 131 ALA 131 131 131 ALA ALA A . n 
A 1 132 VAL 132 132 132 VAL VAL A . n 
A 1 133 GLU 133 133 133 GLU GLU A . n 
A 1 134 LYS 134 134 134 LYS LYS A . n 
A 1 135 PHE 135 135 135 PHE PHE A . n 
A 1 136 LEU 136 136 136 LEU LEU A . n 
A 1 137 LYS 137 137 137 LYS LYS A . n 
A 1 138 HIS 138 138 138 HIS HIS A . n 
A 1 139 VAL 139 139 139 VAL VAL A . n 
A 1 140 PHE 140 140 140 PHE PHE A . n 
A 1 141 PRO 141 141 141 PRO PRO A . n 
A 1 142 MET 142 142 142 MET MET A . n 
A 1 143 MET 143 143 143 MET MET A . n 
A 1 144 ALA 144 144 144 ALA ALA A . n 
A 1 145 ALA 145 145 145 ALA ALA A . n 
A 1 146 GLU 146 146 146 GLU GLU A . n 
A 1 147 ILE 147 147 147 ILE ILE A . n 
# 
loop_
_pdbx_nonpoly_scheme.asym_id 
_pdbx_nonpoly_scheme.entity_id 
_pdbx_nonpoly_scheme.mon_id 
_pdbx_nonpoly_scheme.ndb_seq_num 
_pdbx_nonpoly_scheme.pdb_seq_num 
_pdbx_nonpoly_scheme.auth_seq_num 
_pdbx_nonpoly_scheme.pdb_mon_id 
_pdbx_nonpoly_scheme.auth_mon_id 
_pdbx_nonpoly_scheme.pdb_strand_id 
_pdbx_nonpoly_scheme.pdb_ins_code 
B 2 SO4 1   1001 1001 SO4 SO4 A . 
C 2 SO4 1   1002 1002 SO4 SO4 A . 
D 2 SO4 1   1003 1003 SO4 SO4 A . 
E 3 HEM 1   148  148  HEM HEM A . 
F 4 HOH 1   1004 1    HOH HOH A . 
F 4 HOH 2   1005 2    HOH HOH A . 
F 4 HOH 3   1006 3    HOH HOH A . 
F 4 HOH 4   1007 4    HOH HOH A . 
F 4 HOH 5   1008 5    HOH HOH A . 
F 4 HOH 6   1009 6    HOH HOH A . 
F 4 HOH 7   1010 7    HOH HOH A . 
F 4 HOH 8   1011 8    HOH HOH A . 
F 4 HOH 9   1012 9    HOH HOH A . 
F 4 HOH 10  1013 10   HOH HOH A . 
F 4 HOH 11  1014 11   HOH HOH A . 
F 4 HOH 12  1015 12   HOH HOH A . 
F 4 HOH 13  1016 13   HOH HOH A . 
F 4 HOH 14  1017 14   HOH HOH A . 
F 4 HOH 15  1018 15   HOH HOH A . 
F 4 HOH 16  1019 16   HOH HOH A . 
F 4 HOH 17  1020 17   HOH HOH A . 
F 4 HOH 18  1021 18   HOH HOH A . 
F 4 HOH 19  1022 19   HOH HOH A . 
F 4 HOH 20  1023 20   HOH HOH A . 
F 4 HOH 21  1024 21   HOH HOH A . 
F 4 HOH 22  1025 22   HOH HOH A . 
F 4 HOH 23  1026 23   HOH HOH A . 
F 4 HOH 24  1027 24   HOH HOH A . 
F 4 HOH 25  1028 25   HOH HOH A . 
F 4 HOH 26  1029 26   HOH HOH A . 
F 4 HOH 27  1030 27   HOH HOH A . 
F 4 HOH 28  1031 28   HOH HOH A . 
F 4 HOH 29  1032 29   HOH HOH A . 
F 4 HOH 30  1033 30   HOH HOH A . 
F 4 HOH 31  1034 31   HOH HOH A . 
F 4 HOH 32  1035 32   HOH HOH A . 
F 4 HOH 33  1036 33   HOH HOH A . 
F 4 HOH 34  1037 34   HOH HOH A . 
F 4 HOH 35  1038 35   HOH HOH A . 
F 4 HOH 36  1039 36   HOH HOH A . 
F 4 HOH 37  1040 37   HOH HOH A . 
F 4 HOH 38  1041 38   HOH HOH A . 
F 4 HOH 39  1042 39   HOH HOH A . 
F 4 HOH 40  1043 40   HOH HOH A . 
F 4 HOH 41  1044 41   HOH HOH A . 
F 4 HOH 42  1045 42   HOH HOH A . 
F 4 HOH 43  1046 43   HOH HOH A . 
F 4 HOH 44  1047 44   HOH HOH A . 
F 4 HOH 45  1048 45   HOH HOH A . 
F 4 HOH 46  1049 46   HOH HOH A . 
F 4 HOH 47  1050 47   HOH HOH A . 
F 4 HOH 48  1051 48   HOH HOH A . 
F 4 HOH 49  1052 49   HOH HOH A . 
F 4 HOH 50  1053 50   HOH HOH A . 
F 4 HOH 51  1054 51   HOH HOH A . 
F 4 HOH 52  1055 52   HOH HOH A . 
F 4 HOH 53  1056 53   HOH HOH A . 
F 4 HOH 54  1057 54   HOH HOH A . 
F 4 HOH 55  1058 55   HOH HOH A . 
F 4 HOH 56  1059 56   HOH HOH A . 
F 4 HOH 57  1060 57   HOH HOH A . 
F 4 HOH 58  1061 58   HOH HOH A . 
F 4 HOH 59  1062 59   HOH HOH A . 
F 4 HOH 60  1063 60   HOH HOH A . 
F 4 HOH 61  1064 61   HOH HOH A . 
F 4 HOH 62  1065 62   HOH HOH A . 
F 4 HOH 63  1066 63   HOH HOH A . 
F 4 HOH 64  1067 64   HOH HOH A . 
F 4 HOH 65  1068 65   HOH HOH A . 
F 4 HOH 66  1069 66   HOH HOH A . 
F 4 HOH 67  1070 67   HOH HOH A . 
F 4 HOH 68  1071 68   HOH HOH A . 
F 4 HOH 69  1072 69   HOH HOH A . 
F 4 HOH 70  1073 70   HOH HOH A . 
F 4 HOH 71  1074 71   HOH HOH A . 
F 4 HOH 72  1075 72   HOH HOH A . 
F 4 HOH 73  1076 73   HOH HOH A . 
F 4 HOH 74  1077 74   HOH HOH A . 
F 4 HOH 75  1078 75   HOH HOH A . 
F 4 HOH 76  1079 76   HOH HOH A . 
F 4 HOH 77  1080 77   HOH HOH A . 
F 4 HOH 78  1081 78   HOH HOH A . 
F 4 HOH 79  1082 79   HOH HOH A . 
F 4 HOH 80  1083 80   HOH HOH A . 
F 4 HOH 81  1084 81   HOH HOH A . 
F 4 HOH 82  1085 82   HOH HOH A . 
F 4 HOH 83  1086 83   HOH HOH A . 
F 4 HOH 84  1087 84   HOH HOH A . 
F 4 HOH 85  1088 85   HOH HOH A . 
F 4 HOH 86  1089 86   HOH HOH A . 
F 4 HOH 87  1090 87   HOH HOH A . 
F 4 HOH 88  1091 88   HOH HOH A . 
F 4 HOH 89  1092 89   HOH HOH A . 
F 4 HOH 90  1093 90   HOH HOH A . 
F 4 HOH 91  1094 91   HOH HOH A . 
F 4 HOH 92  1095 92   HOH HOH A . 
F 4 HOH 93  1096 93   HOH HOH A . 
F 4 HOH 94  1097 94   HOH HOH A . 
F 4 HOH 95  1098 95   HOH HOH A . 
F 4 HOH 96  1099 96   HOH HOH A . 
F 4 HOH 97  1100 97   HOH HOH A . 
F 4 HOH 98  1101 98   HOH HOH A . 
F 4 HOH 99  1102 99   HOH HOH A . 
F 4 HOH 100 1103 100  HOH HOH A . 
F 4 HOH 101 1104 101  HOH HOH A . 
F 4 HOH 102 1105 102  HOH HOH A . 
F 4 HOH 103 1106 103  HOH HOH A . 
F 4 HOH 104 1107 104  HOH HOH A . 
F 4 HOH 105 1108 105  HOH HOH A . 
F 4 HOH 106 1109 106  HOH HOH A . 
F 4 HOH 107 1110 107  HOH HOH A . 
F 4 HOH 108 1111 108  HOH HOH A . 
F 4 HOH 109 1112 109  HOH HOH A . 
F 4 HOH 110 1113 110  HOH HOH A . 
F 4 HOH 111 1114 111  HOH HOH A . 
F 4 HOH 112 1115 112  HOH HOH A . 
F 4 HOH 113 1116 113  HOH HOH A . 
F 4 HOH 114 1117 114  HOH HOH A . 
F 4 HOH 115 1118 115  HOH HOH A . 
F 4 HOH 116 1119 116  HOH HOH A . 
F 4 HOH 117 1120 117  HOH HOH A . 
F 4 HOH 118 1121 118  HOH HOH A . 
F 4 HOH 119 1122 119  HOH HOH A . 
F 4 HOH 120 1123 120  HOH HOH A . 
F 4 HOH 121 1124 121  HOH HOH A . 
F 4 HOH 122 1125 122  HOH HOH A . 
F 4 HOH 123 1126 123  HOH HOH A . 
F 4 HOH 124 1127 124  HOH HOH A . 
F 4 HOH 125 1128 125  HOH HOH A . 
F 4 HOH 126 1129 126  HOH HOH A . 
F 4 HOH 127 1130 127  HOH HOH A . 
F 4 HOH 128 1131 128  HOH HOH A . 
F 4 HOH 129 1132 129  HOH HOH A . 
F 4 HOH 130 1133 130  HOH HOH A . 
F 4 HOH 131 1134 131  HOH HOH A . 
F 4 HOH 132 1135 132  HOH HOH A . 
F 4 HOH 133 1136 133  HOH HOH A . 
F 4 HOH 134 1137 134  HOH HOH A . 
F 4 HOH 135 1138 135  HOH HOH A . 
F 4 HOH 136 1139 136  HOH HOH A . 
F 4 HOH 137 1140 137  HOH HOH A . 
F 4 HOH 138 1141 138  HOH HOH A . 
F 4 HOH 139 1142 139  HOH HOH A . 
F 4 HOH 140 1143 140  HOH HOH A . 
F 4 HOH 141 1144 141  HOH HOH A . 
F 4 HOH 142 1145 142  HOH HOH A . 
F 4 HOH 143 1146 143  HOH HOH A . 
F 4 HOH 144 1147 144  HOH HOH A . 
F 4 HOH 145 1148 145  HOH HOH A . 
F 4 HOH 146 1149 146  HOH HOH A . 
F 4 HOH 147 1150 147  HOH HOH A . 
F 4 HOH 148 1151 148  HOH HOH A . 
F 4 HOH 149 1152 149  HOH HOH A . 
F 4 HOH 150 1153 150  HOH HOH A . 
F 4 HOH 151 1154 151  HOH HOH A . 
F 4 HOH 152 1155 152  HOH HOH A . 
F 4 HOH 153 1156 153  HOH HOH A . 
F 4 HOH 154 1157 154  HOH HOH A . 
F 4 HOH 155 1158 155  HOH HOH A . 
F 4 HOH 156 1159 156  HOH HOH A . 
F 4 HOH 157 1160 157  HOH HOH A . 
F 4 HOH 158 1161 158  HOH HOH A . 
F 4 HOH 159 1162 159  HOH HOH A . 
F 4 HOH 160 1163 160  HOH HOH A . 
F 4 HOH 161 1164 161  HOH HOH A . 
F 4 HOH 162 1165 162  HOH HOH A . 
F 4 HOH 163 1166 163  HOH HOH A . 
F 4 HOH 164 1167 164  HOH HOH A . 
F 4 HOH 165 1168 165  HOH HOH A . 
F 4 HOH 166 1169 166  HOH HOH A . 
F 4 HOH 167 1170 167  HOH HOH A . 
F 4 HOH 168 1171 168  HOH HOH A . 
F 4 HOH 169 1172 169  HOH HOH A . 
F 4 HOH 170 1173 170  HOH HOH A . 
F 4 HOH 171 1174 171  HOH HOH A . 
F 4 HOH 172 1175 172  HOH HOH A . 
F 4 HOH 173 1176 173  HOH HOH A . 
F 4 HOH 174 1177 174  HOH HOH A . 
F 4 HOH 175 1178 175  HOH HOH A . 
F 4 HOH 176 1179 176  HOH HOH A . 
F 4 HOH 177 1180 177  HOH HOH A . 
F 4 HOH 178 1181 178  HOH HOH A . 
F 4 HOH 179 1182 179  HOH HOH A . 
F 4 HOH 180 1183 180  HOH HOH A . 
# 
loop_
_pdbx_unobs_or_zero_occ_atoms.id 
_pdbx_unobs_or_zero_occ_atoms.PDB_model_num 
_pdbx_unobs_or_zero_occ_atoms.polymer_flag 
_pdbx_unobs_or_zero_occ_atoms.occupancy_flag 
_pdbx_unobs_or_zero_occ_atoms.auth_asym_id 
_pdbx_unobs_or_zero_occ_atoms.auth_comp_id 
_pdbx_unobs_or_zero_occ_atoms.auth_seq_id 
_pdbx_unobs_or_zero_occ_atoms.PDB_ins_code 
_pdbx_unobs_or_zero_occ_atoms.auth_atom_id 
_pdbx_unobs_or_zero_occ_atoms.label_alt_id 
_pdbx_unobs_or_zero_occ_atoms.label_asym_id 
_pdbx_unobs_or_zero_occ_atoms.label_comp_id 
_pdbx_unobs_or_zero_occ_atoms.label_seq_id 
_pdbx_unobs_or_zero_occ_atoms.label_atom_id 
1  1 Y 0 A THR 1   ? N   ? A THR 1   N   
2  1 Y 0 A LYS 4   ? CE  ? A LYS 4   CE  
3  1 Y 0 A LYS 4   ? NZ  ? A LYS 4   NZ  
4  1 Y 0 A LYS 12  ? CD  ? A LYS 12  CD  
5  1 Y 0 A LYS 12  ? CE  ? A LYS 12  CE  
6  1 Y 0 A GLN 59  ? NE2 ? A GLN 59  NE2 
7  1 Y 0 A LYS 64  ? CD  ? A LYS 64  CD  
8  1 Y 0 A LYS 64  ? CE  ? A LYS 64  CE  
9  1 Y 0 A LYS 64  ? NZ  ? A LYS 64  NZ  
10 1 Y 0 A ASN 83  ? OD1 ? A ASN 83  OD1 
11 1 Y 0 A LYS 96  ? CD  ? A LYS 96  CD  
12 1 Y 0 A LYS 96  ? CE  ? A LYS 96  CE  
13 1 Y 0 A LYS 96  ? NZ  ? A LYS 96  NZ  
14 1 Y 0 A THR 99  ? CG2 ? A THR 99  CG2 
15 1 Y 0 A ARG 101 ? CZ  ? A ARG 101 CZ  
16 1 Y 0 A ARG 101 ? NH1 ? A ARG 101 NH1 
17 1 Y 0 A ARG 101 ? NH2 ? A ARG 101 NH2 
18 1 Y 0 A LYS 105 ? CD  ? A LYS 105 CD  
19 1 Y 0 A LYS 105 ? CE  ? A LYS 105 CE  
20 1 Y 0 A LYS 105 ? NZ  ? A LYS 105 NZ  
21 1 Y 0 A LYS 117 ? CE  ? A LYS 117 CE  
22 1 Y 0 A LYS 117 ? NZ  ? A LYS 117 NZ  
23 1 Y 0 A LYS 134 ? CG  ? A LYS 134 CG  
24 1 Y 0 A LYS 134 ? CD  ? A LYS 134 CD  
25 1 Y 0 A LYS 134 ? CE  ? A LYS 134 CE  
26 1 Y 0 A LYS 134 ? NZ  ? A LYS 134 NZ  
27 1 Y 0 A LYS 137 ? CG  ? A LYS 137 CG  
28 1 Y 0 A LYS 137 ? CD  ? A LYS 137 CD  
29 1 Y 0 A LYS 137 ? CE  ? A LYS 137 CE  
30 1 Y 0 A LYS 137 ? NZ  ? A LYS 137 NZ  
31 1 Y 0 A ILE 147 ? OXT ? A ILE 147 OXT 
32 1 N 0 A HEM 148 ? CGA ? E HEM ?   CGA 
33 1 N 0 A HEM 148 ? O1A ? E HEM ?   O1A 
34 1 N 0 A HEM 148 ? O2A ? E HEM ?   O2A 
35 1 N 0 A HEM 148 ? CGD ? E HEM ?   CGD 
36 1 N 0 A HEM 148 ? O1D ? E HEM ?   O1D 
37 1 N 0 A HEM 148 ? O2D ? E HEM ?   O2D 
# 
loop_
_software.name 
_software.classification 
_software.version 
_software.citation_id 
_software.pdbx_ordinal 
EPMR      phasing          .   ? 1 
REFMAC    refinement       5.0 ? 2 
DENZO     'data reduction' .   ? 3 
SCALEPACK 'data scaling'   .   ? 4 
# 
_cell.entry_id           1KFR 
_cell.length_a           41.117 
_cell.length_b           31.450 
_cell.length_c           54.952 
_cell.angle_alpha        90.00 
_cell.angle_beta         95.50 
_cell.angle_gamma        90.00 
_cell.Z_PDB              2 
_cell.pdbx_unique_axis   ? 
# 
_symmetry.entry_id                         1KFR 
_symmetry.space_group_name_H-M             'P 1 21 1' 
_symmetry.pdbx_full_space_group_name_H-M   ? 
_symmetry.cell_setting                     ? 
_symmetry.Int_Tables_number                4 
# 
_exptl.entry_id          1KFR 
_exptl.method            'X-RAY DIFFRACTION' 
_exptl.crystals_number   1 
# 
_exptl_crystal.id                    1 
_exptl_crystal.density_meas          ? 
_exptl_crystal.density_Matthews      2.13 
_exptl_crystal.density_percent_sol   42.36 
_exptl_crystal.description           ? 
# 
_exptl_crystal_grow.crystal_id      1 
_exptl_crystal_grow.method          'VAPOR DIFFUSION, HANGING DROP' 
_exptl_crystal_grow.temp            277.0 
_exptl_crystal_grow.temp_details    ? 
_exptl_crystal_grow.pH              5.5 
_exptl_crystal_grow.pdbx_details    'ammonium sulfate, pH 5.5, VAPOR DIFFUSION, HANGING DROP, temperature 277.0K' 
_exptl_crystal_grow.pdbx_pH_range   . 
# 
_diffrn.id                     1 
_diffrn.ambient_temp           100 
_diffrn.ambient_temp_details   ? 
_diffrn.crystal_id             1 
# 
_diffrn_detector.diffrn_id              1 
_diffrn_detector.detector               'IMAGE PLATE' 
_diffrn_detector.type                   MARRESEARCH 
_diffrn_detector.pdbx_collection_date   1997-06-28 
_diffrn_detector.details                ? 
# 
_diffrn_radiation.diffrn_id                        1 
_diffrn_radiation.wavelength_id                    1 
_diffrn_radiation.pdbx_monochromatic_or_laue_m_l   M 
_diffrn_radiation.monochromator                    'Double crystal mono chromator' 
_diffrn_radiation.pdbx_diffrn_protocol             'SINGLE WAVELENGTH' 
_diffrn_radiation.pdbx_scattering_type             x-ray 
# 
_diffrn_radiation_wavelength.id           1 
_diffrn_radiation_wavelength.wavelength   1.000 
_diffrn_radiation_wavelength.wt           1.0 
# 
_diffrn_source.diffrn_id                   1 
_diffrn_source.source                      SYNCHROTRON 
_diffrn_source.type                        'EMBL/DESY, HAMBURG BEAMLINE X31' 
_diffrn_source.pdbx_synchrotron_site       'EMBL/DESY, HAMBURG' 
_diffrn_source.pdbx_synchrotron_beamline   X31 
_diffrn_source.pdbx_wavelength             ? 
_diffrn_source.pdbx_wavelength_list        1.000 
# 
_reflns.entry_id                     1KFR 
_reflns.observed_criterion_sigma_I   0 
_reflns.observed_criterion_sigma_F   0 
_reflns.d_resolution_low             20.0 
_reflns.d_resolution_high            1.85 
_reflns.number_obs                   12210 
_reflns.number_all                   12210 
_reflns.percent_possible_obs         95.9 
_reflns.pdbx_Rmerge_I_obs            ? 
_reflns.pdbx_Rsym_value              ? 
_reflns.pdbx_netI_over_sigmaI        ? 
_reflns.B_iso_Wilson_estimate        ? 
_reflns.pdbx_redundancy              ? 
_reflns.R_free_details               ? 
_reflns.limit_h_max                  ? 
_reflns.limit_h_min                  ? 
_reflns.limit_k_max                  ? 
_reflns.limit_k_min                  ? 
_reflns.limit_l_max                  ? 
_reflns.limit_l_min                  ? 
_reflns.observed_criterion_F_max     ? 
_reflns.observed_criterion_F_min     ? 
_reflns.pdbx_diffrn_id               1 
_reflns.pdbx_ordinal                 1 
# 
_reflns_shell.d_res_high             1.85 
_reflns_shell.d_res_low              1.88 
_reflns_shell.percent_possible_all   94.3 
_reflns_shell.Rmerge_I_obs           ? 
_reflns_shell.pdbx_Rsym_value        ? 
_reflns_shell.meanI_over_sigI_obs    ? 
_reflns_shell.pdbx_redundancy        ? 
_reflns_shell.percent_possible_obs   ? 
_reflns_shell.number_unique_all      ? 
_reflns_shell.pdbx_diffrn_id         ? 
_reflns_shell.pdbx_ordinal           1 
# 
_refine.entry_id                                 1KFR 
_refine.ls_number_reflns_obs                     10861 
_refine.ls_number_reflns_all                     10861 
_refine.pdbx_ls_sigma_I                          ? 
_refine.pdbx_ls_sigma_F                          0 
_refine.pdbx_data_cutoff_high_absF               ? 
_refine.pdbx_data_cutoff_low_absF                ? 
_refine.ls_d_res_low                             19.00 
_refine.ls_d_res_high                            1.85 
_refine.ls_percent_reflns_obs                    93.70 
_refine.ls_R_factor_obs                          0.1642000 
_refine.ls_R_factor_all                          0.1642000 
_refine.ls_R_factor_R_work                       0.1613300 
_refine.ls_R_factor_R_free                       0.2200200 
_refine.ls_R_factor_R_free_error                 ? 
_refine.ls_R_factor_R_free_error_details         ? 
_refine.ls_percent_reflns_R_free                 4.9 
_refine.ls_number_reflns_R_free                  558 
_refine.ls_number_parameters                     ? 
_refine.ls_number_restraints                     ? 
_refine.occupancy_min                            ? 
_refine.occupancy_max                            ? 
_refine.B_iso_mean                               14.500 
_refine.aniso_B[1][1]                            -1.03 
_refine.aniso_B[2][2]                            0.00 
_refine.aniso_B[3][3]                            0.92 
_refine.aniso_B[1][2]                            0.00 
_refine.aniso_B[1][3]                            -0.59 
_refine.aniso_B[2][3]                            0.00 
_refine.solvent_model_details                    ? 
_refine.solvent_model_param_ksol                 ? 
_refine.solvent_model_param_bsol                 ? 
_refine.pdbx_ls_cross_valid_method               THROUGHOUT 
_refine.details                                  ? 
_refine.pdbx_starting_model                      ? 
_refine.pdbx_method_to_determine_struct          'MOLECULAR REPLACEMENT' 
_refine.pdbx_isotropic_thermal_model             ? 
_refine.pdbx_stereochemistry_target_values       'Engh & Huber' 
_refine.pdbx_stereochem_target_val_spec_case     ? 
_refine.pdbx_R_Free_selection_details            RANDOM 
_refine.pdbx_overall_ESU_R_Free                  ? 
_refine.overall_SU_B                             ? 
_refine.ls_redundancy_reflns_obs                 ? 
_refine.B_iso_min                                ? 
_refine.B_iso_max                                ? 
_refine.correlation_coeff_Fo_to_Fc               ? 
_refine.overall_SU_R_Cruickshank_DPI             ? 
_refine.overall_SU_R_free                        ? 
_refine.overall_SU_ML                            ? 
_refine.pdbx_overall_ESU_R                       ? 
_refine.pdbx_data_cutoff_high_rms_absF           ? 
_refine.correlation_coeff_Fo_to_Fc_free          ? 
_refine.pdbx_solvent_vdw_probe_radii             1.40 
_refine.pdbx_solvent_ion_probe_radii             0.80 
_refine.pdbx_solvent_shrinkage_radii             0.80 
_refine.pdbx_refine_id                           'X-RAY DIFFRACTION' 
_refine.pdbx_diffrn_id                           1 
_refine.pdbx_TLS_residual_ADP_flag               ? 
_refine.pdbx_overall_phase_error                 ? 
_refine.pdbx_overall_SU_R_free_Cruickshank_DPI   ? 
_refine.pdbx_overall_SU_R_Blow_DPI               ? 
_refine.pdbx_overall_SU_R_free_Blow_DPI          ? 
# 
_refine_hist.pdbx_refine_id                   'X-RAY DIFFRACTION' 
_refine_hist.cycle_id                         LAST 
_refine_hist.pdbx_number_atoms_protein        1166 
_refine_hist.pdbx_number_atoms_nucleic_acid   0 
_refine_hist.pdbx_number_atoms_ligand         58 
_refine_hist.number_atoms_solvent             180 
_refine_hist.number_atoms_total               1404 
_refine_hist.d_res_high                       1.85 
_refine_hist.d_res_low                        19.00 
# 
loop_
_refine_ls_restr.type 
_refine_ls_restr.dev_ideal 
_refine_ls_restr.dev_ideal_target 
_refine_ls_restr.weight 
_refine_ls_restr.number 
_refine_ls_restr.pdbx_refine_id 
_refine_ls_restr.pdbx_restraint_function 
r_bond_refined_d         0.010  0.021  ? 1217 'X-RAY DIFFRACTION' ? 
r_bond_other_d           ?      ?      ? ?    'X-RAY DIFFRACTION' ? 
r_angle_refined_deg      1.116  2.046  ? 1665 'X-RAY DIFFRACTION' ? 
r_angle_other_deg        ?      ?      ? ?    'X-RAY DIFFRACTION' ? 
r_dihedral_angle_1_deg   3.633  3.000  ? 146  'X-RAY DIFFRACTION' ? 
r_dihedral_angle_3_deg   14.374 15.000 ? 196  'X-RAY DIFFRACTION' ? 
r_chiral_restr           0.088  0.200  ? 178  'X-RAY DIFFRACTION' ? 
r_gen_planes_refined     0.010  0.020  ? 909  'X-RAY DIFFRACTION' ? 
r_gen_planes_other       ?      ?      ? ?    'X-RAY DIFFRACTION' ? 
r_nbd_refined            0.234  0.300  ? 654  'X-RAY DIFFRACTION' ? 
r_nbd_other              ?      ?      ? ?    'X-RAY DIFFRACTION' ? 
r_nbtor_other            ?      ?      ? ?    'X-RAY DIFFRACTION' ? 
r_xyhbond_nbd_refined    0.195  0.500  ? 126  'X-RAY DIFFRACTION' ? 
r_xyhbond_nbd_other      ?      ?      ? ?    'X-RAY DIFFRACTION' ? 
r_symmetry_vdw_refined   0.162  0.300  ? 47   'X-RAY DIFFRACTION' ? 
r_symmetry_vdw_other     ?      ?      ? ?    'X-RAY DIFFRACTION' ? 
r_symmetry_hbond_refined 0.270  0.500  ? 27   'X-RAY DIFFRACTION' ? 
r_symmetry_hbond_other   ?      ?      ? ?    'X-RAY DIFFRACTION' ? 
r_mcbond_it              5.266  1.000  ? 730  'X-RAY DIFFRACTION' ? 
r_mcangle_it             6.270  2.000  ? 1174 'X-RAY DIFFRACTION' ? 
r_scbond_it              11.844 3.000  ? 487  'X-RAY DIFFRACTION' ? 
r_scangle_it             11.207 3.000  ? 491  'X-RAY DIFFRACTION' ? 
r_rigid_bond_restr       ?      ?      ? ?    'X-RAY DIFFRACTION' ? 
r_sphericity_free        ?      ?      ? ?    'X-RAY DIFFRACTION' ? 
r_sphericity_bonded      ?      ?      ? ?    'X-RAY DIFFRACTION' ? 
# 
_refine_ls_shell.pdbx_total_number_of_bins_used   20 
_refine_ls_shell.d_res_high                       1.850 
_refine_ls_shell.d_res_low                        1.898 
_refine_ls_shell.number_reflns_R_work             745 
_refine_ls_shell.R_factor_R_work                  0.2190000 
_refine_ls_shell.percent_reflns_obs               ? 
_refine_ls_shell.R_factor_R_free                  0.2410000 
_refine_ls_shell.R_factor_R_free_error            ? 
_refine_ls_shell.percent_reflns_R_free            ? 
_refine_ls_shell.number_reflns_R_free             34 
_refine_ls_shell.redundancy_reflns_obs            ? 
_refine_ls_shell.number_reflns_all                ? 
_refine_ls_shell.number_reflns_obs                ? 
_refine_ls_shell.pdbx_refine_id                   'X-RAY DIFFRACTION' 
_refine_ls_shell.R_factor_all                     ? 
# 
_struct.entry_id                  1KFR 
_struct.title                     'Structural plasticity in the eight-helix fold of a trematode hemoglobin' 
_struct.pdbx_model_details        ? 
_struct.pdbx_CASP_flag            ? 
_struct.pdbx_model_type_details   ? 
# 
_struct_keywords.entry_id        1KFR 
_struct_keywords.pdbx_keywords   'OXYGEN STORAGE/TRANSPORT' 
_struct_keywords.text            'hemoglobin, OXYGEN STORAGE-TRANSPORT COMPLEX' 
# 
loop_
_struct_asym.id 
_struct_asym.pdbx_blank_PDB_chainid_flag 
_struct_asym.pdbx_modified 
_struct_asym.entity_id 
_struct_asym.details 
A N N 1 ? 
B N N 2 ? 
C N N 2 ? 
D N N 2 ? 
E N N 3 ? 
F N N 4 ? 
# 
_struct_ref.id                         1 
_struct_ref.db_name                    UNP 
_struct_ref.db_code                    GLB_PAREP 
_struct_ref.entity_id                  1 
_struct_ref.pdbx_seq_one_letter_code   
;TLTKHEQDILLKELGPHVDTPAHIVETGLGAYHALFTAHPQYISHFSRLEGHTIENVMQSDGIKHYARTLTEAIVHMLKE
ISNDAEVKKIAAQYGKDHTSRKVTKDEFMSGEPIFTKYFQNLVKDAEGKAAVEKFLKHVFPMMAAEI
;
_struct_ref.pdbx_align_begin           2 
_struct_ref.pdbx_db_accession          P80721 
_struct_ref.pdbx_db_isoform            ? 
# 
_struct_ref_seq.align_id                      1 
_struct_ref_seq.ref_id                        1 
_struct_ref_seq.pdbx_PDB_id_code              1KFR 
_struct_ref_seq.pdbx_strand_id                A 
_struct_ref_seq.seq_align_beg                 1 
_struct_ref_seq.pdbx_seq_align_beg_ins_code   ? 
_struct_ref_seq.seq_align_end                 147 
_struct_ref_seq.pdbx_seq_align_end_ins_code   ? 
_struct_ref_seq.pdbx_db_accession             P80721 
_struct_ref_seq.db_align_beg                  2 
_struct_ref_seq.pdbx_db_align_beg_ins_code    ? 
_struct_ref_seq.db_align_end                  148 
_struct_ref_seq.pdbx_db_align_end_ins_code    ? 
_struct_ref_seq.pdbx_auth_seq_align_beg       1 
_struct_ref_seq.pdbx_auth_seq_align_end       147 
# 
_struct_ref_seq_dif.align_id                     1 
_struct_ref_seq_dif.pdbx_pdb_id_code             1KFR 
_struct_ref_seq_dif.mon_id                       ALA 
_struct_ref_seq_dif.pdbx_pdb_strand_id           A 
_struct_ref_seq_dif.seq_num                      124 
_struct_ref_seq_dif.pdbx_pdb_ins_code            ? 
_struct_ref_seq_dif.pdbx_seq_db_name             UNP 
_struct_ref_seq_dif.pdbx_seq_db_accession_code   P80721 
_struct_ref_seq_dif.db_mon_id                    LYS 
_struct_ref_seq_dif.pdbx_seq_db_seq_num          125 
_struct_ref_seq_dif.details                      conflict 
_struct_ref_seq_dif.pdbx_auth_seq_num            124 
_struct_ref_seq_dif.pdbx_ordinal                 1 
# 
_pdbx_struct_assembly.id                   1 
_pdbx_struct_assembly.details              author_defined_assembly 
_pdbx_struct_assembly.method_details       ? 
_pdbx_struct_assembly.oligomeric_details   monomeric 
_pdbx_struct_assembly.oligomeric_count     1 
# 
_pdbx_struct_assembly_gen.assembly_id       1 
_pdbx_struct_assembly_gen.oper_expression   1 
_pdbx_struct_assembly_gen.asym_id_list      A,B,C,D,E,F 
# 
_pdbx_struct_oper_list.id                   1 
_pdbx_struct_oper_list.type                 'identity operation' 
_pdbx_struct_oper_list.name                 1_555 
_pdbx_struct_oper_list.symmetry_operation   x,y,z 
_pdbx_struct_oper_list.matrix[1][1]         1.0000000000 
_pdbx_struct_oper_list.matrix[1][2]         0.0000000000 
_pdbx_struct_oper_list.matrix[1][3]         0.0000000000 
_pdbx_struct_oper_list.vector[1]            0.0000000000 
_pdbx_struct_oper_list.matrix[2][1]         0.0000000000 
_pdbx_struct_oper_list.matrix[2][2]         1.0000000000 
_pdbx_struct_oper_list.matrix[2][3]         0.0000000000 
_pdbx_struct_oper_list.vector[2]            0.0000000000 
_pdbx_struct_oper_list.matrix[3][1]         0.0000000000 
_pdbx_struct_oper_list.matrix[3][2]         0.0000000000 
_pdbx_struct_oper_list.matrix[3][3]         1.0000000000 
_pdbx_struct_oper_list.vector[3]            0.0000000000 
# 
_struct_biol.id                    1 
_struct_biol.pdbx_parent_biol_id   ? 
_struct_biol.details               ? 
# 
loop_
_struct_conf.conf_type_id 
_struct_conf.id 
_struct_conf.pdbx_PDB_helix_id 
_struct_conf.beg_label_comp_id 
_struct_conf.beg_label_asym_id 
_struct_conf.beg_label_seq_id 
_struct_conf.pdbx_beg_PDB_ins_code 
_struct_conf.end_label_comp_id 
_struct_conf.end_label_asym_id 
_struct_conf.end_label_seq_id 
_struct_conf.pdbx_end_PDB_ins_code 
_struct_conf.beg_auth_comp_id 
_struct_conf.beg_auth_asym_id 
_struct_conf.beg_auth_seq_id 
_struct_conf.end_auth_comp_id 
_struct_conf.end_auth_asym_id 
_struct_conf.end_auth_seq_id 
_struct_conf.pdbx_PDB_helix_class 
_struct_conf.details 
_struct_conf.pdbx_PDB_helix_length 
HELX_P HELX_P1  1  THR A 3   ? GLY A 15  ? THR A 3   GLY A 15  1 ? 13 
HELX_P HELX_P2  2  PRO A 16  ? VAL A 18  ? PRO A 16  VAL A 18  5 ? 3  
HELX_P HELX_P3  3  THR A 20  ? HIS A 39  ? THR A 20  HIS A 39  1 ? 20 
HELX_P HELX_P4  4  PRO A 40  ? GLU A 50  ? PRO A 40  GLU A 50  5 ? 11 
HELX_P HELX_P5  5  ASN A 56  ? SER A 60  ? ASN A 56  SER A 60  5 ? 5  
HELX_P HELX_P6  6  ASP A 61  ? GLU A 80  ? ASP A 61  GLU A 80  1 ? 20 
HELX_P HELX_P7  7  ASN A 83  ? ASP A 97  ? ASN A 83  ASP A 97  1 ? 15 
HELX_P HELX_P8  8  THR A 104 ? SER A 110 ? THR A 104 SER A 110 1 ? 7  
HELX_P HELX_P9  9  GLY A 111 ? VAL A 123 ? GLY A 111 VAL A 123 1 ? 13 
HELX_P HELX_P10 10 ASP A 125 ? ALA A 145 ? ASP A 125 ALA A 145 1 ? 21 
# 
_struct_conf_type.id          HELX_P 
_struct_conf_type.criteria    ? 
_struct_conf_type.reference   ? 
# 
_struct_conn.id                            metalc1 
_struct_conn.conn_type_id                  metalc 
_struct_conn.pdbx_leaving_atom_flag        ? 
_struct_conn.pdbx_PDB_id                   ? 
_struct_conn.ptnr1_label_asym_id           A 
_struct_conn.ptnr1_label_comp_id           HIS 
_struct_conn.ptnr1_label_seq_id            98 
_struct_conn.ptnr1_label_atom_id           NE2 
_struct_conn.pdbx_ptnr1_label_alt_id       ? 
_struct_conn.pdbx_ptnr1_PDB_ins_code       ? 
_struct_conn.pdbx_ptnr1_standard_comp_id   ? 
_struct_conn.ptnr1_symmetry                1_555 
_struct_conn.ptnr2_label_asym_id           E 
_struct_conn.ptnr2_label_comp_id           HEM 
_struct_conn.ptnr2_label_seq_id            . 
_struct_conn.ptnr2_label_atom_id           FE 
_struct_conn.pdbx_ptnr2_label_alt_id       ? 
_struct_conn.pdbx_ptnr2_PDB_ins_code       ? 
_struct_conn.ptnr1_auth_asym_id            A 
_struct_conn.ptnr1_auth_comp_id            HIS 
_struct_conn.ptnr1_auth_seq_id             98 
_struct_conn.ptnr2_auth_asym_id            A 
_struct_conn.ptnr2_auth_comp_id            HEM 
_struct_conn.ptnr2_auth_seq_id             148 
_struct_conn.ptnr2_symmetry                1_555 
_struct_conn.pdbx_ptnr3_label_atom_id      ? 
_struct_conn.pdbx_ptnr3_label_seq_id       ? 
_struct_conn.pdbx_ptnr3_label_comp_id      ? 
_struct_conn.pdbx_ptnr3_label_asym_id      ? 
_struct_conn.pdbx_ptnr3_label_alt_id       ? 
_struct_conn.pdbx_ptnr3_PDB_ins_code       ? 
_struct_conn.details                       ? 
_struct_conn.pdbx_dist_value               2.125 
_struct_conn.pdbx_value_order              ? 
_struct_conn.pdbx_role                     ? 
# 
_struct_conn_type.id          metalc 
_struct_conn_type.criteria    ? 
_struct_conn_type.reference   ? 
# 
loop_
_pdbx_struct_conn_angle.id 
_pdbx_struct_conn_angle.ptnr1_label_atom_id 
_pdbx_struct_conn_angle.ptnr1_label_alt_id 
_pdbx_struct_conn_angle.ptnr1_label_asym_id 
_pdbx_struct_conn_angle.ptnr1_label_comp_id 
_pdbx_struct_conn_angle.ptnr1_label_seq_id 
_pdbx_struct_conn_angle.ptnr1_auth_atom_id 
_pdbx_struct_conn_angle.ptnr1_auth_asym_id 
_pdbx_struct_conn_angle.ptnr1_auth_comp_id 
_pdbx_struct_conn_angle.ptnr1_auth_seq_id 
_pdbx_struct_conn_angle.ptnr1_PDB_ins_code 
_pdbx_struct_conn_angle.ptnr1_symmetry 
_pdbx_struct_conn_angle.ptnr2_label_atom_id 
_pdbx_struct_conn_angle.ptnr2_label_alt_id 
_pdbx_struct_conn_angle.ptnr2_label_asym_id 
_pdbx_struct_conn_angle.ptnr2_label_comp_id 
_pdbx_struct_conn_angle.ptnr2_label_seq_id 
_pdbx_struct_conn_angle.ptnr2_auth_atom_id 
_pdbx_struct_conn_angle.ptnr2_auth_asym_id 
_pdbx_struct_conn_angle.ptnr2_auth_comp_id 
_pdbx_struct_conn_angle.ptnr2_auth_seq_id 
_pdbx_struct_conn_angle.ptnr2_PDB_ins_code 
_pdbx_struct_conn_angle.ptnr2_symmetry 
_pdbx_struct_conn_angle.ptnr3_label_atom_id 
_pdbx_struct_conn_angle.ptnr3_label_alt_id 
_pdbx_struct_conn_angle.ptnr3_label_asym_id 
_pdbx_struct_conn_angle.ptnr3_label_comp_id 
_pdbx_struct_conn_angle.ptnr3_label_seq_id 
_pdbx_struct_conn_angle.ptnr3_auth_atom_id 
_pdbx_struct_conn_angle.ptnr3_auth_asym_id 
_pdbx_struct_conn_angle.ptnr3_auth_comp_id 
_pdbx_struct_conn_angle.ptnr3_auth_seq_id 
_pdbx_struct_conn_angle.ptnr3_PDB_ins_code 
_pdbx_struct_conn_angle.ptnr3_symmetry 
_pdbx_struct_conn_angle.value 
_pdbx_struct_conn_angle.value_esd 
1  NE2 ? A HIS 98 ? A HIS 98  ? 1_555 FE ? E HEM . ? A HEM 148 ? 1_555 NA ? E HEM . ? A HEM 148 ? 1_555 91.3  ? 
2  NE2 ? A HIS 98 ? A HIS 98  ? 1_555 FE ? E HEM . ? A HEM 148 ? 1_555 NB ? E HEM . ? A HEM 148 ? 1_555 96.7  ? 
3  NA  ? E HEM .  ? A HEM 148 ? 1_555 FE ? E HEM . ? A HEM 148 ? 1_555 NB ? E HEM . ? A HEM 148 ? 1_555 90.3  ? 
4  NE2 ? A HIS 98 ? A HIS 98  ? 1_555 FE ? E HEM . ? A HEM 148 ? 1_555 NC ? E HEM . ? A HEM 148 ? 1_555 91.0  ? 
5  NA  ? E HEM .  ? A HEM 148 ? 1_555 FE ? E HEM . ? A HEM 148 ? 1_555 NC ? E HEM . ? A HEM 148 ? 1_555 177.7 ? 
6  NB  ? E HEM .  ? A HEM 148 ? 1_555 FE ? E HEM . ? A HEM 148 ? 1_555 NC ? E HEM . ? A HEM 148 ? 1_555 88.7  ? 
7  NE2 ? A HIS 98 ? A HIS 98  ? 1_555 FE ? E HEM . ? A HEM 148 ? 1_555 ND ? E HEM . ? A HEM 148 ? 1_555 85.7  ? 
8  NA  ? E HEM .  ? A HEM 148 ? 1_555 FE ? E HEM . ? A HEM 148 ? 1_555 ND ? E HEM . ? A HEM 148 ? 1_555 90.0  ? 
9  NB  ? E HEM .  ? A HEM 148 ? 1_555 FE ? E HEM . ? A HEM 148 ? 1_555 ND ? E HEM . ? A HEM 148 ? 1_555 177.6 ? 
10 NC  ? E HEM .  ? A HEM 148 ? 1_555 FE ? E HEM . ? A HEM 148 ? 1_555 ND ? E HEM . ? A HEM 148 ? 1_555 90.9  ? 
# 
loop_
_struct_site.id 
_struct_site.pdbx_evidence_code 
_struct_site.pdbx_auth_asym_id 
_struct_site.pdbx_auth_comp_id 
_struct_site.pdbx_auth_seq_id 
_struct_site.pdbx_auth_ins_code 
_struct_site.pdbx_num_residues 
_struct_site.details 
AC1 Software A SO4 1001 ? 8  'BINDING SITE FOR RESIDUE SO4 A 1001' 
AC2 Software A SO4 1002 ? 9  'BINDING SITE FOR RESIDUE SO4 A 1002' 
AC3 Software A SO4 1003 ? 3  'BINDING SITE FOR RESIDUE SO4 A 1003' 
AC4 Software A HEM 148  ? 12 'BINDING SITE FOR RESIDUE HEM A 148'  
# 
loop_
_struct_site_gen.id 
_struct_site_gen.site_id 
_struct_site_gen.pdbx_num_res 
_struct_site_gen.label_comp_id 
_struct_site_gen.label_asym_id 
_struct_site_gen.label_seq_id 
_struct_site_gen.pdbx_auth_ins_code 
_struct_site_gen.auth_comp_id 
_struct_site_gen.auth_asym_id 
_struct_site_gen.auth_seq_id 
_struct_site_gen.label_atom_id 
_struct_site_gen.label_alt_id 
_struct_site_gen.symmetry 
_struct_site_gen.details 
1  AC1 8  THR A 3   ? THR A 3    . ? 1_555 ? 
2  AC1 8  HIS A 5   ? HIS A 5    . ? 1_555 ? 
3  AC1 8  SER A 47  ? SER A 47   . ? 1_455 ? 
4  AC1 8  ARG A 48  ? ARG A 48   . ? 1_455 ? 
5  AC1 8  HOH F .   ? HOH A 1041 . ? 1_455 ? 
6  AC1 8  HOH F .   ? HOH A 1080 . ? 1_555 ? 
7  AC1 8  HOH F .   ? HOH A 1140 . ? 1_455 ? 
8  AC1 8  HOH F .   ? HOH A 1173 . ? 1_555 ? 
9  AC2 9  HIS A 52  ? HIS A 52   . ? 1_455 ? 
10 AC2 9  SER A 60  ? SER A 60   . ? 1_455 ? 
11 AC2 9  ASP A 61  ? ASP A 61   . ? 1_455 ? 
12 AC2 9  ASP A 125 ? ASP A 125  . ? 1_555 ? 
13 AC2 9  ALA A 126 ? ALA A 126  . ? 1_555 ? 
14 AC2 9  GLU A 127 ? GLU A 127  . ? 1_555 ? 
15 AC2 9  HOH F .   ? HOH A 1007 . ? 1_455 ? 
16 AC2 9  HOH F .   ? HOH A 1037 . ? 1_555 ? 
17 AC2 9  HOH F .   ? HOH A 1159 . ? 1_455 ? 
18 AC3 3  HIS A 65  ? HIS A 65   . ? 1_555 ? 
19 AC3 3  ARG A 68  ? ARG A 68   . ? 1_555 ? 
20 AC3 3  HOH F .   ? HOH A 1043 . ? 1_555 ? 
21 AC4 12 TYR A 32  ? TYR A 32   . ? 1_555 ? 
22 AC4 12 HIS A 45  ? HIS A 45   . ? 1_555 ? 
23 AC4 12 PHE A 46  ? PHE A 46   . ? 1_555 ? 
24 AC4 12 TYR A 66  ? TYR A 66   . ? 1_555 ? 
25 AC4 12 THR A 69  ? THR A 69   . ? 1_555 ? 
26 AC4 12 LEU A 70  ? LEU A 70   . ? 1_555 ? 
27 AC4 12 HIS A 98  ? HIS A 98   . ? 1_555 ? 
28 AC4 12 GLU A 107 ? GLU A 107  . ? 1_555 ? 
29 AC4 12 PHE A 108 ? PHE A 108  . ? 1_555 ? 
30 AC4 12 PHE A 115 ? PHE A 115  . ? 1_555 ? 
31 AC4 12 PHE A 140 ? PHE A 140  . ? 1_555 ? 
32 AC4 12 MET A 143 ? MET A 143  . ? 1_555 ? 
# 
_pdbx_validate_rmsd_bond.id                        1 
_pdbx_validate_rmsd_bond.PDB_model_num             1 
_pdbx_validate_rmsd_bond.auth_atom_id_1            C 
_pdbx_validate_rmsd_bond.auth_asym_id_1            A 
_pdbx_validate_rmsd_bond.auth_comp_id_1            ILE 
_pdbx_validate_rmsd_bond.auth_seq_id_1             147 
_pdbx_validate_rmsd_bond.PDB_ins_code_1            ? 
_pdbx_validate_rmsd_bond.label_alt_id_1            ? 
_pdbx_validate_rmsd_bond.auth_atom_id_2            OXT 
_pdbx_validate_rmsd_bond.auth_asym_id_2            A 
_pdbx_validate_rmsd_bond.auth_comp_id_2            ILE 
_pdbx_validate_rmsd_bond.auth_seq_id_2             147 
_pdbx_validate_rmsd_bond.PDB_ins_code_2            ? 
_pdbx_validate_rmsd_bond.label_alt_id_2            ? 
_pdbx_validate_rmsd_bond.bond_value                0.938 
_pdbx_validate_rmsd_bond.bond_target_value         1.229 
_pdbx_validate_rmsd_bond.bond_deviation            -0.291 
_pdbx_validate_rmsd_bond.bond_standard_deviation   0.019 
_pdbx_validate_rmsd_bond.linker_flag               N 
# 
loop_
_chem_comp_atom.comp_id 
_chem_comp_atom.atom_id 
_chem_comp_atom.type_symbol 
_chem_comp_atom.pdbx_aromatic_flag 
_chem_comp_atom.pdbx_stereo_config 
_chem_comp_atom.pdbx_ordinal 
ALA N    N  N N 1   
ALA CA   C  N S 2   
ALA C    C  N N 3   
ALA O    O  N N 4   
ALA CB   C  N N 5   
ALA OXT  O  N N 6   
ALA H    H  N N 7   
ALA H2   H  N N 8   
ALA HA   H  N N 9   
ALA HB1  H  N N 10  
ALA HB2  H  N N 11  
ALA HB3  H  N N 12  
ALA HXT  H  N N 13  
ARG N    N  N N 14  
ARG CA   C  N S 15  
ARG C    C  N N 16  
ARG O    O  N N 17  
ARG CB   C  N N 18  
ARG CG   C  N N 19  
ARG CD   C  N N 20  
ARG NE   N  N N 21  
ARG CZ   C  N N 22  
ARG NH1  N  N N 23  
ARG NH2  N  N N 24  
ARG OXT  O  N N 25  
ARG H    H  N N 26  
ARG H2   H  N N 27  
ARG HA   H  N N 28  
ARG HB2  H  N N 29  
ARG HB3  H  N N 30  
ARG HG2  H  N N 31  
ARG HG3  H  N N 32  
ARG HD2  H  N N 33  
ARG HD3  H  N N 34  
ARG HE   H  N N 35  
ARG HH11 H  N N 36  
ARG HH12 H  N N 37  
ARG HH21 H  N N 38  
ARG HH22 H  N N 39  
ARG HXT  H  N N 40  
ASN N    N  N N 41  
ASN CA   C  N S 42  
ASN C    C  N N 43  
ASN O    O  N N 44  
ASN CB   C  N N 45  
ASN CG   C  N N 46  
ASN OD1  O  N N 47  
ASN ND2  N  N N 48  
ASN OXT  O  N N 49  
ASN H    H  N N 50  
ASN H2   H  N N 51  
ASN HA   H  N N 52  
ASN HB2  H  N N 53  
ASN HB3  H  N N 54  
ASN HD21 H  N N 55  
ASN HD22 H  N N 56  
ASN HXT  H  N N 57  
ASP N    N  N N 58  
ASP CA   C  N S 59  
ASP C    C  N N 60  
ASP O    O  N N 61  
ASP CB   C  N N 62  
ASP CG   C  N N 63  
ASP OD1  O  N N 64  
ASP OD2  O  N N 65  
ASP OXT  O  N N 66  
ASP H    H  N N 67  
ASP H2   H  N N 68  
ASP HA   H  N N 69  
ASP HB2  H  N N 70  
ASP HB3  H  N N 71  
ASP HD2  H  N N 72  
ASP HXT  H  N N 73  
GLN N    N  N N 74  
GLN CA   C  N S 75  
GLN C    C  N N 76  
GLN O    O  N N 77  
GLN CB   C  N N 78  
GLN CG   C  N N 79  
GLN CD   C  N N 80  
GLN OE1  O  N N 81  
GLN NE2  N  N N 82  
GLN OXT  O  N N 83  
GLN H    H  N N 84  
GLN H2   H  N N 85  
GLN HA   H  N N 86  
GLN HB2  H  N N 87  
GLN HB3  H  N N 88  
GLN HG2  H  N N 89  
GLN HG3  H  N N 90  
GLN HE21 H  N N 91  
GLN HE22 H  N N 92  
GLN HXT  H  N N 93  
GLU N    N  N N 94  
GLU CA   C  N S 95  
GLU C    C  N N 96  
GLU O    O  N N 97  
GLU CB   C  N N 98  
GLU CG   C  N N 99  
GLU CD   C  N N 100 
GLU OE1  O  N N 101 
GLU OE2  O  N N 102 
GLU OXT  O  N N 103 
GLU H    H  N N 104 
GLU H2   H  N N 105 
GLU HA   H  N N 106 
GLU HB2  H  N N 107 
GLU HB3  H  N N 108 
GLU HG2  H  N N 109 
GLU HG3  H  N N 110 
GLU HE2  H  N N 111 
GLU HXT  H  N N 112 
GLY N    N  N N 113 
GLY CA   C  N N 114 
GLY C    C  N N 115 
GLY O    O  N N 116 
GLY OXT  O  N N 117 
GLY H    H  N N 118 
GLY H2   H  N N 119 
GLY HA2  H  N N 120 
GLY HA3  H  N N 121 
GLY HXT  H  N N 122 
HEM CHA  C  N N 123 
HEM CHB  C  N N 124 
HEM CHC  C  N N 125 
HEM CHD  C  N N 126 
HEM C1A  C  Y N 127 
HEM C2A  C  Y N 128 
HEM C3A  C  Y N 129 
HEM C4A  C  Y N 130 
HEM CMA  C  N N 131 
HEM CAA  C  N N 132 
HEM CBA  C  N N 133 
HEM CGA  C  N N 134 
HEM O1A  O  N N 135 
HEM O2A  O  N N 136 
HEM C1B  C  N N 137 
HEM C2B  C  N N 138 
HEM C3B  C  N N 139 
HEM C4B  C  N N 140 
HEM CMB  C  N N 141 
HEM CAB  C  N N 142 
HEM CBB  C  N N 143 
HEM C1C  C  Y N 144 
HEM C2C  C  Y N 145 
HEM C3C  C  Y N 146 
HEM C4C  C  Y N 147 
HEM CMC  C  N N 148 
HEM CAC  C  N N 149 
HEM CBC  C  N N 150 
HEM C1D  C  N N 151 
HEM C2D  C  N N 152 
HEM C3D  C  N N 153 
HEM C4D  C  N N 154 
HEM CMD  C  N N 155 
HEM CAD  C  N N 156 
HEM CBD  C  N N 157 
HEM CGD  C  N N 158 
HEM O1D  O  N N 159 
HEM O2D  O  N N 160 
HEM NA   N  Y N 161 
HEM NB   N  N N 162 
HEM NC   N  Y N 163 
HEM ND   N  N N 164 
HEM FE   FE N N 165 
HEM HHB  H  N N 166 
HEM HHC  H  N N 167 
HEM HHD  H  N N 168 
HEM HMA  H  N N 169 
HEM HMAA H  N N 170 
HEM HMAB H  N N 171 
HEM HAA  H  N N 172 
HEM HAAA H  N N 173 
HEM HBA  H  N N 174 
HEM HBAA H  N N 175 
HEM HMB  H  N N 176 
HEM HMBA H  N N 177 
HEM HMBB H  N N 178 
HEM HAB  H  N N 179 
HEM HBB  H  N N 180 
HEM HBBA H  N N 181 
HEM HMC  H  N N 182 
HEM HMCA H  N N 183 
HEM HMCB H  N N 184 
HEM HAC  H  N N 185 
HEM HBC  H  N N 186 
HEM HBCA H  N N 187 
HEM HMD  H  N N 188 
HEM HMDA H  N N 189 
HEM HMDB H  N N 190 
HEM HAD  H  N N 191 
HEM HADA H  N N 192 
HEM HBD  H  N N 193 
HEM HBDA H  N N 194 
HEM H2A  H  N N 195 
HEM H2D  H  N N 196 
HEM HHA  H  N N 197 
HIS N    N  N N 198 
HIS CA   C  N S 199 
HIS C    C  N N 200 
HIS O    O  N N 201 
HIS CB   C  N N 202 
HIS CG   C  Y N 203 
HIS ND1  N  Y N 204 
HIS CD2  C  Y N 205 
HIS CE1  C  Y N 206 
HIS NE2  N  Y N 207 
HIS OXT  O  N N 208 
HIS H    H  N N 209 
HIS H2   H  N N 210 
HIS HA   H  N N 211 
HIS HB2  H  N N 212 
HIS HB3  H  N N 213 
HIS HD1  H  N N 214 
HIS HD2  H  N N 215 
HIS HE1  H  N N 216 
HIS HE2  H  N N 217 
HIS HXT  H  N N 218 
HOH O    O  N N 219 
HOH H1   H  N N 220 
HOH H2   H  N N 221 
ILE N    N  N N 222 
ILE CA   C  N S 223 
ILE C    C  N N 224 
ILE O    O  N N 225 
ILE CB   C  N S 226 
ILE CG1  C  N N 227 
ILE CG2  C  N N 228 
ILE CD1  C  N N 229 
ILE OXT  O  N N 230 
ILE H    H  N N 231 
ILE H2   H  N N 232 
ILE HA   H  N N 233 
ILE HB   H  N N 234 
ILE HG12 H  N N 235 
ILE HG13 H  N N 236 
ILE HG21 H  N N 237 
ILE HG22 H  N N 238 
ILE HG23 H  N N 239 
ILE HD11 H  N N 240 
ILE HD12 H  N N 241 
ILE HD13 H  N N 242 
ILE HXT  H  N N 243 
LEU N    N  N N 244 
LEU CA   C  N S 245 
LEU C    C  N N 246 
LEU O    O  N N 247 
LEU CB   C  N N 248 
LEU CG   C  N N 249 
LEU CD1  C  N N 250 
LEU CD2  C  N N 251 
LEU OXT  O  N N 252 
LEU H    H  N N 253 
LEU H2   H  N N 254 
LEU HA   H  N N 255 
LEU HB2  H  N N 256 
LEU HB3  H  N N 257 
LEU HG   H  N N 258 
LEU HD11 H  N N 259 
LEU HD12 H  N N 260 
LEU HD13 H  N N 261 
LEU HD21 H  N N 262 
LEU HD22 H  N N 263 
LEU HD23 H  N N 264 
LEU HXT  H  N N 265 
LYS N    N  N N 266 
LYS CA   C  N S 267 
LYS C    C  N N 268 
LYS O    O  N N 269 
LYS CB   C  N N 270 
LYS CG   C  N N 271 
LYS CD   C  N N 272 
LYS CE   C  N N 273 
LYS NZ   N  N N 274 
LYS OXT  O  N N 275 
LYS H    H  N N 276 
LYS H2   H  N N 277 
LYS HA   H  N N 278 
LYS HB2  H  N N 279 
LYS HB3  H  N N 280 
LYS HG2  H  N N 281 
LYS HG3  H  N N 282 
LYS HD2  H  N N 283 
LYS HD3  H  N N 284 
LYS HE2  H  N N 285 
LYS HE3  H  N N 286 
LYS HZ1  H  N N 287 
LYS HZ2  H  N N 288 
LYS HZ3  H  N N 289 
LYS HXT  H  N N 290 
MET N    N  N N 291 
MET CA   C  N S 292 
MET C    C  N N 293 
MET O    O  N N 294 
MET CB   C  N N 295 
MET CG   C  N N 296 
MET SD   S  N N 297 
MET CE   C  N N 298 
MET OXT  O  N N 299 
MET H    H  N N 300 
MET H2   H  N N 301 
MET HA   H  N N 302 
MET HB2  H  N N 303 
MET HB3  H  N N 304 
MET HG2  H  N N 305 
MET HG3  H  N N 306 
MET HE1  H  N N 307 
MET HE2  H  N N 308 
MET HE3  H  N N 309 
MET HXT  H  N N 310 
PHE N    N  N N 311 
PHE CA   C  N S 312 
PHE C    C  N N 313 
PHE O    O  N N 314 
PHE CB   C  N N 315 
PHE CG   C  Y N 316 
PHE CD1  C  Y N 317 
PHE CD2  C  Y N 318 
PHE CE1  C  Y N 319 
PHE CE2  C  Y N 320 
PHE CZ   C  Y N 321 
PHE OXT  O  N N 322 
PHE H    H  N N 323 
PHE H2   H  N N 324 
PHE HA   H  N N 325 
PHE HB2  H  N N 326 
PHE HB3  H  N N 327 
PHE HD1  H  N N 328 
PHE HD2  H  N N 329 
PHE HE1  H  N N 330 
PHE HE2  H  N N 331 
PHE HZ   H  N N 332 
PHE HXT  H  N N 333 
PRO N    N  N N 334 
PRO CA   C  N S 335 
PRO C    C  N N 336 
PRO O    O  N N 337 
PRO CB   C  N N 338 
PRO CG   C  N N 339 
PRO CD   C  N N 340 
PRO OXT  O  N N 341 
PRO H    H  N N 342 
PRO HA   H  N N 343 
PRO HB2  H  N N 344 
PRO HB3  H  N N 345 
PRO HG2  H  N N 346 
PRO HG3  H  N N 347 
PRO HD2  H  N N 348 
PRO HD3  H  N N 349 
PRO HXT  H  N N 350 
SER N    N  N N 351 
SER CA   C  N S 352 
SER C    C  N N 353 
SER O    O  N N 354 
SER CB   C  N N 355 
SER OG   O  N N 356 
SER OXT  O  N N 357 
SER H    H  N N 358 
SER H2   H  N N 359 
SER HA   H  N N 360 
SER HB2  H  N N 361 
SER HB3  H  N N 362 
SER HG   H  N N 363 
SER HXT  H  N N 364 
SO4 S    S  N N 365 
SO4 O1   O  N N 366 
SO4 O2   O  N N 367 
SO4 O3   O  N N 368 
SO4 O4   O  N N 369 
THR N    N  N N 370 
THR CA   C  N S 371 
THR C    C  N N 372 
THR O    O  N N 373 
THR CB   C  N R 374 
THR OG1  O  N N 375 
THR CG2  C  N N 376 
THR OXT  O  N N 377 
THR H    H  N N 378 
THR H2   H  N N 379 
THR HA   H  N N 380 
THR HB   H  N N 381 
THR HG1  H  N N 382 
THR HG21 H  N N 383 
THR HG22 H  N N 384 
THR HG23 H  N N 385 
THR HXT  H  N N 386 
TYR N    N  N N 387 
TYR CA   C  N S 388 
TYR C    C  N N 389 
TYR O    O  N N 390 
TYR CB   C  N N 391 
TYR CG   C  Y N 392 
TYR CD1  C  Y N 393 
TYR CD2  C  Y N 394 
TYR CE1  C  Y N 395 
TYR CE2  C  Y N 396 
TYR CZ   C  Y N 397 
TYR OH   O  N N 398 
TYR OXT  O  N N 399 
TYR H    H  N N 400 
TYR H2   H  N N 401 
TYR HA   H  N N 402 
TYR HB2  H  N N 403 
TYR HB3  H  N N 404 
TYR HD1  H  N N 405 
TYR HD2  H  N N 406 
TYR HE1  H  N N 407 
TYR HE2  H  N N 408 
TYR HH   H  N N 409 
TYR HXT  H  N N 410 
VAL N    N  N N 411 
VAL CA   C  N S 412 
VAL C    C  N N 413 
VAL O    O  N N 414 
VAL CB   C  N N 415 
VAL CG1  C  N N 416 
VAL CG2  C  N N 417 
VAL OXT  O  N N 418 
VAL H    H  N N 419 
VAL H2   H  N N 420 
VAL HA   H  N N 421 
VAL HB   H  N N 422 
VAL HG11 H  N N 423 
VAL HG12 H  N N 424 
VAL HG13 H  N N 425 
VAL HG21 H  N N 426 
VAL HG22 H  N N 427 
VAL HG23 H  N N 428 
VAL HXT  H  N N 429 
# 
loop_
_chem_comp_bond.comp_id 
_chem_comp_bond.atom_id_1 
_chem_comp_bond.atom_id_2 
_chem_comp_bond.value_order 
_chem_comp_bond.pdbx_aromatic_flag 
_chem_comp_bond.pdbx_stereo_config 
_chem_comp_bond.pdbx_ordinal 
ALA N   CA   sing N N 1   
ALA N   H    sing N N 2   
ALA N   H2   sing N N 3   
ALA CA  C    sing N N 4   
ALA CA  CB   sing N N 5   
ALA CA  HA   sing N N 6   
ALA C   O    doub N N 7   
ALA C   OXT  sing N N 8   
ALA CB  HB1  sing N N 9   
ALA CB  HB2  sing N N 10  
ALA CB  HB3  sing N N 11  
ALA OXT HXT  sing N N 12  
ARG N   CA   sing N N 13  
ARG N   H    sing N N 14  
ARG N   H2   sing N N 15  
ARG CA  C    sing N N 16  
ARG CA  CB   sing N N 17  
ARG CA  HA   sing N N 18  
ARG C   O    doub N N 19  
ARG C   OXT  sing N N 20  
ARG CB  CG   sing N N 21  
ARG CB  HB2  sing N N 22  
ARG CB  HB3  sing N N 23  
ARG CG  CD   sing N N 24  
ARG CG  HG2  sing N N 25  
ARG CG  HG3  sing N N 26  
ARG CD  NE   sing N N 27  
ARG CD  HD2  sing N N 28  
ARG CD  HD3  sing N N 29  
ARG NE  CZ   sing N N 30  
ARG NE  HE   sing N N 31  
ARG CZ  NH1  sing N N 32  
ARG CZ  NH2  doub N N 33  
ARG NH1 HH11 sing N N 34  
ARG NH1 HH12 sing N N 35  
ARG NH2 HH21 sing N N 36  
ARG NH2 HH22 sing N N 37  
ARG OXT HXT  sing N N 38  
ASN N   CA   sing N N 39  
ASN N   H    sing N N 40  
ASN N   H2   sing N N 41  
ASN CA  C    sing N N 42  
ASN CA  CB   sing N N 43  
ASN CA  HA   sing N N 44  
ASN C   O    doub N N 45  
ASN C   OXT  sing N N 46  
ASN CB  CG   sing N N 47  
ASN CB  HB2  sing N N 48  
ASN CB  HB3  sing N N 49  
ASN CG  OD1  doub N N 50  
ASN CG  ND2  sing N N 51  
ASN ND2 HD21 sing N N 52  
ASN ND2 HD22 sing N N 53  
ASN OXT HXT  sing N N 54  
ASP N   CA   sing N N 55  
ASP N   H    sing N N 56  
ASP N   H2   sing N N 57  
ASP CA  C    sing N N 58  
ASP CA  CB   sing N N 59  
ASP CA  HA   sing N N 60  
ASP C   O    doub N N 61  
ASP C   OXT  sing N N 62  
ASP CB  CG   sing N N 63  
ASP CB  HB2  sing N N 64  
ASP CB  HB3  sing N N 65  
ASP CG  OD1  doub N N 66  
ASP CG  OD2  sing N N 67  
ASP OD2 HD2  sing N N 68  
ASP OXT HXT  sing N N 69  
GLN N   CA   sing N N 70  
GLN N   H    sing N N 71  
GLN N   H2   sing N N 72  
GLN CA  C    sing N N 73  
GLN CA  CB   sing N N 74  
GLN CA  HA   sing N N 75  
GLN C   O    doub N N 76  
GLN C   OXT  sing N N 77  
GLN CB  CG   sing N N 78  
GLN CB  HB2  sing N N 79  
GLN CB  HB3  sing N N 80  
GLN CG  CD   sing N N 81  
GLN CG  HG2  sing N N 82  
GLN CG  HG3  sing N N 83  
GLN CD  OE1  doub N N 84  
GLN CD  NE2  sing N N 85  
GLN NE2 HE21 sing N N 86  
GLN NE2 HE22 sing N N 87  
GLN OXT HXT  sing N N 88  
GLU N   CA   sing N N 89  
GLU N   H    sing N N 90  
GLU N   H2   sing N N 91  
GLU CA  C    sing N N 92  
GLU CA  CB   sing N N 93  
GLU CA  HA   sing N N 94  
GLU C   O    doub N N 95  
GLU C   OXT  sing N N 96  
GLU CB  CG   sing N N 97  
GLU CB  HB2  sing N N 98  
GLU CB  HB3  sing N N 99  
GLU CG  CD   sing N N 100 
GLU CG  HG2  sing N N 101 
GLU CG  HG3  sing N N 102 
GLU CD  OE1  doub N N 103 
GLU CD  OE2  sing N N 104 
GLU OE2 HE2  sing N N 105 
GLU OXT HXT  sing N N 106 
GLY N   CA   sing N N 107 
GLY N   H    sing N N 108 
GLY N   H2   sing N N 109 
GLY CA  C    sing N N 110 
GLY CA  HA2  sing N N 111 
GLY CA  HA3  sing N N 112 
GLY C   O    doub N N 113 
GLY C   OXT  sing N N 114 
GLY OXT HXT  sing N N 115 
HEM CHA C1A  sing N N 116 
HEM CHA C4D  doub N N 117 
HEM CHA HHA  sing N N 118 
HEM CHB C4A  sing N N 119 
HEM CHB C1B  doub N N 120 
HEM CHB HHB  sing N N 121 
HEM CHC C4B  sing N N 122 
HEM CHC C1C  doub N N 123 
HEM CHC HHC  sing N N 124 
HEM CHD C4C  doub N N 125 
HEM CHD C1D  sing N N 126 
HEM CHD HHD  sing N N 127 
HEM C1A C2A  doub Y N 128 
HEM C1A NA   sing Y N 129 
HEM C2A C3A  sing Y N 130 
HEM C2A CAA  sing N N 131 
HEM C3A C4A  doub Y N 132 
HEM C3A CMA  sing N N 133 
HEM C4A NA   sing Y N 134 
HEM CMA HMA  sing N N 135 
HEM CMA HMAA sing N N 136 
HEM CMA HMAB sing N N 137 
HEM CAA CBA  sing N N 138 
HEM CAA HAA  sing N N 139 
HEM CAA HAAA sing N N 140 
HEM CBA CGA  sing N N 141 
HEM CBA HBA  sing N N 142 
HEM CBA HBAA sing N N 143 
HEM CGA O1A  doub N N 144 
HEM CGA O2A  sing N N 145 
HEM C1B C2B  sing N N 146 
HEM C1B NB   sing N N 147 
HEM C2B C3B  doub N N 148 
HEM C2B CMB  sing N N 149 
HEM C3B C4B  sing N N 150 
HEM C3B CAB  sing N N 151 
HEM C4B NB   doub N N 152 
HEM CMB HMB  sing N N 153 
HEM CMB HMBA sing N N 154 
HEM CMB HMBB sing N N 155 
HEM CAB CBB  doub N N 156 
HEM CAB HAB  sing N N 157 
HEM CBB HBB  sing N N 158 
HEM CBB HBBA sing N N 159 
HEM C1C C2C  sing Y N 160 
HEM C1C NC   sing Y N 161 
HEM C2C C3C  doub Y N 162 
HEM C2C CMC  sing N N 163 
HEM C3C C4C  sing Y N 164 
HEM C3C CAC  sing N N 165 
HEM C4C NC   sing Y N 166 
HEM CMC HMC  sing N N 167 
HEM CMC HMCA sing N N 168 
HEM CMC HMCB sing N N 169 
HEM CAC CBC  doub N N 170 
HEM CAC HAC  sing N N 171 
HEM CBC HBC  sing N N 172 
HEM CBC HBCA sing N N 173 
HEM C1D C2D  sing N N 174 
HEM C1D ND   doub N N 175 
HEM C2D C3D  doub N N 176 
HEM C2D CMD  sing N N 177 
HEM C3D C4D  sing N N 178 
HEM C3D CAD  sing N N 179 
HEM C4D ND   sing N N 180 
HEM CMD HMD  sing N N 181 
HEM CMD HMDA sing N N 182 
HEM CMD HMDB sing N N 183 
HEM CAD CBD  sing N N 184 
HEM CAD HAD  sing N N 185 
HEM CAD HADA sing N N 186 
HEM CBD CGD  sing N N 187 
HEM CBD HBD  sing N N 188 
HEM CBD HBDA sing N N 189 
HEM CGD O1D  doub N N 190 
HEM CGD O2D  sing N N 191 
HEM O2A H2A  sing N N 192 
HEM O2D H2D  sing N N 193 
HEM FE  NA   sing N N 194 
HEM FE  NB   sing N N 195 
HEM FE  NC   sing N N 196 
HEM FE  ND   sing N N 197 
HIS N   CA   sing N N 198 
HIS N   H    sing N N 199 
HIS N   H2   sing N N 200 
HIS CA  C    sing N N 201 
HIS CA  CB   sing N N 202 
HIS CA  HA   sing N N 203 
HIS C   O    doub N N 204 
HIS C   OXT  sing N N 205 
HIS CB  CG   sing N N 206 
HIS CB  HB2  sing N N 207 
HIS CB  HB3  sing N N 208 
HIS CG  ND1  sing Y N 209 
HIS CG  CD2  doub Y N 210 
HIS ND1 CE1  doub Y N 211 
HIS ND1 HD1  sing N N 212 
HIS CD2 NE2  sing Y N 213 
HIS CD2 HD2  sing N N 214 
HIS CE1 NE2  sing Y N 215 
HIS CE1 HE1  sing N N 216 
HIS NE2 HE2  sing N N 217 
HIS OXT HXT  sing N N 218 
HOH O   H1   sing N N 219 
HOH O   H2   sing N N 220 
ILE N   CA   sing N N 221 
ILE N   H    sing N N 222 
ILE N   H2   sing N N 223 
ILE CA  C    sing N N 224 
ILE CA  CB   sing N N 225 
ILE CA  HA   sing N N 226 
ILE C   O    doub N N 227 
ILE C   OXT  sing N N 228 
ILE CB  CG1  sing N N 229 
ILE CB  CG2  sing N N 230 
ILE CB  HB   sing N N 231 
ILE CG1 CD1  sing N N 232 
ILE CG1 HG12 sing N N 233 
ILE CG1 HG13 sing N N 234 
ILE CG2 HG21 sing N N 235 
ILE CG2 HG22 sing N N 236 
ILE CG2 HG23 sing N N 237 
ILE CD1 HD11 sing N N 238 
ILE CD1 HD12 sing N N 239 
ILE CD1 HD13 sing N N 240 
ILE OXT HXT  sing N N 241 
LEU N   CA   sing N N 242 
LEU N   H    sing N N 243 
LEU N   H2   sing N N 244 
LEU CA  C    sing N N 245 
LEU CA  CB   sing N N 246 
LEU CA  HA   sing N N 247 
LEU C   O    doub N N 248 
LEU C   OXT  sing N N 249 
LEU CB  CG   sing N N 250 
LEU CB  HB2  sing N N 251 
LEU CB  HB3  sing N N 252 
LEU CG  CD1  sing N N 253 
LEU CG  CD2  sing N N 254 
LEU CG  HG   sing N N 255 
LEU CD1 HD11 sing N N 256 
LEU CD1 HD12 sing N N 257 
LEU CD1 HD13 sing N N 258 
LEU CD2 HD21 sing N N 259 
LEU CD2 HD22 sing N N 260 
LEU CD2 HD23 sing N N 261 
LEU OXT HXT  sing N N 262 
LYS N   CA   sing N N 263 
LYS N   H    sing N N 264 
LYS N   H2   sing N N 265 
LYS CA  C    sing N N 266 
LYS CA  CB   sing N N 267 
LYS CA  HA   sing N N 268 
LYS C   O    doub N N 269 
LYS C   OXT  sing N N 270 
LYS CB  CG   sing N N 271 
LYS CB  HB2  sing N N 272 
LYS CB  HB3  sing N N 273 
LYS CG  CD   sing N N 274 
LYS CG  HG2  sing N N 275 
LYS CG  HG3  sing N N 276 
LYS CD  CE   sing N N 277 
LYS CD  HD2  sing N N 278 
LYS CD  HD3  sing N N 279 
LYS CE  NZ   sing N N 280 
LYS CE  HE2  sing N N 281 
LYS CE  HE3  sing N N 282 
LYS NZ  HZ1  sing N N 283 
LYS NZ  HZ2  sing N N 284 
LYS NZ  HZ3  sing N N 285 
LYS OXT HXT  sing N N 286 
MET N   CA   sing N N 287 
MET N   H    sing N N 288 
MET N   H2   sing N N 289 
MET CA  C    sing N N 290 
MET CA  CB   sing N N 291 
MET CA  HA   sing N N 292 
MET C   O    doub N N 293 
MET C   OXT  sing N N 294 
MET CB  CG   sing N N 295 
MET CB  HB2  sing N N 296 
MET CB  HB3  sing N N 297 
MET CG  SD   sing N N 298 
MET CG  HG2  sing N N 299 
MET CG  HG3  sing N N 300 
MET SD  CE   sing N N 301 
MET CE  HE1  sing N N 302 
MET CE  HE2  sing N N 303 
MET CE  HE3  sing N N 304 
MET OXT HXT  sing N N 305 
PHE N   CA   sing N N 306 
PHE N   H    sing N N 307 
PHE N   H2   sing N N 308 
PHE CA  C    sing N N 309 
PHE CA  CB   sing N N 310 
PHE CA  HA   sing N N 311 
PHE C   O    doub N N 312 
PHE C   OXT  sing N N 313 
PHE CB  CG   sing N N 314 
PHE CB  HB2  sing N N 315 
PHE CB  HB3  sing N N 316 
PHE CG  CD1  doub Y N 317 
PHE CG  CD2  sing Y N 318 
PHE CD1 CE1  sing Y N 319 
PHE CD1 HD1  sing N N 320 
PHE CD2 CE2  doub Y N 321 
PHE CD2 HD2  sing N N 322 
PHE CE1 CZ   doub Y N 323 
PHE CE1 HE1  sing N N 324 
PHE CE2 CZ   sing Y N 325 
PHE CE2 HE2  sing N N 326 
PHE CZ  HZ   sing N N 327 
PHE OXT HXT  sing N N 328 
PRO N   CA   sing N N 329 
PRO N   CD   sing N N 330 
PRO N   H    sing N N 331 
PRO CA  C    sing N N 332 
PRO CA  CB   sing N N 333 
PRO CA  HA   sing N N 334 
PRO C   O    doub N N 335 
PRO C   OXT  sing N N 336 
PRO CB  CG   sing N N 337 
PRO CB  HB2  sing N N 338 
PRO CB  HB3  sing N N 339 
PRO CG  CD   sing N N 340 
PRO CG  HG2  sing N N 341 
PRO CG  HG3  sing N N 342 
PRO CD  HD2  sing N N 343 
PRO CD  HD3  sing N N 344 
PRO OXT HXT  sing N N 345 
SER N   CA   sing N N 346 
SER N   H    sing N N 347 
SER N   H2   sing N N 348 
SER CA  C    sing N N 349 
SER CA  CB   sing N N 350 
SER CA  HA   sing N N 351 
SER C   O    doub N N 352 
SER C   OXT  sing N N 353 
SER CB  OG   sing N N 354 
SER CB  HB2  sing N N 355 
SER CB  HB3  sing N N 356 
SER OG  HG   sing N N 357 
SER OXT HXT  sing N N 358 
SO4 S   O1   doub N N 359 
SO4 S   O2   doub N N 360 
SO4 S   O3   sing N N 361 
SO4 S   O4   sing N N 362 
THR N   CA   sing N N 363 
THR N   H    sing N N 364 
THR N   H2   sing N N 365 
THR CA  C    sing N N 366 
THR CA  CB   sing N N 367 
THR CA  HA   sing N N 368 
THR C   O    doub N N 369 
THR C   OXT  sing N N 370 
THR CB  OG1  sing N N 371 
THR CB  CG2  sing N N 372 
THR CB  HB   sing N N 373 
THR OG1 HG1  sing N N 374 
THR CG2 HG21 sing N N 375 
THR CG2 HG22 sing N N 376 
THR CG2 HG23 sing N N 377 
THR OXT HXT  sing N N 378 
TYR N   CA   sing N N 379 
TYR N   H    sing N N 380 
TYR N   H2   sing N N 381 
TYR CA  C    sing N N 382 
TYR CA  CB   sing N N 383 
TYR CA  HA   sing N N 384 
TYR C   O    doub N N 385 
TYR C   OXT  sing N N 386 
TYR CB  CG   sing N N 387 
TYR CB  HB2  sing N N 388 
TYR CB  HB3  sing N N 389 
TYR CG  CD1  doub Y N 390 
TYR CG  CD2  sing Y N 391 
TYR CD1 CE1  sing Y N 392 
TYR CD1 HD1  sing N N 393 
TYR CD2 CE2  doub Y N 394 
TYR CD2 HD2  sing N N 395 
TYR CE1 CZ   doub Y N 396 
TYR CE1 HE1  sing N N 397 
TYR CE2 CZ   sing Y N 398 
TYR CE2 HE2  sing N N 399 
TYR CZ  OH   sing N N 400 
TYR OH  HH   sing N N 401 
TYR OXT HXT  sing N N 402 
VAL N   CA   sing N N 403 
VAL N   H    sing N N 404 
VAL N   H2   sing N N 405 
VAL CA  C    sing N N 406 
VAL CA  CB   sing N N 407 
VAL CA  HA   sing N N 408 
VAL C   O    doub N N 409 
VAL C   OXT  sing N N 410 
VAL CB  CG1  sing N N 411 
VAL CB  CG2  sing N N 412 
VAL CB  HB   sing N N 413 
VAL CG1 HG11 sing N N 414 
VAL CG1 HG12 sing N N 415 
VAL CG1 HG13 sing N N 416 
VAL CG2 HG21 sing N N 417 
VAL CG2 HG22 sing N N 418 
VAL CG2 HG23 sing N N 419 
VAL OXT HXT  sing N N 420 
# 
_atom_sites.entry_id                    1KFR 
_atom_sites.fract_transf_matrix[1][1]   0.00258498 
_atom_sites.fract_transf_matrix[1][2]   -0.02423175 
_atom_sites.fract_transf_matrix[1][3]   -0.00176956 
_atom_sites.fract_transf_matrix[2][1]   0.00262638 
_atom_sites.fract_transf_matrix[2][2]   -0.00202917 
_atom_sites.fract_transf_matrix[2][3]   0.03162331 
_atom_sites.fract_transf_matrix[3][1]   -0.01784791 
_atom_sites.fract_transf_matrix[3][2]   -0.00376080 
_atom_sites.fract_transf_matrix[3][3]   0.00124099 
_atom_sites.fract_transf_vector[1]      0.676273 
_atom_sites.fract_transf_vector[2]      0.721181 
_atom_sites.fract_transf_vector[3]      0.761524 
# 
loop_
_atom_type.symbol 
C  
FE 
N  
O  
S  
# 
loop_
_atom_site.group_PDB 
_atom_site.id 
_atom_site.type_symbol 
_atom_site.label_atom_id 
_atom_site.label_alt_id 
_atom_site.label_comp_id 
_atom_site.label_asym_id 
_atom_site.label_entity_id 
_atom_site.label_seq_id 
_atom_site.pdbx_PDB_ins_code 
_atom_site.Cartn_x 
_atom_site.Cartn_y 
_atom_site.Cartn_z 
_atom_site.occupancy 
_atom_site.B_iso_or_equiv 
_atom_site.pdbx_formal_charge 
_atom_site.auth_seq_id 
_atom_site.auth_comp_id 
_atom_site.auth_asym_id 
_atom_site.auth_atom_id 
_atom_site.pdbx_PDB_model_num 
ATOM   1    N  N   . THR A 1 1   ? -4.988  15.405  -8.501  0.00 24.54 ? 1    THR A N   1 
ATOM   2    C  CA  . THR A 1 1   ? -3.817  14.751  -7.957  1.00 40.12 ? 1    THR A CA  1 
ATOM   3    C  C   . THR A 1 1   ? -3.125  15.663  -6.950  1.00 47.79 ? 1    THR A C   1 
ATOM   4    O  O   . THR A 1 1   ? -3.469  16.840  -6.830  1.00 32.13 ? 1    THR A O   1 
ATOM   5    C  CB  . THR A 1 1   ? -2.843  14.353  -9.085  1.00 25.98 ? 1    THR A CB  1 
ATOM   6    O  OG1 . THR A 1 1   ? -1.901  13.402  -8.558  1.00 26.62 ? 1    THR A OG1 1 
ATOM   7    C  CG2 . THR A 1 1   ? -2.090  15.572  -9.611  1.00 35.65 ? 1    THR A CG2 1 
ATOM   8    N  N   . LEU A 1 2   ? -2.150  15.121  -6.226  1.00 23.75 ? 2    LEU A N   1 
ATOM   9    C  CA  . LEU A 1 2   ? -1.439  15.902  -5.220  1.00 13.61 ? 2    LEU A CA  1 
ATOM   10   C  C   . LEU A 1 2   ? -0.750  17.138  -5.818  1.00 14.14 ? 2    LEU A C   1 
ATOM   11   O  O   . LEU A 1 2   ? -0.125  17.080  -6.886  1.00 16.34 ? 2    LEU A O   1 
ATOM   12   C  CB  . LEU A 1 2   ? -0.411  15.030  -4.475  1.00 21.39 ? 2    LEU A CB  1 
ATOM   13   C  CG  . LEU A 1 2   ? -0.863  13.878  -3.556  1.00 17.56 ? 2    LEU A CG  1 
ATOM   14   C  CD1 . LEU A 1 2   ? 0.238   13.577  -2.547  1.00 14.51 ? 2    LEU A CD1 1 
ATOM   15   C  CD2 . LEU A 1 2   ? -2.147  14.163  -2.812  1.00 19.55 ? 2    LEU A CD2 1 
ATOM   16   N  N   . THR A 1 3   ? -0.861  18.260  -5.115  1.00 10.55 ? 3    THR A N   1 
ATOM   17   C  CA  . THR A 1 3   ? -0.096  19.446  -5.462  1.00 8.89  ? 3    THR A CA  1 
ATOM   18   C  C   . THR A 1 3   ? 1.315   19.206  -4.944  1.00 16.14 ? 3    THR A C   1 
ATOM   19   O  O   . THR A 1 3   ? 1.553   18.273  -4.166  1.00 10.65 ? 3    THR A O   1 
ATOM   20   C  CB  . THR A 1 3   ? -0.679  20.692  -4.762  1.00 10.03 ? 3    THR A CB  1 
ATOM   21   O  OG1 . THR A 1 3   ? -0.509  20.563  -3.345  1.00 10.00 ? 3    THR A OG1 1 
ATOM   22   C  CG2 . THR A 1 3   ? -2.171  20.751  -4.920  1.00 13.50 ? 3    THR A CG2 1 
ATOM   23   N  N   . LYS A 1 4   ? 2.253   20.056  -5.341  1.00 8.91  ? 4    LYS A N   1 
ATOM   24   C  CA  . LYS A 1 4   ? 3.630   19.903  -4.875  1.00 10.15 ? 4    LYS A CA  1 
ATOM   25   C  C   . LYS A 1 4   ? 3.699   19.999  -3.355  1.00 13.95 ? 4    LYS A C   1 
ATOM   26   O  O   . LYS A 1 4   ? 4.465   19.281  -2.718  1.00 7.87  ? 4    LYS A O   1 
ATOM   27   C  CB  . LYS A 1 4   ? 4.551   20.954  -5.507  1.00 11.03 ? 4    LYS A CB  1 
ATOM   28   C  CG  . LYS A 1 4   ? 4.839   20.690  -6.975  1.00 14.54 ? 4    LYS A CG  1 
ATOM   29   C  CD  . LYS A 1 4   ? 5.842   21.702  -7.521  1.00 25.08 ? 4    LYS A CD  1 
ATOM   30   C  CE  . LYS A 1 4   ? 6.427   21.241  -8.845  0.00 14.77 ? 4    LYS A CE  1 
ATOM   31   N  NZ  . LYS A 1 4   ? 7.394   22.226  -9.400  0.00 15.66 ? 4    LYS A NZ  1 
ATOM   32   N  N   . HIS A 1 5   ? 2.916   20.890  -2.776  1.00 8.11  ? 5    HIS A N   1 
ATOM   33   C  CA  . HIS A 1 5   ? 2.940   21.030  -1.324  1.00 6.97  ? 5    HIS A CA  1 
ATOM   34   C  C   . HIS A 1 5   ? 2.402   19.763  -0.620  1.00 5.85  ? 5    HIS A C   1 
ATOM   35   O  O   . HIS A 1 5   ? 2.954   19.334  0.392   1.00 9.62  ? 5    HIS A O   1 
ATOM   36   C  CB  . HIS A 1 5   ? 2.173   22.279  -0.852  1.00 5.99  ? 5    HIS A CB  1 
ATOM   37   C  CG  . HIS A 1 5   ? 1.988   22.346  0.635   1.00 2.62  ? 5    HIS A CG  1 
ATOM   38   N  ND1 . HIS A 1 5   ? 3.007   22.689  1.496   1.00 5.74  ? 5    HIS A ND1 1 
ATOM   39   C  CD2 . HIS A 1 5   ? 0.894   22.134  1.410   1.00 7.25  ? 5    HIS A CD2 1 
ATOM   40   C  CE1 . HIS A 1 5   ? 2.559   22.654  2.739   1.00 9.84  ? 5    HIS A CE1 1 
ATOM   41   N  NE2 . HIS A 1 5   ? 1.277   22.336  2.714   1.00 9.71  ? 5    HIS A NE2 1 
ATOM   42   N  N   . GLU A 1 6   ? 1.318   19.205  -1.133  1.00 7.52  ? 6    GLU A N   1 
ATOM   43   C  CA  . GLU A 1 6   ? 0.741   17.998  -0.547  1.00 6.07  ? 6    GLU A CA  1 
ATOM   44   C  C   . GLU A 1 6   ? 1.756   16.847  -0.623  1.00 4.13  ? 6    GLU A C   1 
ATOM   45   O  O   . GLU A 1 6   ? 1.942   16.124  0.341   1.00 6.47  ? 6    GLU A O   1 
ATOM   46   C  CB  . GLU A 1 6   ? -0.575  17.622  -1.246  1.00 8.10  ? 6    GLU A CB  1 
ATOM   47   C  CG  . GLU A 1 6   ? -1.734  18.557  -0.858  1.00 4.96  ? 6    GLU A CG  1 
ATOM   48   C  CD  . GLU A 1 6   ? -2.935  18.474  -1.786  1.00 26.11 ? 6    GLU A CD  1 
ATOM   49   O  OE1 . GLU A 1 6   ? -2.834  17.841  -2.856  1.00 8.61  ? 6    GLU A OE1 1 
ATOM   50   O  OE2 . GLU A 1 6   ? -3.986  19.066  -1.447  1.00 21.49 ? 6    GLU A OE2 1 
ATOM   51   N  N   . GLN A 1 7   ? 2.449   16.728  -1.744  1.00 9.28  ? 7    GLN A N   1 
ATOM   52   C  CA  . GLN A 1 7   ? 3.489   15.705  -1.877  1.00 9.15  ? 7    GLN A CA  1 
ATOM   53   C  C   . GLN A 1 7   ? 4.591   15.914  -0.839  1.00 4.02  ? 7    GLN A C   1 
ATOM   54   O  O   . GLN A 1 7   ? 5.057   14.982  -0.173  1.00 6.87  ? 7    GLN A O   1 
ATOM   55   C  CB  . GLN A 1 7   ? 4.104   15.766  -3.276  1.00 12.32 ? 7    GLN A CB  1 
ATOM   56   C  CG  . GLN A 1 7   ? 5.333   14.866  -3.452  1.00 8.31  ? 7    GLN A CG  1 
ATOM   57   C  CD  . GLN A 1 7   ? 5.914   14.906  -4.865  1.00 5.96  ? 7    GLN A CD  1 
ATOM   58   O  OE1 . GLN A 1 7   ? 6.326   13.862  -5.411  1.00 9.18  ? 7    GLN A OE1 1 
ATOM   59   N  NE2 . GLN A 1 7   ? 5.906   16.095  -5.472  1.00 5.41  ? 7    GLN A NE2 1 
ATOM   60   N  N   . ASP A 1 8   ? 5.019   17.160  -0.717  1.00 8.98  ? 8    ASP A N   1 
ATOM   61   C  CA  . ASP A 1 8   ? 6.103   17.452  0.187   1.00 18.34 ? 8    ASP A CA  1 
ATOM   62   C  C   . ASP A 1 8   ? 5.711   17.066  1.614   1.00 11.45 ? 8    ASP A C   1 
ATOM   63   O  O   . ASP A 1 8   ? 6.452   16.374  2.301   1.00 9.14  ? 8    ASP A O   1 
ATOM   64   C  CB  . ASP A 1 8   ? 6.482   18.923  0.098   1.00 13.90 ? 8    ASP A CB  1 
ATOM   65   C  CG  . ASP A 1 8   ? 7.651   19.264  1.009   1.00 17.50 ? 8    ASP A CG  1 
ATOM   66   O  OD1 . ASP A 1 8   ? 8.737   18.683  0.808   1.00 20.47 ? 8    ASP A OD1 1 
ATOM   67   O  OD2 . ASP A 1 8   ? 7.558   20.044  1.970   1.00 37.66 ? 8    ASP A OD2 1 
ATOM   68   N  N   . ILE A 1 9   ? 4.533   17.509  2.033   1.00 7.42  ? 9    ILE A N   1 
ATOM   69   C  CA  . ILE A 1 9   ? 3.985   17.243  3.374   1.00 10.24 ? 9    ILE A CA  1 
ATOM   70   C  C   . ILE A 1 9   ? 3.852   15.755  3.663   1.00 8.81  ? 9    ILE A C   1 
ATOM   71   O  O   . ILE A 1 9   ? 4.259   15.260  4.737   1.00 10.22 ? 9    ILE A O   1 
ATOM   72   C  CB  . ILE A 1 9   ? 2.578   17.905  3.480   1.00 16.83 ? 9    ILE A CB  1 
ATOM   73   C  CG1 . ILE A 1 9   ? 2.652   19.162  4.333   1.00 40.55 ? 9    ILE A CG1 1 
ATOM   74   C  CG2 . ILE A 1 9   ? 1.520   16.940  4.008   1.00 20.08 ? 9    ILE A CG2 1 
ATOM   75   C  CD1 . ILE A 1 9   ? 3.404   20.243  3.670   1.00 18.82 ? 9    ILE A CD1 1 
ATOM   76   N  N   . LEU A 1 10  ? 3.289   15.037  2.706   1.00 8.78  ? 10   LEU A N   1 
ATOM   77   C  CA  . LEU A 1 10  ? 3.123   13.597  2.863   1.00 7.21  ? 10   LEU A CA  1 
ATOM   78   C  C   . LEU A 1 10  ? 4.465   12.864  2.938   1.00 11.24 ? 10   LEU A C   1 
ATOM   79   O  O   . LEU A 1 10  ? 4.634   11.940  3.736   1.00 9.93  ? 10   LEU A O   1 
ATOM   80   C  CB  . LEU A 1 10  ? 2.280   13.032  1.731   1.00 11.31 ? 10   LEU A CB  1 
ATOM   81   C  CG  . LEU A 1 10  ? 1.747   11.619  1.951   1.00 15.49 ? 10   LEU A CG  1 
ATOM   82   C  CD1 . LEU A 1 10  ? 1.228   11.441  3.373   1.00 10.93 ? 10   LEU A CD1 1 
ATOM   83   C  CD2 . LEU A 1 10  ? 0.646   11.389  0.901   1.00 16.75 ? 10   LEU A CD2 1 
ATOM   84   N  N   . LEU A 1 11  ? 5.425   13.293  2.134   1.00 9.73  ? 11   LEU A N   1 
ATOM   85   C  CA  . LEU A 1 11  ? 6.758   12.675  2.167   1.00 2.01  ? 11   LEU A CA  1 
ATOM   86   C  C   . LEU A 1 11  ? 7.370   12.918  3.527   1.00 11.70 ? 11   LEU A C   1 
ATOM   87   O  O   . LEU A 1 11  ? 8.042   12.052  4.087   1.00 7.19  ? 11   LEU A O   1 
ATOM   88   C  CB  . LEU A 1 11  ? 7.654   13.283  1.091   1.00 11.19 ? 11   LEU A CB  1 
ATOM   89   C  CG  . LEU A 1 11  ? 7.421   12.629  -0.267  1.00 16.28 ? 11   LEU A CG  1 
ATOM   90   C  CD1 . LEU A 1 11  ? 8.098   13.425  -1.380  1.00 14.46 ? 11   LEU A CD1 1 
ATOM   91   C  CD2 . LEU A 1 11  ? 7.904   11.158  -0.221  1.00 10.79 ? 11   LEU A CD2 1 
ATOM   92   N  N   . LYS A 1 12  ? 7.162   14.122  4.044   1.00 6.23  ? 12   LYS A N   1 
ATOM   93   C  CA  . LYS A 1 12  ? 7.710   14.474  5.345   1.00 8.40  ? 12   LYS A CA  1 
ATOM   94   C  C   . LYS A 1 12  ? 7.117   13.615  6.458   1.00 16.41 ? 12   LYS A C   1 
ATOM   95   O  O   . LYS A 1 12  ? 7.837   13.148  7.348   1.00 6.57  ? 12   LYS A O   1 
ATOM   96   C  CB  . LYS A 1 12  ? 7.523   15.973  5.616   1.00 8.69  ? 12   LYS A CB  1 
ATOM   97   C  CG  . LYS A 1 12  ? 8.361   16.900  4.716   1.00 14.22 ? 12   LYS A CG  1 
ATOM   98   C  CD  . LYS A 1 12  ? 9.833   16.530  4.735   0.00 14.54 ? 12   LYS A CD  1 
ATOM   99   C  CE  . LYS A 1 12  ? 10.716  17.686  4.280   0.00 15.99 ? 12   LYS A CE  1 
ATOM   100  N  NZ  . LYS A 1 12  ? 9.914   18.788  3.676   1.00 22.08 ? 12   LYS A NZ  1 
ATOM   101  N  N   . GLU A 1 13  ? 5.805   13.404  6.418   1.00 11.74 ? 13   GLU A N   1 
ATOM   102  C  CA  . GLU A 1 13  ? 5.137   12.650  7.481   1.00 12.30 ? 13   GLU A CA  1 
ATOM   103  C  C   . GLU A 1 13  ? 5.323   11.153  7.347   1.00 8.14  ? 13   GLU A C   1 
ATOM   104  O  O   . GLU A 1 13  ? 5.378   10.442  8.350   1.00 10.75 ? 13   GLU A O   1 
ATOM   105  C  CB  . GLU A 1 13  ? 3.649   13.013  7.583   1.00 9.46  ? 13   GLU A CB  1 
ATOM   106  C  CG  . GLU A 1 13  ? 3.460   14.486  7.911   1.00 7.81  ? 13   GLU A CG  1 
ATOM   107  C  CD  . GLU A 1 13  ? 2.047   14.852  8.282   1.00 9.29  ? 13   GLU A CD  1 
ATOM   108  O  OE1 . GLU A 1 13  ? 1.323   13.987  8.807   1.00 9.62  ? 13   GLU A OE1 1 
ATOM   109  O  OE2 . GLU A 1 13  ? 1.705   16.038  8.123   1.00 6.88  ? 13   GLU A OE2 1 
ATOM   110  N  N   . LEU A 1 14  ? 5.482   10.671  6.124   1.00 8.30  ? 14   LEU A N   1 
ATOM   111  C  CA  . LEU A 1 14  ? 5.715   9.225   5.935   1.00 7.29  ? 14   LEU A CA  1 
ATOM   112  C  C   . LEU A 1 14  ? 7.195   8.878   6.139   1.00 4.87  ? 14   LEU A C   1 
ATOM   113  O  O   . LEU A 1 14  ? 7.538   7.716   6.359   1.00 5.40  ? 14   LEU A O   1 
ATOM   114  C  CB  . LEU A 1 14  ? 5.272   8.755   4.542   1.00 10.90 ? 14   LEU A CB  1 
ATOM   115  C  CG  . LEU A 1 14  ? 3.776   8.478   4.356   1.00 9.74  ? 14   LEU A CG  1 
ATOM   116  C  CD1 . LEU A 1 14  ? 3.460   8.002   2.915   1.00 9.28  ? 14   LEU A CD1 1 
ATOM   117  C  CD2 . LEU A 1 14  ? 3.294   7.445   5.361   1.00 20.14 ? 14   LEU A CD2 1 
ATOM   118  N  N   . GLY A 1 15  ? 8.050   9.894   6.045   1.00 10.36 ? 15   GLY A N   1 
ATOM   119  C  CA  . GLY A 1 15  ? 9.496   9.710   6.052   1.00 10.36 ? 15   GLY A CA  1 
ATOM   120  C  C   . GLY A 1 15  ? 10.012  8.851   7.182   1.00 5.83  ? 15   GLY A C   1 
ATOM   121  O  O   . GLY A 1 15  ? 10.814  7.946   6.963   1.00 10.45 ? 15   GLY A O   1 
ATOM   122  N  N   . PRO A 1 16  ? 9.604   9.161   8.410   1.00 13.63 ? 16   PRO A N   1 
ATOM   123  C  CA  . PRO A 1 16  ? 10.056  8.398   9.590   1.00 16.08 ? 16   PRO A CA  1 
ATOM   124  C  C   . PRO A 1 16  ? 9.436   6.996   9.722   1.00 14.12 ? 16   PRO A C   1 
ATOM   125  O  O   . PRO A 1 16  ? 9.787   6.243   10.640  1.00 11.89 ? 16   PRO A O   1 
ATOM   126  C  CB  . PRO A 1 16  ? 9.626   9.255   10.773  1.00 8.58  ? 16   PRO A CB  1 
ATOM   127  C  CG  . PRO A 1 16  ? 8.875   10.449  10.210  1.00 15.80 ? 16   PRO A CG  1 
ATOM   128  C  CD  . PRO A 1 16  ? 8.723   10.288  8.745   1.00 14.74 ? 16   PRO A CD  1 
ATOM   129  N  N   . HIS A 1 17  ? 8.546   6.658   8.800   1.00 4.99  ? 17   HIS A N   1 
ATOM   130  C  CA  . HIS A 1 17  ? 7.968   5.308   8.706   1.00 4.09  ? 17   HIS A CA  1 
ATOM   131  C  C   . HIS A 1 17  ? 8.557   4.496   7.585   1.00 10.64 ? 17   HIS A C   1 
ATOM   132  O  O   . HIS A 1 17  ? 8.315   3.281   7.497   1.00 9.00  ? 17   HIS A O   1 
ATOM   133  C  CB  . HIS A 1 17  ? 6.448   5.398   8.498   1.00 4.72  ? 17   HIS A CB  1 
ATOM   134  C  CG  . HIS A 1 17  ? 5.742   5.999   9.665   1.00 8.97  ? 17   HIS A CG  1 
ATOM   135  N  ND1 . HIS A 1 17  ? 5.597   5.332   10.864  1.00 5.66  ? 17   HIS A ND1 1 
ATOM   136  C  CD2 . HIS A 1 17  ? 5.241   7.239   9.855   1.00 12.40 ? 17   HIS A CD2 1 
ATOM   137  C  CE1 . HIS A 1 17  ? 5.035   6.141   11.740  1.00 5.34  ? 17   HIS A CE1 1 
ATOM   138  N  NE2 . HIS A 1 17  ? 4.791   7.297   11.147  1.00 5.23  ? 17   HIS A NE2 1 
ATOM   139  N  N   . VAL A 1 18  ? 9.319   5.156   6.713   1.00 6.48  ? 18   VAL A N   1 
ATOM   140  C  CA  . VAL A 1 18  ? 9.849   4.466   5.542   1.00 6.67  ? 18   VAL A CA  1 
ATOM   141  C  C   . VAL A 1 18  ? 11.361  4.668   5.338   1.00 15.81 ? 18   VAL A C   1 
ATOM   142  O  O   . VAL A 1 18  ? 11.876  4.510   4.222   1.00 14.76 ? 18   VAL A O   1 
ATOM   143  C  CB  . VAL A 1 18  ? 9.050   4.845   4.275   1.00 6.22  ? 18   VAL A CB  1 
ATOM   144  C  CG1 . VAL A 1 18  ? 7.572   4.553   4.495   1.00 10.08 ? 18   VAL A CG1 1 
ATOM   145  C  CG2 . VAL A 1 18  ? 9.267   6.335   3.945   1.00 8.02  ? 18   VAL A CG2 1 
ATOM   146  N  N   . ASP A 1 19  ? 12.065  4.963   6.436   1.00 10.41 ? 19   ASP A N   1 
ATOM   147  C  CA  . ASP A 1 19  ? 13.501  5.241   6.397   1.00 4.08  ? 19   ASP A CA  1 
ATOM   148  C  C   . ASP A 1 19  ? 14.375  4.000   6.570   1.00 6.89  ? 19   ASP A C   1 
ATOM   149  O  O   . ASP A 1 19  ? 15.083  3.591   5.650   1.00 10.73 ? 19   ASP A O   1 
ATOM   150  C  CB  . ASP A 1 19  ? 13.901  6.355   7.373   1.00 10.42 ? 19   ASP A CB  1 
ATOM   151  C  CG  . ASP A 1 19  ? 13.292  6.187   8.781   1.00 17.49 ? 19   ASP A CG  1 
ATOM   152  O  OD1 . ASP A 1 19  ? 12.663  5.142   9.093   1.00 9.88  ? 19   ASP A OD1 1 
ATOM   153  O  OD2 . ASP A 1 19  ? 13.438  7.057   9.671   1.00 12.49 ? 19   ASP A OD2 1 
ATOM   154  N  N   . THR A 1 20  ? 14.323  3.394   7.749   1.00 5.06  ? 20   THR A N   1 
ATOM   155  C  CA  . THR A 1 20  ? 15.176  2.244   8.017   1.00 12.08 ? 20   THR A CA  1 
ATOM   156  C  C   . THR A 1 20  ? 14.607  0.983   7.396   1.00 11.36 ? 20   THR A C   1 
ATOM   157  O  O   . THR A 1 20  ? 13.403  0.871   7.195   1.00 7.03  ? 20   THR A O   1 
ATOM   158  C  CB  . THR A 1 20  ? 15.359  2.017   9.555   1.00 15.17 ? 20   THR A CB  1 
ATOM   159  O  OG1 . THR A 1 20  ? 14.119  1.594   10.138  1.00 8.55  ? 20   THR A OG1 1 
ATOM   160  C  CG2 . THR A 1 20  ? 15.673  3.319   10.298  1.00 16.82 ? 20   THR A CG2 1 
ATOM   161  N  N   . PRO A 1 21  ? 15.467  0.019   7.090   1.00 4.81  ? 21   PRO A N   1 
ATOM   162  C  CA  . PRO A 1 21  ? 14.993  -1.258  6.570   1.00 8.02  ? 21   PRO A CA  1 
ATOM   163  C  C   . PRO A 1 21  ? 13.899  -1.808  7.478   1.00 9.86  ? 21   PRO A C   1 
ATOM   164  O  O   . PRO A 1 21  ? 12.868  -2.247  6.975   1.00 7.98  ? 21   PRO A O   1 
ATOM   165  C  CB  . PRO A 1 21  ? 16.239  -2.138  6.635   1.00 17.01 ? 21   PRO A CB  1 
ATOM   166  C  CG  . PRO A 1 21  ? 17.357  -1.173  6.451   1.00 13.40 ? 21   PRO A CG  1 
ATOM   167  C  CD  . PRO A 1 21  ? 16.933  0.052   7.229   1.00 10.12 ? 21   PRO A CD  1 
ATOM   168  N  N   . ALA A 1 22  ? 14.086  -1.733  8.799   1.00 7.40  ? 22   ALA A N   1 
ATOM   169  C  CA  . ALA A 1 22  ? 13.064  -2.258  9.709   1.00 12.19 ? 22   ALA A CA  1 
ATOM   170  C  C   . ALA A 1 22  ? 11.718  -1.516  9.614   1.00 9.62  ? 22   ALA A C   1 
ATOM   171  O  O   . ALA A 1 22  ? 10.650  -2.137  9.693   1.00 8.76  ? 22   ALA A O   1 
ATOM   172  C  CB  . ALA A 1 22  ? 13.572  -2.272  11.161  1.00 9.52  ? 22   ALA A CB  1 
ATOM   173  N  N   . HIS A 1 23  ? 11.769  -0.192  9.575   1.00 3.74  ? 23   HIS A N   1 
ATOM   174  C  CA  . HIS A 1 23  ? 10.547  0.624   9.540   1.00 7.95  ? 23   HIS A CA  1 
ATOM   175  C  C   . HIS A 1 23  ? 9.782   0.351   8.232   1.00 6.18  ? 23   HIS A C   1 
ATOM   176  O  O   . HIS A 1 23  ? 8.550   0.318   8.218   1.00 8.18  ? 23   HIS A O   1 
ATOM   177  C  CB  . HIS A 1 23  ? 10.903  2.115   9.624   1.00 5.79  ? 23   HIS A CB  1 
ATOM   178  C  CG  . HIS A 1 23  ? 11.262  2.570   11.004  1.00 11.00 ? 23   HIS A CG  1 
ATOM   179  N  ND1 . HIS A 1 23  ? 11.833  3.798   11.261  1.00 10.55 ? 23   HIS A ND1 1 
ATOM   180  C  CD2 . HIS A 1 23  ? 11.186  1.932   12.198  1.00 15.84 ? 23   HIS A CD2 1 
ATOM   181  C  CE1 . HIS A 1 23  ? 12.052  3.916   12.560  1.00 12.77 ? 23   HIS A CE1 1 
ATOM   182  N  NE2 . HIS A 1 23  ? 11.688  2.790   13.150  1.00 21.31 ? 23   HIS A NE2 1 
ATOM   183  N  N   . ILE A 1 24  ? 10.537  0.164   7.152   1.00 8.07  ? 24   ILE A N   1 
ATOM   184  C  CA  . ILE A 1 24  ? 9.946   -0.096  5.846   1.00 9.43  ? 24   ILE A CA  1 
ATOM   185  C  C   . ILE A 1 24  ? 9.112   -1.386  5.955   1.00 7.59  ? 24   ILE A C   1 
ATOM   186  O  O   . ILE A 1 24  ? 7.933   -1.385  5.594   1.00 11.65 ? 24   ILE A O   1 
ATOM   187  C  CB  . ILE A 1 24  ? 11.048  -0.222  4.781   1.00 6.07  ? 24   ILE A CB  1 
ATOM   188  C  CG1 . ILE A 1 24  ? 11.676  1.149   4.493   1.00 13.79 ? 24   ILE A CG1 1 
ATOM   189  C  CG2 . ILE A 1 24  ? 10.504  -0.824  3.509   1.00 6.48  ? 24   ILE A CG2 1 
ATOM   190  C  CD1 . ILE A 1 24  ? 12.975  1.060   3.684   1.00 9.74  ? 24   ILE A CD1 1 
ATOM   191  N  N   . VAL A 1 25  ? 9.686   -2.435  6.545   1.00 10.85 ? 25   VAL A N   1 
ATOM   192  C  CA  . VAL A 1 25  ? 8.945   -3.694  6.760   1.00 5.85  ? 25   VAL A CA  1 
ATOM   193  C  C   . VAL A 1 25  ? 7.787   -3.489  7.736   1.00 11.33 ? 25   VAL A C   1 
ATOM   194  O  O   . VAL A 1 25  ? 6.641   -3.854  7.452   1.00 6.41  ? 25   VAL A O   1 
ATOM   195  C  CB  . VAL A 1 25  ? 9.874   -4.841  7.249   1.00 7.38  ? 25   VAL A CB  1 
ATOM   196  C  CG1 . VAL A 1 25  ? 9.066   -6.089  7.637   1.00 9.49  ? 25   VAL A CG1 1 
ATOM   197  C  CG2 . VAL A 1 25  ? 10.889  -5.208  6.172   1.00 18.52 ? 25   VAL A CG2 1 
ATOM   198  N  N   . GLU A 1 26  ? 8.055   -2.778  8.826   1.00 4.98  ? 26   GLU A N   1 
ATOM   199  C  CA  . GLU A 1 26  ? 7.037   -2.554  9.836   1.00 7.65  ? 26   GLU A CA  1 
ATOM   200  C  C   . GLU A 1 26  ? 5.810   -1.867  9.263   1.00 11.91 ? 26   GLU A C   1 
ATOM   201  O  O   . GLU A 1 26  ? 4.663   -2.250  9.542   1.00 8.17  ? 26   GLU A O   1 
ATOM   202  C  CB  . GLU A 1 26  ? 7.613   -1.751  11.009  1.00 10.33 ? 26   GLU A CB  1 
ATOM   203  C  CG  . GLU A 1 26  ? 8.453   -2.623  11.927  1.00 9.45  ? 26   GLU A CG  1 
ATOM   204  C  CD  . GLU A 1 26  ? 9.345   -1.795  12.821  1.00 16.06 ? 26   GLU A CD  1 
ATOM   205  O  OE1 . GLU A 1 26  ? 8.901   -0.696  13.232  1.00 15.08 ? 26   GLU A OE1 1 
ATOM   206  O  OE2 . GLU A 1 26  ? 10.483  -2.242  13.100  1.00 14.41 ? 26   GLU A OE2 1 
ATOM   207  N  N   . THR A 1 27  ? 6.056   -0.883  8.413   1.00 8.33  ? 27   THR A N   1 
ATOM   208  C  CA  . THR A 1 27  ? 4.970   -0.120  7.832   1.00 15.65 ? 27   THR A CA  1 
ATOM   209  C  C   . THR A 1 27  ? 4.102   -1.014  6.979   1.00 7.12  ? 27   THR A C   1 
ATOM   210  O  O   . THR A 1 27  ? 2.872   -0.996  7.081   1.00 8.63  ? 27   THR A O   1 
ATOM   211  C  CB  . THR A 1 27  ? 5.526   1.067   7.051   1.00 9.24  ? 27   THR A CB  1 
ATOM   212  O  OG1 . THR A 1 27  ? 5.968   2.057   8.001   1.00 8.90  ? 27   THR A OG1 1 
ATOM   213  C  CG2 . THR A 1 27  ? 4.415   1.789   6.259   1.00 5.78  ? 27   THR A CG2 1 
ATOM   214  N  N   . GLY A 1 28  ? 4.743   -1.824  6.160   1.00 5.79  ? 28   GLY A N   1 
ATOM   215  C  CA  . GLY A 1 28  ? 4.017   -2.752  5.311   1.00 4.47  ? 28   GLY A CA  1 
ATOM   216  C  C   . GLY A 1 28  ? 3.249   -3.800  6.105   1.00 8.81  ? 28   GLY A C   1 
ATOM   217  O  O   . GLY A 1 28  ? 2.137   -4.192  5.721   1.00 6.34  ? 28   GLY A O   1 
ATOM   218  N  N   . LEU A 1 29  ? 3.830   -4.253  7.213   1.00 3.91  ? 29   LEU A N   1 
ATOM   219  C  CA  . LEU A 1 29  ? 3.181   -5.290  8.015   1.00 4.91  ? 29   LEU A CA  1 
ATOM   220  C  C   . LEU A 1 29  ? 1.845   -4.781  8.542   1.00 9.44  ? 29   LEU A C   1 
ATOM   221  O  O   . LEU A 1 29  ? 0.828   -5.477  8.475   1.00 8.12  ? 29   LEU A O   1 
ATOM   222  C  CB  . LEU A 1 29  ? 4.052   -5.709  9.193   1.00 6.38  ? 29   LEU A CB  1 
ATOM   223  C  CG  . LEU A 1 29  ? 5.321   -6.518  8.858   1.00 14.28 ? 29   LEU A CG  1 
ATOM   224  C  CD1 . LEU A 1 29  ? 6.191   -6.684  10.079  1.00 8.93  ? 29   LEU A CD1 1 
ATOM   225  C  CD2 . LEU A 1 29  ? 4.904   -7.874  8.333   1.00 12.72 ? 29   LEU A CD2 1 
ATOM   226  N  N   . GLY A 1 30  ? 1.841   -3.560  9.049   1.00 12.19 ? 30   GLY A N   1 
ATOM   227  C  CA  . GLY A 1 30  ? 0.622   -3.012  9.612   1.00 10.02 ? 30   GLY A CA  1 
ATOM   228  C  C   . GLY A 1 30  ? -0.475  -2.931  8.552   1.00 12.37 ? 30   GLY A C   1 
ATOM   229  O  O   . GLY A 1 30  ? -1.653  -3.178  8.838   1.00 12.03 ? 30   GLY A O   1 
ATOM   230  N  N   . ALA A 1 31  ? -0.104  -2.545  7.335   1.00 9.17  ? 31   ALA A N   1 
ATOM   231  C  CA  . ALA A 1 31  ? -1.089  -2.416  6.265   1.00 13.31 ? 31   ALA A CA  1 
ATOM   232  C  C   . ALA A 1 31  ? -1.744  -3.765  5.985   1.00 14.94 ? 31   ALA A C   1 
ATOM   233  O  O   . ALA A 1 31  ? -2.976  -3.884  5.912   1.00 9.91  ? 31   ALA A O   1 
ATOM   234  C  CB  . ALA A 1 31  ? -0.437  -1.838  4.980   1.00 7.75  ? 31   ALA A CB  1 
ATOM   235  N  N   . TYR A 1 32  ? -0.922  -4.795  5.823   1.00 8.43  ? 32   TYR A N   1 
ATOM   236  C  CA  . TYR A 1 32  ? -1.451  -6.124  5.532   1.00 10.34 ? 32   TYR A CA  1 
ATOM   237  C  C   . TYR A 1 32  ? -2.209  -6.696  6.718   1.00 11.75 ? 32   TYR A C   1 
ATOM   238  O  O   . TYR A 1 32  ? -3.268  -7.304  6.534   1.00 14.30 ? 32   TYR A O   1 
ATOM   239  C  CB  . TYR A 1 32  ? -0.366  -7.069  4.963   1.00 9.27  ? 32   TYR A CB  1 
ATOM   240  C  CG  . TYR A 1 32  ? -0.074  -6.870  3.470   1.00 11.66 ? 32   TYR A CG  1 
ATOM   241  C  CD1 . TYR A 1 32  ? -1.079  -6.971  2.526   1.00 28.30 ? 32   TYR A CD1 1 
ATOM   242  C  CD2 . TYR A 1 32  ? 1.223   -6.566  3.011   1.00 7.53  ? 32   TYR A CD2 1 
ATOM   243  C  CE1 . TYR A 1 32  ? -0.827  -6.762  1.167   1.00 13.27 ? 32   TYR A CE1 1 
ATOM   244  C  CE2 . TYR A 1 32  ? 1.492   -6.418  1.631   1.00 7.71  ? 32   TYR A CE2 1 
ATOM   245  C  CZ  . TYR A 1 32  ? 0.468   -6.509  0.724   1.00 36.21 ? 32   TYR A CZ  1 
ATOM   246  O  OH  . TYR A 1 32  ? 0.731   -6.300  -0.630  1.00 16.74 ? 32   TYR A OH  1 
ATOM   247  N  N   . HIS A 1 33  ? -1.750  -6.408  7.939   1.00 6.09  ? 33   HIS A N   1 
ATOM   248  C  CA  . HIS A 1 33  ? -2.468  -6.847  9.118   1.00 17.70 ? 33   HIS A CA  1 
ATOM   249  C  C   . HIS A 1 33  ? -3.891  -6.292  9.058   1.00 9.55  ? 33   HIS A C   1 
ATOM   250  O  O   . HIS A 1 33  ? -4.851  -7.033  9.273   1.00 13.48 ? 33   HIS A O   1 
ATOM   251  C  CB  . HIS A 1 33  ? -1.773  -6.412  10.409  1.00 12.77 ? 33   HIS A CB  1 
ATOM   252  C  CG  . HIS A 1 33  ? -2.445  -6.911  11.658  1.00 24.96 ? 33   HIS A CG  1 
ATOM   253  N  ND1 . HIS A 1 33  ? -3.381  -6.171  12.350  1.00 40.74 ? 33   HIS A ND1 1 
ATOM   254  C  CD2 . HIS A 1 33  ? -2.349  -8.097  12.308  1.00 31.53 ? 33   HIS A CD2 1 
ATOM   255  C  CE1 . HIS A 1 33  ? -3.828  -6.876  13.374  1.00 30.91 ? 33   HIS A CE1 1 
ATOM   256  N  NE2 . HIS A 1 33  ? -3.230  -8.053  13.361  1.00 27.39 ? 33   HIS A NE2 1 
ATOM   257  N  N   . ALA A 1 34  ? -4.024  -5.001  8.772   1.00 7.05  ? 34   ALA A N   1 
ATOM   258  C  CA  . ALA A 1 34  ? -5.367  -4.410  8.689   1.00 10.17 ? 34   ALA A CA  1 
ATOM   259  C  C   . ALA A 1 34  ? -6.212  -5.093  7.620   1.00 14.79 ? 34   ALA A C   1 
ATOM   260  O  O   . ALA A 1 34  ? -7.418  -5.363  7.822   1.00 8.45  ? 34   ALA A O   1 
ATOM   261  C  CB  . ALA A 1 34  ? -5.300  -2.902  8.439   1.00 7.59  ? 34   ALA A CB  1 
ATOM   262  N  N   . LEU A 1 35  ? -5.574  -5.372  6.484   1.00 13.44 ? 35   LEU A N   1 
ATOM   263  C  CA  . LEU A 1 35  ? -6.241  -5.986  5.340   1.00 12.80 ? 35   LEU A CA  1 
ATOM   264  C  C   . LEU A 1 35  ? -6.746  -7.387  5.695   1.00 8.34  ? 35   LEU A C   1 
ATOM   265  O  O   . LEU A 1 35  ? -7.917  -7.715  5.450   1.00 7.65  ? 35   LEU A O   1 
ATOM   266  C  CB  . LEU A 1 35  ? -5.312  -6.029  4.109   1.00 2.82  ? 35   LEU A CB  1 
ATOM   267  C  CG  . LEU A 1 35  ? -5.901  -6.666  2.838   1.00 5.32  ? 35   LEU A CG  1 
ATOM   268  C  CD1 . LEU A 1 35  ? -7.012  -5.830  2.184   1.00 12.02 ? 35   LEU A CD1 1 
ATOM   269  C  CD2 . LEU A 1 35  ? -4.793  -6.985  1.824   1.00 3.23  ? 35   LEU A CD2 1 
ATOM   270  N  N   . PHE A 1 36  ? -5.916  -8.155  6.399   1.00 6.68  ? 36   PHE A N   1 
ATOM   271  C  CA  . PHE A 1 36  ? -6.251  -9.566  6.657   1.00 8.10  ? 36   PHE A CA  1 
ATOM   272  C  C   . PHE A 1 36  ? -7.200  -9.682  7.840   1.00 11.28 ? 36   PHE A C   1 
ATOM   273  O  O   . PHE A 1 36  ? -7.870  -10.691 8.008   1.00 13.24 ? 36   PHE A O   1 
ATOM   274  C  CB  . PHE A 1 36  ? -4.987  -10.415 6.890   1.00 11.93 ? 36   PHE A CB  1 
ATOM   275  C  CG  . PHE A 1 36  ? -4.086  -10.528 5.677   1.00 8.89  ? 36   PHE A CG  1 
ATOM   276  C  CD1 . PHE A 1 36  ? -4.614  -10.551 4.392   1.00 13.30 ? 36   PHE A CD1 1 
ATOM   277  C  CD2 . PHE A 1 36  ? -2.718  -10.602 5.829   1.00 8.56  ? 36   PHE A CD2 1 
ATOM   278  C  CE1 . PHE A 1 36  ? -3.801  -10.655 3.295   1.00 15.17 ? 36   PHE A CE1 1 
ATOM   279  C  CE2 . PHE A 1 36  ? -1.889  -10.694 4.741   1.00 9.66  ? 36   PHE A CE2 1 
ATOM   280  C  CZ  . PHE A 1 36  ? -2.419  -10.721 3.474   1.00 10.30 ? 36   PHE A CZ  1 
ATOM   281  N  N   . THR A 1 37  ? -7.283  -8.636  8.649   1.00 9.34  ? 37   THR A N   1 
ATOM   282  C  CA  . THR A 1 37  ? -8.200  -8.687  9.772   1.00 19.37 ? 37   THR A CA  1 
ATOM   283  C  C   . THR A 1 37  ? -9.617  -8.465  9.259   1.00 7.29  ? 37   THR A C   1 
ATOM   284  O  O   . THR A 1 37  ? -10.560 -9.129  9.679   1.00 15.44 ? 37   THR A O   1 
ATOM   285  C  CB  . THR A 1 37  ? -7.795  -7.661  10.828  1.00 14.83 ? 37   THR A CB  1 
ATOM   286  O  OG1 . THR A 1 37  ? -6.694  -8.197  11.579  1.00 18.41 ? 37   THR A OG1 1 
ATOM   287  C  CG2 . THR A 1 37  ? -8.899  -7.510  11.871  1.00 20.38 ? 37   THR A CG2 1 
ATOM   288  N  N   . ALA A 1 38  ? -9.729  -7.614  8.249   1.00 8.46  ? 38   ALA A N   1 
ATOM   289  C  CA  . ALA A 1 38  ? -11.015 -7.334  7.626   1.00 19.12 ? 38   ALA A CA  1 
ATOM   290  C  C   . ALA A 1 38  ? -11.412 -8.426  6.617   1.00 8.67  ? 38   ALA A C   1 
ATOM   291  O  O   . ALA A 1 38  ? -12.594 -8.732  6.456   1.00 12.42 ? 38   ALA A O   1 
ATOM   292  C  CB  . ALA A 1 38  ? -10.958 -5.982  6.931   1.00 15.19 ? 38   ALA A CB  1 
ATOM   293  N  N   . HIS A 1 39  ? -10.422 -9.004  5.950   1.00 10.09 ? 39   HIS A N   1 
ATOM   294  C  CA  . HIS A 1 39  ? -10.647 -10.000 4.898   1.00 6.49  ? 39   HIS A CA  1 
ATOM   295  C  C   . HIS A 1 39  ? -9.633  -11.166 5.000   1.00 4.67  ? 39   HIS A C   1 
ATOM   296  O  O   . HIS A 1 39  ? -8.742  -11.305 4.169   1.00 8.20  ? 39   HIS A O   1 
ATOM   297  C  CB  . HIS A 1 39  ? -10.518 -9.341  3.517   1.00 7.49  ? 39   HIS A CB  1 
ATOM   298  C  CG  . HIS A 1 39  ? -11.499 -8.242  3.269   1.00 11.64 ? 39   HIS A CG  1 
ATOM   299  N  ND1 . HIS A 1 39  ? -12.834 -8.481  3.026   1.00 7.13  ? 39   HIS A ND1 1 
ATOM   300  C  CD2 . HIS A 1 39  ? -11.341 -6.897  3.214   1.00 4.36  ? 39   HIS A CD2 1 
ATOM   301  C  CE1 . HIS A 1 39  ? -13.455 -7.335  2.813   1.00 10.69 ? 39   HIS A CE1 1 
ATOM   302  N  NE2 . HIS A 1 39  ? -12.570 -6.359  2.904   1.00 17.19 ? 39   HIS A NE2 1 
ATOM   303  N  N   . PRO A 1 40  ? -9.774  -11.993 6.017   1.00 6.12  ? 40   PRO A N   1 
ATOM   304  C  CA  . PRO A 1 40  ? -8.892  -13.150 6.222   1.00 9.99  ? 40   PRO A CA  1 
ATOM   305  C  C   . PRO A 1 40  ? -8.861  -14.099 5.027   1.00 10.13 ? 40   PRO A C   1 
ATOM   306  O  O   . PRO A 1 40  ? -7.906  -14.846 4.866   1.00 11.80 ? 40   PRO A O   1 
ATOM   307  C  CB  . PRO A 1 40  ? -9.518  -13.881 7.410   1.00 12.70 ? 40   PRO A CB  1 
ATOM   308  C  CG  . PRO A 1 40  ? -10.624 -13.037 7.913   1.00 11.97 ? 40   PRO A CG  1 
ATOM   309  C  CD  . PRO A 1 40  ? -10.831 -11.875 7.032   1.00 4.61  ? 40   PRO A CD  1 
ATOM   310  N  N   . GLN A 1 41  ? -9.942  -14.146 4.259   1.00 10.57 ? 41   GLN A N   1 
ATOM   311  C  CA  . GLN A 1 41  ? -9.986  -14.996 3.080   1.00 7.51  ? 41   GLN A CA  1 
ATOM   312  C  C   . GLN A 1 41  ? -9.011  -14.520 2.015   1.00 9.90  ? 41   GLN A C   1 
ATOM   313  O  O   . GLN A 1 41  ? -8.736  -15.248 1.069   1.00 12.93 ? 41   GLN A O   1 
ATOM   314  C  CB  . GLN A 1 41  ? -11.412 -15.089 2.512   1.00 14.04 ? 41   GLN A CB  1 
ATOM   315  C  CG  . GLN A 1 41  ? -12.397 -15.655 3.539   1.00 20.69 ? 41   GLN A CG  1 
ATOM   316  C  CD  . GLN A 1 41  ? -13.838 -15.683 3.063   1.00 16.92 ? 41   GLN A CD  1 
ATOM   317  O  OE1 . GLN A 1 41  ? -14.757 -15.660 3.882   1.00 20.70 ? 41   GLN A OE1 1 
ATOM   318  N  NE2 . GLN A 1 41  ? -14.039 -15.744 1.754   1.00 23.20 ? 41   GLN A NE2 1 
ATOM   319  N  N   . TYR A 1 42  ? -8.508  -13.289 2.137   1.00 9.66  ? 42   TYR A N   1 
ATOM   320  C  CA  . TYR A 1 42  ? -7.525  -12.832 1.153   1.00 8.88  ? 42   TYR A CA  1 
ATOM   321  C  C   . TYR A 1 42  ? -6.158  -13.458 1.391   1.00 8.24  ? 42   TYR A C   1 
ATOM   322  O  O   . TYR A 1 42  ? -5.315  -13.429 0.484   1.00 9.54  ? 42   TYR A O   1 
ATOM   323  C  CB  . TYR A 1 42  ? -7.325  -11.312 1.164   1.00 3.31  ? 42   TYR A CB  1 
ATOM   324  C  CG  . TYR A 1 42  ? -8.521  -10.529 0.753   1.00 14.51 ? 42   TYR A CG  1 
ATOM   325  C  CD1 . TYR A 1 42  ? -9.708  -11.159 0.368   1.00 5.86  ? 42   TYR A CD1 1 
ATOM   326  C  CD2 . TYR A 1 42  ? -8.473  -9.148  0.764   1.00 10.16 ? 42   TYR A CD2 1 
ATOM   327  C  CE1 . TYR A 1 42  ? -10.825 -10.401 0.036   1.00 14.48 ? 42   TYR A CE1 1 
ATOM   328  C  CE2 . TYR A 1 42  ? -9.535  -8.403  0.379   1.00 6.07  ? 42   TYR A CE2 1 
ATOM   329  C  CZ  . TYR A 1 42  ? -10.727 -9.025  0.059   1.00 11.42 ? 42   TYR A CZ  1 
ATOM   330  O  OH  . TYR A 1 42  ? -11.805 -8.228  -0.241  1.00 9.10  ? 42   TYR A OH  1 
ATOM   331  N  N   . ILE A 1 43  ? -5.935  -13.986 2.591   1.00 9.88  ? 43   ILE A N   1 
ATOM   332  C  CA  . ILE A 1 43  ? -4.626  -14.552 2.942   1.00 11.51 ? 43   ILE A CA  1 
ATOM   333  C  C   . ILE A 1 43  ? -4.149  -15.594 1.946   1.00 17.25 ? 43   ILE A C   1 
ATOM   334  O  O   . ILE A 1 43  ? -3.020  -15.527 1.474   1.00 9.26  ? 43   ILE A O   1 
ATOM   335  C  CB  . ILE A 1 43  ? -4.614  -15.133 4.379   1.00 14.41 ? 43   ILE A CB  1 
ATOM   336  C  CG1 . ILE A 1 43  ? -4.721  -14.002 5.408   1.00 7.85  ? 43   ILE A CG1 1 
ATOM   337  C  CG2 . ILE A 1 43  ? -3.338  -15.965 4.615   1.00 8.86  ? 43   ILE A CG2 1 
ATOM   338  C  CD1 . ILE A 1 43  ? -4.946  -14.475 6.867   1.00 14.77 ? 43   ILE A CD1 1 
ATOM   339  N  N   . SER A 1 44  ? -5.022  -16.547 1.625   1.00 6.78  ? 44   SER A N   1 
ATOM   340  C  CA  . SER A 1 44  ? -4.664  -17.641 0.730   1.00 10.03 ? 44   SER A CA  1 
ATOM   341  C  C   . SER A 1 44  ? -4.415  -17.201 -0.709  1.00 8.42  ? 44   SER A C   1 
ATOM   342  O  O   . SER A 1 44  ? -3.901  -17.967 -1.506  1.00 12.43 ? 44   SER A O   1 
ATOM   343  C  CB  . SER A 1 44  ? -5.729  -18.735 0.771   1.00 30.72 ? 44   SER A CB  1 
ATOM   344  O  OG  . SER A 1 44  ? -6.953  -18.261 0.242   1.00 21.42 ? 44   SER A OG  1 
ATOM   345  N  N   . HIS A 1 45  ? -4.694  -15.941 -1.008  1.00 13.55 ? 45   HIS A N   1 
ATOM   346  C  CA  . HIS A 1 45  ? -4.443  -15.416 -2.346  1.00 3.82  ? 45   HIS A CA  1 
ATOM   347  C  C   . HIS A 1 45  ? -2.983  -15.004 -2.529  1.00 6.20  ? 45   HIS A C   1 
ATOM   348  O  O   . HIS A 1 45  ? -2.532  -14.789 -3.649  1.00 16.27 ? 45   HIS A O   1 
ATOM   349  C  CB  . HIS A 1 45  ? -5.391  -14.260 -2.643  1.00 5.64  ? 45   HIS A CB  1 
ATOM   350  C  CG  . HIS A 1 45  ? -6.833  -14.651 -2.578  1.00 5.33  ? 45   HIS A CG  1 
ATOM   351  N  ND1 . HIS A 1 45  ? -7.860  -13.730 -2.565  1.00 17.70 ? 45   HIS A ND1 1 
ATOM   352  C  CD2 . HIS A 1 45  ? -7.421  -15.875 -2.611  1.00 21.20 ? 45   HIS A CD2 1 
ATOM   353  C  CE1 . HIS A 1 45  ? -9.018  -14.370 -2.537  1.00 19.38 ? 45   HIS A CE1 1 
ATOM   354  N  NE2 . HIS A 1 45  ? -8.780  -15.672 -2.551  1.00 25.49 ? 45   HIS A NE2 1 
ATOM   355  N  N   . PHE A 1 46  ? -2.233  -14.964 -1.430  1.00 13.52 ? 46   PHE A N   1 
ATOM   356  C  CA  . PHE A 1 46  ? -0.813  -14.594 -1.466  1.00 13.03 ? 46   PHE A CA  1 
ATOM   357  C  C   . PHE A 1 46  ? -0.046  -15.917 -1.402  1.00 4.72  ? 46   PHE A C   1 
ATOM   358  O  O   . PHE A 1 46  ? -0.113  -16.634 -0.414  1.00 7.05  ? 46   PHE A O   1 
ATOM   359  C  CB  . PHE A 1 46  ? -0.455  -13.710 -0.256  1.00 8.21  ? 46   PHE A CB  1 
ATOM   360  C  CG  . PHE A 1 46  ? -1.034  -12.315 -0.306  1.00 9.51  ? 46   PHE A CG  1 
ATOM   361  C  CD1 . PHE A 1 46  ? -2.400  -12.088 -0.116  1.00 11.35 ? 46   PHE A CD1 1 
ATOM   362  C  CD2 . PHE A 1 46  ? -0.199  -11.215 -0.500  1.00 9.22  ? 46   PHE A CD2 1 
ATOM   363  C  CE1 . PHE A 1 46  ? -2.934  -10.780 -0.152  1.00 7.73  ? 46   PHE A CE1 1 
ATOM   364  C  CE2 . PHE A 1 46  ? -0.714  -9.929  -0.571  1.00 10.07 ? 46   PHE A CE2 1 
ATOM   365  C  CZ  . PHE A 1 46  ? -2.081  -9.695  -0.376  1.00 4.85  ? 46   PHE A CZ  1 
ATOM   366  N  N   . SER A 1 47  ? 0.612   -16.288 -2.497  1.00 12.02 ? 47   SER A N   1 
ATOM   367  C  CA  . SER A 1 47  ? 1.187   -17.630 -2.582  1.00 14.22 ? 47   SER A CA  1 
ATOM   368  C  C   . SER A 1 47  ? 2.053   -18.035 -1.380  1.00 8.00  ? 47   SER A C   1 
ATOM   369  O  O   . SER A 1 47  ? 1.950   -19.157 -0.876  1.00 7.24  ? 47   SER A O   1 
ATOM   370  C  CB  . SER A 1 47  ? 1.950   -17.814 -3.900  1.00 17.74 ? 47   SER A CB  1 
ATOM   371  O  OG  . SER A 1 47  ? 2.999   -16.866 -4.015  1.00 9.10  ? 47   SER A OG  1 
ATOM   372  N  N   . ARG A 1 48  ? 2.915   -17.128 -0.942  1.00 8.80  ? 48   ARG A N   1 
ATOM   373  C  CA  . ARG A 1 48  ? 3.824   -17.425 0.155   1.00 8.22  ? 48   ARG A CA  1 
ATOM   374  C  C   . ARG A 1 48  ? 3.118   -17.582 1.516   1.00 3.98  ? 48   ARG A C   1 
ATOM   375  O  O   . ARG A 1 48  ? 3.732   -18.048 2.481   1.00 9.97  ? 48   ARG A O   1 
ATOM   376  C  CB  . ARG A 1 48  ? 4.913   -16.359 0.257   1.00 11.94 ? 48   ARG A CB  1 
ATOM   377  C  CG  . ARG A 1 48  ? 5.818   -16.250 -0.925  1.00 4.25  ? 48   ARG A CG  1 
ATOM   378  C  CD  . ARG A 1 48  ? 6.916   -15.188 -0.729  1.00 9.21  ? 48   ARG A CD  1 
ATOM   379  N  NE  . ARG A 1 48  ? 7.614   -14.943 -1.990  1.00 21.14 ? 48   ARG A NE  1 
ATOM   380  C  CZ  . ARG A 1 48  ? 8.875   -14.532 -2.109  1.00 11.95 ? 48   ARG A CZ  1 
ATOM   381  N  NH1 . ARG A 1 48  ? 9.622   -14.285 -1.034  1.00 10.22 ? 48   ARG A NH1 1 
ATOM   382  N  NH2 . ARG A 1 48  ? 9.385   -14.366 -3.329  1.00 14.21 ? 48   ARG A NH2 1 
ATOM   383  N  N   . LEU A 1 49  ? 1.833   -17.206 1.581   1.00 7.70  ? 49   LEU A N   1 
ATOM   384  C  CA  . LEU A 1 49  ? 1.074   -17.194 2.835   1.00 15.80 ? 49   LEU A CA  1 
ATOM   385  C  C   . LEU A 1 49  ? 0.119   -18.380 2.945   1.00 8.10  ? 49   LEU A C   1 
ATOM   386  O  O   . LEU A 1 49  ? -0.528  -18.579 3.981   1.00 9.83  ? 49   LEU A O   1 
ATOM   387  C  CB  . LEU A 1 49  ? 0.248   -15.903 2.962   1.00 4.17  ? 49   LEU A CB  1 
ATOM   388  C  CG  . LEU A 1 49  ? 0.996   -14.576 2.865   1.00 6.07  ? 49   LEU A CG  1 
ATOM   389  C  CD1 . LEU A 1 49  ? 0.037   -13.427 3.280   1.00 6.12  ? 49   LEU A CD1 1 
ATOM   390  C  CD2 . LEU A 1 49  ? 2.272   -14.614 3.767   1.00 5.86  ? 49   LEU A CD2 1 
ATOM   391  N  N   . GLU A 1 50  ? 0.033   -19.170 1.884   1.00 6.65  ? 50   GLU A N   1 
ATOM   392  C  CA  . GLU A 1 50  ? -0.938  -20.263 1.838   1.00 12.98 ? 50   GLU A CA  1 
ATOM   393  C  C   . GLU A 1 50  ? -0.836  -21.200 3.035   1.00 15.55 ? 50   GLU A C   1 
ATOM   394  O  O   . GLU A 1 50  ? 0.260   -21.597 3.432   1.00 9.16  ? 50   GLU A O   1 
ATOM   395  C  CB  . GLU A 1 50  ? -0.825  -21.045 0.521   1.00 8.25  ? 50   GLU A CB  1 
ATOM   396  C  CG  . GLU A 1 50  ? -1.177  -20.211 -0.699  1.00 26.83 ? 50   GLU A CG  1 
ATOM   397  C  CD  . GLU A 1 50  ? -0.789  -20.881 -2.004  1.00 93.41 ? 50   GLU A CD  1 
ATOM   398  O  OE1 . GLU A 1 50  ? -0.368  -22.062 -1.970  1.00 27.10 ? 50   GLU A OE1 1 
ATOM   399  O  OE2 . GLU A 1 50  ? -0.897  -20.225 -3.064  1.00 24.45 ? 50   GLU A OE2 1 
ATOM   400  N  N   . GLY A 1 51  ? -1.989  -21.503 3.639   1.00 10.55 ? 51   GLY A N   1 
ATOM   401  C  CA  . GLY A 1 51  ? -2.056  -22.339 4.830   1.00 13.68 ? 51   GLY A CA  1 
ATOM   402  C  C   . GLY A 1 51  ? -2.077  -21.559 6.137   1.00 17.74 ? 51   GLY A C   1 
ATOM   403  O  O   . GLY A 1 51  ? -2.319  -22.113 7.212   1.00 15.74 ? 51   GLY A O   1 
ATOM   404  N  N   . HIS A 1 52  ? -1.815  -20.261 6.063   1.00 9.48  ? 52   HIS A N   1 
ATOM   405  C  CA  . HIS A 1 52  ? -1.843  -19.457 7.261   1.00 8.82  ? 52   HIS A CA  1 
ATOM   406  C  C   . HIS A 1 52  ? -3.279  -19.017 7.566   1.00 5.69  ? 52   HIS A C   1 
ATOM   407  O  O   . HIS A 1 52  ? -4.143  -18.994 6.683   1.00 10.64 ? 52   HIS A O   1 
ATOM   408  C  CB  . HIS A 1 52  ? -0.936  -18.226 7.152   1.00 6.97  ? 52   HIS A CB  1 
ATOM   409  C  CG  . HIS A 1 52  ? 0.515   -18.521 7.386   1.00 7.11  ? 52   HIS A CG  1 
ATOM   410  N  ND1 . HIS A 1 52  ? 1.031   -18.743 8.644   1.00 13.07 ? 52   HIS A ND1 1 
ATOM   411  C  CD2 . HIS A 1 52  ? 1.537   -18.725 6.523   1.00 7.06  ? 52   HIS A CD2 1 
ATOM   412  C  CE1 . HIS A 1 52  ? 2.307   -19.073 8.546   1.00 15.69 ? 52   HIS A CE1 1 
ATOM   413  N  NE2 . HIS A 1 52  ? 2.651   -19.026 7.273   1.00 13.65 ? 52   HIS A NE2 1 
ATOM   414  N  N   . THR A 1 53  ? -3.522  -18.678 8.824   1.00 11.25 ? 53   THR A N   1 
ATOM   415  C  CA  . THR A 1 53  ? -4.779  -18.047 9.214   1.00 10.23 ? 53   THR A CA  1 
ATOM   416  C  C   . THR A 1 53  ? -4.439  -16.693 9.777   1.00 13.91 ? 53   THR A C   1 
ATOM   417  O  O   . THR A 1 53  ? -3.266  -16.377 9.992   1.00 10.87 ? 53   THR A O   1 
ATOM   418  C  CB  . THR A 1 53  ? -5.474  -18.841 10.321  1.00 5.34  ? 53   THR A CB  1 
ATOM   419  O  OG1 . THR A 1 53  ? -4.580  -18.938 11.444  1.00 10.87 ? 53   THR A OG1 1 
ATOM   420  C  CG2 . THR A 1 53  ? -5.747  -20.284 9.875   1.00 9.41  ? 53   THR A CG2 1 
ATOM   421  N  N   . ILE A 1 54  ? -5.468  -15.937 10.140  1.00 11.07 ? 54   ILE A N   1 
ATOM   422  C  CA  . ILE A 1 54  ? -5.228  -14.600 10.670  1.00 10.67 ? 54   ILE A CA  1 
ATOM   423  C  C   . ILE A 1 54  ? -4.533  -14.701 12.013  1.00 13.41 ? 54   ILE A C   1 
ATOM   424  O  O   . ILE A 1 54  ? -3.795  -13.809 12.401  1.00 13.63 ? 54   ILE A O   1 
ATOM   425  C  CB  . ILE A 1 54  ? -6.528  -13.767 10.722  1.00 8.61  ? 54   ILE A CB  1 
ATOM   426  C  CG1 . ILE A 1 54  ? -6.264  -12.349 11.261  1.00 13.82 ? 54   ILE A CG1 1 
ATOM   427  C  CG2 . ILE A 1 54  ? -7.559  -14.447 11.597  1.00 17.63 ? 54   ILE A CG2 1 
ATOM   428  C  CD1 . ILE A 1 54  ? -5.228  -11.557 10.486  1.00 13.49 ? 54   ILE A CD1 1 
ATOM   429  N  N   . GLU A 1 55  ? -4.700  -15.835 12.686  1.00 6.77  ? 55   GLU A N   1 
ATOM   430  C  CA  . GLU A 1 55  ? -4.042  -16.071 13.963  1.00 8.32  ? 55   GLU A CA  1 
ATOM   431  C  C   . GLU A 1 55  ? -2.513  -16.080 13.825  1.00 17.83 ? 55   GLU A C   1 
ATOM   432  O  O   . GLU A 1 55  ? -1.789  -15.662 14.745  1.00 11.39 ? 55   GLU A O   1 
ATOM   433  C  CB  . GLU A 1 55  ? -4.513  -17.416 14.545  1.00 9.58  ? 55   GLU A CB  1 
ATOM   434  C  CG  . GLU A 1 55  ? -3.981  -17.768 15.922  1.00 14.31 ? 55   GLU A CG  1 
ATOM   435  C  CD  . GLU A 1 55  ? -4.432  -19.154 16.350  1.00 13.15 ? 55   GLU A CD  1 
ATOM   436  O  OE1 . GLU A 1 55  ? -5.330  -19.251 17.205  1.00 16.85 ? 55   GLU A OE1 1 
ATOM   437  O  OE2 . GLU A 1 55  ? -3.940  -20.146 15.760  1.00 11.87 ? 55   GLU A OE2 1 
ATOM   438  N  N   . ASN A 1 56  ? -2.016  -16.566 12.691  1.00 12.03 ? 56   ASN A N   1 
ATOM   439  C  CA  . ASN A 1 56  ? -0.569  -16.767 12.573  1.00 12.48 ? 56   ASN A CA  1 
ATOM   440  C  C   . ASN A 1 56  ? 0.109   -16.188 11.331  1.00 15.20 ? 56   ASN A C   1 
ATOM   441  O  O   . ASN A 1 56  ? 1.308   -16.329 11.171  1.00 11.65 ? 56   ASN A O   1 
ATOM   442  C  CB  . ASN A 1 56  ? -0.224  -18.253 12.725  1.00 8.63  ? 56   ASN A CB  1 
ATOM   443  C  CG  . ASN A 1 56  ? -0.941  -19.107 11.721  1.00 10.39 ? 56   ASN A CG  1 
ATOM   444  O  OD1 . ASN A 1 56  ? -1.125  -18.701 10.574  1.00 11.22 ? 56   ASN A OD1 1 
ATOM   445  N  ND2 . ASN A 1 56  ? -1.443  -20.252 12.164  1.00 11.37 ? 56   ASN A ND2 1 
ATOM   446  N  N   . VAL A 1 57  ? -0.646  -15.540 10.455  1.00 9.84  ? 57   VAL A N   1 
ATOM   447  C  CA  . VAL A 1 57  ? -0.057  -14.980 9.247   1.00 13.42 ? 57   VAL A CA  1 
ATOM   448  C  C   . VAL A 1 57  ? 1.037   -13.935 9.522   1.00 20.26 ? 57   VAL A C   1 
ATOM   449  O  O   . VAL A 1 57  ? 2.031   -13.864 8.791   1.00 6.68  ? 57   VAL A O   1 
ATOM   450  C  CB  . VAL A 1 57  ? -1.116  -14.414 8.291   1.00 12.00 ? 57   VAL A CB  1 
ATOM   451  C  CG1 . VAL A 1 57  ? -1.879  -13.264 8.937   1.00 6.50  ? 57   VAL A CG1 1 
ATOM   452  C  CG2 . VAL A 1 57  ? -0.474  -13.968 7.006   1.00 24.87 ? 57   VAL A CG2 1 
ATOM   453  N  N   . MET A 1 58  ? 0.856   -13.135 10.566  1.00 7.59  ? 58   MET A N   1 
ATOM   454  C  CA  . MET A 1 58  ? 1.846   -12.075 10.824  1.00 7.11  ? 58   MET A CA  1 
ATOM   455  C  C   . MET A 1 58  ? 3.216   -12.621 11.230  1.00 6.83  ? 58   MET A C   1 
ATOM   456  O  O   . MET A 1 58  ? 4.211   -11.903 11.202  1.00 9.43  ? 58   MET A O   1 
ATOM   457  C  CB  . MET A 1 58  ? 1.302   -11.092 11.864  1.00 7.92  ? 58   MET A CB  1 
ATOM   458  C  CG  . MET A 1 58  ? 0.081   -10.309 11.396  1.00 8.86  ? 58   MET A CG  1 
ATOM   459  S  SD  . MET A 1 58  ? 0.178   -9.804  9.667   1.00 13.48 ? 58   MET A SD  1 
ATOM   460  C  CE  . MET A 1 58  ? 1.352   -8.460  9.763   1.00 17.89 ? 58   MET A CE  1 
ATOM   461  N  N   . GLN A 1 59  ? 3.257   -13.894 11.607  1.00 10.08 ? 59   GLN A N   1 
ATOM   462  C  CA  . GLN A 1 59  ? 4.540   -14.512 11.990  1.00 13.34 ? 59   GLN A CA  1 
ATOM   463  C  C   . GLN A 1 59  ? 5.200   -15.276 10.866  1.00 9.28  ? 59   GLN A C   1 
ATOM   464  O  O   . GLN A 1 59  ? 6.204   -15.942 11.078  1.00 13.04 ? 59   GLN A O   1 
ATOM   465  C  CB  . GLN A 1 59  ? 4.349   -15.433 13.199  1.00 17.01 ? 59   GLN A CB  1 
ATOM   466  C  CG  . GLN A 1 59  ? 4.316   -14.707 14.531  1.00 19.51 ? 59   GLN A CG  1 
ATOM   467  C  CD  . GLN A 1 59  ? 3.023   -13.970 14.774  1.00 30.34 ? 59   GLN A CD  1 
ATOM   468  O  OE1 . GLN A 1 59  ? 1.974   -14.580 14.996  1.00 26.66 ? 59   GLN A OE1 1 
ATOM   469  N  NE2 . GLN A 1 59  ? 2.857   -12.644 14.789  0.00 20.30 ? 59   GLN A NE2 1 
ATOM   470  N  N   . SER A 1 60  ? 4.659   -15.205 9.652   1.00 14.98 ? 60   SER A N   1 
ATOM   471  C  CA  . SER A 1 60  ? 5.252   -15.933 8.537   1.00 9.22  ? 60   SER A CA  1 
ATOM   472  C  C   . SER A 1 60  ? 6.468   -15.192 7.984   1.00 17.75 ? 60   SER A C   1 
ATOM   473  O  O   . SER A 1 60  ? 6.659   -14.001 8.228   1.00 11.74 ? 60   SER A O   1 
ATOM   474  C  CB  . SER A 1 60  ? 4.230   -16.113 7.425   1.00 10.67 ? 60   SER A CB  1 
ATOM   475  O  OG  . SER A 1 60  ? 3.894   -14.833 6.893   1.00 8.23  ? 60   SER A OG  1 
ATOM   476  N  N   . ASP A 1 61  ? 7.275   -15.895 7.205   1.00 12.31 ? 61   ASP A N   1 
ATOM   477  C  CA  . ASP A 1 61  ? 8.399   -15.259 6.538   1.00 8.08  ? 61   ASP A CA  1 
ATOM   478  C  C   . ASP A 1 61  ? 7.887   -14.437 5.371   1.00 9.61  ? 61   ASP A C   1 
ATOM   479  O  O   . ASP A 1 61  ? 8.355   -13.318 5.092   1.00 6.64  ? 61   ASP A O   1 
ATOM   480  C  CB  . ASP A 1 61  ? 9.350   -16.322 6.015   1.00 8.10  ? 61   ASP A CB  1 
ATOM   481  C  CG  . ASP A 1 61  ? 10.129  -16.973 7.122   1.00 17.57 ? 61   ASP A CG  1 
ATOM   482  O  OD1 . ASP A 1 61  ? 10.391  -16.296 8.141   1.00 21.27 ? 61   ASP A OD1 1 
ATOM   483  O  OD2 . ASP A 1 61  ? 10.521  -18.144 7.059   1.00 19.12 ? 61   ASP A OD2 1 
ATOM   484  N  N   . GLY A 1 62  ? 6.897   -15.000 4.712   1.00 7.75  ? 62   GLY A N   1 
ATOM   485  C  CA  . GLY A 1 62  ? 6.354   -14.412 3.506   1.00 11.70 ? 62   GLY A CA  1 
ATOM   486  C  C   . GLY A 1 62  ? 5.829   -13.014 3.712   1.00 10.74 ? 62   GLY A C   1 
ATOM   487  O  O   . GLY A 1 62  ? 5.955   -12.172 2.828   1.00 9.86  ? 62   GLY A O   1 
ATOM   488  N  N   . ILE A 1 63  ? 5.217   -12.763 4.860   1.00 6.16  ? 63   ILE A N   1 
ATOM   489  C  CA  . ILE A 1 63  ? 4.567   -11.455 5.049   1.00 3.96  ? 63   ILE A CA  1 
ATOM   490  C  C   . ILE A 1 63  ? 5.594   -10.328 5.091   1.00 7.92  ? 63   ILE A C   1 
ATOM   491  O  O   . ILE A 1 63  ? 5.264   -9.174  4.857   1.00 6.70  ? 63   ILE A O   1 
ATOM   492  C  CB  . ILE A 1 63  ? 3.688   -11.428 6.326   1.00 9.22  ? 63   ILE A CB  1 
ATOM   493  C  CG1 . ILE A 1 63  ? 2.702   -10.258 6.251   1.00 8.99  ? 63   ILE A CG1 1 
ATOM   494  C  CG2 . ILE A 1 63  ? 4.552   -11.321 7.604   1.00 6.43  ? 63   ILE A CG2 1 
ATOM   495  C  CD1 . ILE A 1 63  ? 1.987   -10.150 4.940   1.00 18.34 ? 63   ILE A CD1 1 
ATOM   496  N  N   . LYS A 1 64  ? 6.835   -10.663 5.426   1.00 8.87  ? 64   LYS A N   1 
ATOM   497  C  CA  . LYS A 1 64  ? 7.880   -9.636  5.476   1.00 8.82  ? 64   LYS A CA  1 
ATOM   498  C  C   . LYS A 1 64  ? 8.266   -9.219  4.058   1.00 16.67 ? 64   LYS A C   1 
ATOM   499  O  O   . LYS A 1 64  ? 8.467   -8.035  3.788   1.00 9.84  ? 64   LYS A O   1 
ATOM   500  C  CB  . LYS A 1 64  ? 9.125   -10.135 6.242   1.00 5.79  ? 64   LYS A CB  1 
ATOM   501  C  CG  . LYS A 1 64  ? 8.869   -10.880 7.547   1.00 25.42 ? 64   LYS A CG  1 
ATOM   502  C  CD  . LYS A 1 64  ? 10.161  -11.461 8.099   0.00 12.88 ? 64   LYS A CD  1 
ATOM   503  C  CE  . LYS A 1 64  ? 10.170  -11.541 9.624   0.00 14.00 ? 64   LYS A CE  1 
ATOM   504  N  NZ  . LYS A 1 64  ? 11.503  -11.961 10.150  0.00 14.30 ? 64   LYS A NZ  1 
ATOM   505  N  N   . HIS A 1 65  ? 8.343   -10.187 3.162   1.00 5.53  ? 65   HIS A N   1 
ATOM   506  C  CA  . HIS A 1 65  ? 8.575   -9.901  1.743   1.00 11.29 ? 65   HIS A CA  1 
ATOM   507  C  C   . HIS A 1 65  ? 7.511   -8.937  1.189   1.00 8.51  ? 65   HIS A C   1 
ATOM   508  O  O   . HIS A 1 65  ? 7.810   -7.852  0.676   1.00 8.91  ? 65   HIS A O   1 
ATOM   509  C  CB  . HIS A 1 65  ? 8.523   -11.214 0.978   1.00 5.68  ? 65   HIS A CB  1 
ATOM   510  C  CG  . HIS A 1 65  ? 8.513   -11.055 -0.503  1.00 7.17  ? 65   HIS A CG  1 
ATOM   511  N  ND1 . HIS A 1 65  ? 9.635   -10.680 -1.212  1.00 15.02 ? 65   HIS A ND1 1 
ATOM   512  C  CD2 . HIS A 1 65  ? 7.534   -11.253 -1.417  1.00 12.59 ? 65   HIS A CD2 1 
ATOM   513  C  CE1 . HIS A 1 65  ? 9.345   -10.658 -2.502  1.00 15.51 ? 65   HIS A CE1 1 
ATOM   514  N  NE2 . HIS A 1 65  ? 8.083   -11.014 -2.654  1.00 14.53 ? 65   HIS A NE2 1 
ATOM   515  N  N   . TYR A 1 66  ? 6.260   -9.344  1.316   1.00 9.89  ? 66   TYR A N   1 
ATOM   516  C  CA  . TYR A 1 66  ? 5.142   -8.513  0.912   1.00 9.28  ? 66   TYR A CA  1 
ATOM   517  C  C   . TYR A 1 66  ? 5.154   -7.132  1.578   1.00 2.88  ? 66   TYR A C   1 
ATOM   518  O  O   . TYR A 1 66  ? 4.863   -6.139  0.934   1.00 5.83  ? 66   TYR A O   1 
ATOM   519  C  CB  . TYR A 1 66  ? 3.839   -9.259  1.177   1.00 7.88  ? 66   TYR A CB  1 
ATOM   520  C  CG  . TYR A 1 66  ? 3.738   -10.565 0.398   1.00 2.84  ? 66   TYR A CG  1 
ATOM   521  C  CD1 . TYR A 1 66  ? 3.830   -10.571 -0.986  1.00 8.58  ? 66   TYR A CD1 1 
ATOM   522  C  CD2 . TYR A 1 66  ? 3.412   -11.753 1.034   1.00 7.71  ? 66   TYR A CD2 1 
ATOM   523  C  CE1 . TYR A 1 66  ? 3.702   -11.730 -1.704  1.00 8.73  ? 66   TYR A CE1 1 
ATOM   524  C  CE2 . TYR A 1 66  ? 3.273   -12.931 0.319   1.00 7.39  ? 66   TYR A CE2 1 
ATOM   525  C  CZ  . TYR A 1 66  ? 3.392   -12.904 -1.052  1.00 11.43 ? 66   TYR A CZ  1 
ATOM   526  O  OH  . TYR A 1 66  ? 3.251   -14.073 -1.766  1.00 8.70  ? 66   TYR A OH  1 
ATOM   527  N  N   . ALA A 1 67  ? 5.412   -7.076  2.883   1.00 4.80  ? 67   ALA A N   1 
ATOM   528  C  CA  . ALA A 1 67  ? 5.450   -5.784  3.573   1.00 8.24  ? 67   ALA A CA  1 
ATOM   529  C  C   . ALA A 1 67  ? 6.492   -4.869  2.920   1.00 15.32 ? 67   ALA A C   1 
ATOM   530  O  O   . ALA A 1 67  ? 6.197   -3.722  2.600   1.00 7.64  ? 67   ALA A O   1 
ATOM   531  C  CB  . ALA A 1 67  ? 5.795   -5.972  5.061   1.00 10.92 ? 67   ALA A CB  1 
ATOM   532  N  N   . ARG A 1 68  ? 7.718   -5.369  2.740   1.00 6.53  ? 68   ARG A N   1 
ATOM   533  C  CA  . ARG A 1 68  ? 8.753   -4.547  2.107   1.00 5.52  ? 68   ARG A CA  1 
ATOM   534  C  C   . ARG A 1 68  ? 8.334   -4.025  0.721   1.00 6.95  ? 68   ARG A C   1 
ATOM   535  O  O   . ARG A 1 68  ? 8.423   -2.818  0.447   1.00 6.49  ? 68   ARG A O   1 
ATOM   536  C  CB  . ARG A 1 68  ? 10.090  -5.303  2.022   1.00 8.27  ? 68   ARG A CB  1 
ATOM   537  C  CG  . ARG A 1 68  ? 11.194  -4.552  1.288   1.00 21.45 ? 68   ARG A CG  1 
ATOM   538  C  CD  . ARG A 1 68  ? 12.496  -5.365  1.112   1.00 10.03 ? 68   ARG A CD  1 
ATOM   539  N  NE  . ARG A 1 68  ? 12.322  -6.549  0.261   1.00 12.93 ? 68   ARG A NE  1 
ATOM   540  C  CZ  . ARG A 1 68  ? 12.231  -6.521  -1.063  1.00 17.99 ? 68   ARG A CZ  1 
ATOM   541  N  NH1 . ARG A 1 68  ? 12.285  -5.362  -1.714  1.00 23.44 ? 68   ARG A NH1 1 
ATOM   542  N  NH2 . ARG A 1 68  ? 12.079  -7.654  -1.743  1.00 16.49 ? 68   ARG A NH2 1 
ATOM   543  N  N   . THR A 1 69  ? 7.864   -4.920  -0.142  1.00 8.58  ? 69   THR A N   1 
ATOM   544  C  CA  . THR A 1 69  ? 7.578   -4.531  -1.524  1.00 3.19  ? 69   THR A CA  1 
ATOM   545  C  C   . THR A 1 69  ? 6.401   -3.551  -1.605  1.00 4.73  ? 69   THR A C   1 
ATOM   546  O  O   . THR A 1 69  ? 6.392   -2.687  -2.462  1.00 5.85  ? 69   THR A O   1 
ATOM   547  C  CB  . THR A 1 69  ? 7.352   -5.752  -2.438  1.00 8.12  ? 69   THR A CB  1 
ATOM   548  O  OG1 . THR A 1 69  ? 6.285   -6.563  -1.930  1.00 10.81 ? 69   THR A OG1 1 
ATOM   549  C  CG2 . THR A 1 69  ? 8.549   -6.680  -2.396  1.00 4.64  ? 69   THR A CG2 1 
ATOM   550  N  N   . LEU A 1 70  ? 5.435   -3.685  -0.685  1.00 7.68  ? 70   LEU A N   1 
ATOM   551  C  CA  . LEU A 1 70  ? 4.300   -2.759  -0.612  1.00 8.05  ? 70   LEU A CA  1 
ATOM   552  C  C   . LEU A 1 70  ? 4.763   -1.349  -0.254  1.00 7.16  ? 70   LEU A C   1 
ATOM   553  O  O   . LEU A 1 70  ? 4.458   -0.395  -0.940  1.00 13.88 ? 70   LEU A O   1 
ATOM   554  C  CB  . LEU A 1 70  ? 3.286   -3.232  0.434   1.00 7.76  ? 70   LEU A CB  1 
ATOM   555  C  CG  . LEU A 1 70  ? 2.068   -2.331  0.671   1.00 16.10 ? 70   LEU A CG  1 
ATOM   556  C  CD1 . LEU A 1 70  ? 1.260   -2.117  -0.599  1.00 13.80 ? 70   LEU A CD1 1 
ATOM   557  C  CD2 . LEU A 1 70  ? 1.184   -2.929  1.782   1.00 11.53 ? 70   LEU A CD2 1 
ATOM   558  N  N   . THR A 1 71  ? 5.531   -1.232  0.822   1.00 6.49  ? 71   THR A N   1 
ATOM   559  C  CA  . THR A 1 71  ? 5.984   0.083   1.269   1.00 3.24  ? 71   THR A CA  1 
ATOM   560  C  C   . THR A 1 71  ? 6.808   0.734   0.168   1.00 3.91  ? 71   THR A C   1 
ATOM   561  O  O   . THR A 1 71  ? 6.607   1.896   -0.173  1.00 7.61  ? 71   THR A O   1 
ATOM   562  C  CB  . THR A 1 71  ? 6.799   -0.049  2.515   1.00 8.42  ? 71   THR A CB  1 
ATOM   563  O  OG1 . THR A 1 71  ? 5.948   -0.534  3.548   1.00 7.64  ? 71   THR A OG1 1 
ATOM   564  C  CG2 . THR A 1 71  ? 7.249   1.319   3.013   1.00 8.85  ? 71   THR A CG2 1 
ATOM   565  N  N   . GLU A 1 72  ? 7.741   -0.023  -0.392  1.00 6.77  ? 72   GLU A N   1 
ATOM   566  C  CA  . GLU A 1 72  ? 8.586   0.504   -1.443  1.00 8.65  ? 72   GLU A CA  1 
ATOM   567  C  C   . GLU A 1 72  ? 7.744   1.022   -2.607  1.00 8.99  ? 72   GLU A C   1 
ATOM   568  O  O   . GLU A 1 72  ? 8.035   2.088   -3.153  1.00 11.61 ? 72   GLU A O   1 
ATOM   569  C  CB  . GLU A 1 72  ? 9.625   -0.540  -1.894  1.00 12.04 ? 72   GLU A CB  1 
ATOM   570  C  CG  . GLU A 1 72  ? 10.608  -0.848  -0.762  1.00 20.97 ? 72   GLU A CG  1 
ATOM   571  C  CD  . GLU A 1 72  ? 11.741  -1.791  -1.135  1.00 35.69 ? 72   GLU A CD  1 
ATOM   572  O  OE1 . GLU A 1 72  ? 11.598  -2.566  -2.103  1.00 27.17 ? 72   GLU A OE1 1 
ATOM   573  O  OE2 . GLU A 1 72  ? 12.772  -1.771  -0.421  1.00 31.99 ? 72   GLU A OE2 1 
ATOM   574  N  N   . ALA A 1 73  ? 6.693   0.293   -2.973  1.00 11.50 ? 73   ALA A N   1 
ATOM   575  C  CA  . ALA A 1 73  ? 5.879   0.695   -4.125  1.00 11.41 ? 73   ALA A CA  1 
ATOM   576  C  C   . ALA A 1 73  ? 5.099   1.973   -3.817  1.00 5.96  ? 73   ALA A C   1 
ATOM   577  O  O   . ALA A 1 73  ? 4.988   2.868   -4.656  1.00 6.35  ? 73   ALA A O   1 
ATOM   578  C  CB  . ALA A 1 73  ? 4.932   -0.435  -4.547  1.00 4.49  ? 73   ALA A CB  1 
ATOM   579  N  N   . ILE A 1 74  ? 4.527   2.045   -2.618  1.00 8.06  ? 74   ILE A N   1 
ATOM   580  C  CA  . ILE A 1 74  ? 3.810   3.244   -2.208  1.00 9.21  ? 74   ILE A CA  1 
ATOM   581  C  C   . ILE A 1 74  ? 4.718   4.488   -2.194  1.00 6.54  ? 74   ILE A C   1 
ATOM   582  O  O   . ILE A 1 74  ? 4.342   5.596   -2.639  1.00 5.71  ? 74   ILE A O   1 
ATOM   583  C  CB  . ILE A 1 74  ? 3.193   3.040   -0.806  1.00 6.93  ? 74   ILE A CB  1 
ATOM   584  C  CG1 . ILE A 1 74  ? 2.025   2.024   -0.885  1.00 4.66  ? 74   ILE A CG1 1 
ATOM   585  C  CG2 . ILE A 1 74  ? 2.757   4.375   -0.248  1.00 4.48  ? 74   ILE A CG2 1 
ATOM   586  C  CD1 . ILE A 1 74  ? 1.508   1.525   0.471   1.00 7.54  ? 74   ILE A CD1 1 
ATOM   587  N  N   . VAL A 1 75  ? 5.914   4.324   -1.655  1.00 8.39  ? 75   VAL A N   1 
ATOM   588  C  CA  . VAL A 1 75  ? 6.812   5.465   -1.572  1.00 14.01 ? 75   VAL A CA  1 
ATOM   589  C  C   . VAL A 1 75  ? 7.237   5.915   -2.980  1.00 7.57  ? 75   VAL A C   1 
ATOM   590  O  O   . VAL A 1 75  ? 7.361   7.116   -3.249  1.00 7.54  ? 75   VAL A O   1 
ATOM   591  C  CB  . VAL A 1 75  ? 8.041   5.147   -0.723  1.00 7.22  ? 75   VAL A CB  1 
ATOM   592  C  CG1 . VAL A 1 75  ? 9.062   6.287   -0.829  1.00 18.62 ? 75   VAL A CG1 1 
ATOM   593  C  CG2 . VAL A 1 75  ? 7.652   4.923   0.753   1.00 8.40  ? 75   VAL A CG2 1 
ATOM   594  N  N   . HIS A 1 76  ? 7.541   4.944   -3.831  1.00 10.59 ? 76   HIS A N   1 
ATOM   595  C  CA  . HIS A 1 76  ? 7.940   5.209   -5.224  1.00 9.21  ? 76   HIS A CA  1 
ATOM   596  C  C   . HIS A 1 76  ? 6.859   6.032   -5.946  1.00 12.68 ? 76   HIS A C   1 
ATOM   597  O  O   . HIS A 1 76  ? 7.173   7.038   -6.571  1.00 5.42  ? 76   HIS A O   1 
ATOM   598  C  CB  . HIS A 1 76  ? 8.209   3.880   -5.947  1.00 8.49  ? 76   HIS A CB  1 
ATOM   599  C  CG  . HIS A 1 76  ? 8.774   4.025   -7.328  1.00 20.47 ? 76   HIS A CG  1 
ATOM   600  N  ND1 . HIS A 1 76  ? 8.809   2.975   -8.224  1.00 14.64 ? 76   HIS A ND1 1 
ATOM   601  C  CD2 . HIS A 1 76  ? 9.350   5.076   -7.960  1.00 27.42 ? 76   HIS A CD2 1 
ATOM   602  C  CE1 . HIS A 1 76  ? 9.350   3.383   -9.356  1.00 12.85 ? 76   HIS A CE1 1 
ATOM   603  N  NE2 . HIS A 1 76  ? 9.671   4.659   -9.230  1.00 13.03 ? 76   HIS A NE2 1 
ATOM   604  N  N   . MET A 1 77  ? 5.590   5.622   -5.842  1.00 5.58  ? 77   MET A N   1 
ATOM   605  C  CA  . MET A 1 77  ? 4.506   6.416   -6.427  1.00 13.08 ? 77   MET A CA  1 
ATOM   606  C  C   . MET A 1 77  ? 4.401   7.812   -5.788  1.00 9.88  ? 77   MET A C   1 
ATOM   607  O  O   . MET A 1 77  ? 4.199   8.804   -6.469  1.00 4.92  ? 77   MET A O   1 
ATOM   608  C  CB  . MET A 1 77  ? 3.176   5.660   -6.337  1.00 7.68  ? 77   MET A CB  1 
ATOM   609  C  CG  . MET A 1 77  ? 3.132   4.447   -7.250  1.00 6.19  ? 77   MET A CG  1 
ATOM   610  S  SD  . MET A 1 77  ? 1.553   3.633   -7.303  1.00 10.88 ? 77   MET A SD  1 
ATOM   611  C  CE  . MET A 1 77  ? 1.534   2.910   -5.646  1.00 10.27 ? 77   MET A CE  1 
ATOM   612  N  N   . LEU A 1 78  ? 4.601   7.906   -4.484  1.00 6.97  ? 78   LEU A N   1 
ATOM   613  C  CA  . LEU A 1 78  ? 4.509   9.204   -3.849  1.00 5.82  ? 78   LEU A CA  1 
ATOM   614  C  C   . LEU A 1 78  ? 5.609   10.147  -4.357  1.00 7.94  ? 78   LEU A C   1 
ATOM   615  O  O   . LEU A 1 78  ? 5.404   11.358  -4.562  1.00 6.89  ? 78   LEU A O   1 
ATOM   616  C  CB  . LEU A 1 78  ? 4.587   9.044   -2.324  1.00 3.83  ? 78   LEU A CB  1 
ATOM   617  C  CG  . LEU A 1 78  ? 4.482   10.365  -1.546  1.00 7.85  ? 78   LEU A CG  1 
ATOM   618  C  CD1 . LEU A 1 78  ? 3.324   11.242  -2.016  1.00 14.51 ? 78   LEU A CD1 1 
ATOM   619  C  CD2 . LEU A 1 78  ? 4.404   10.090  -0.021  1.00 13.37 ? 78   LEU A CD2 1 
ATOM   620  N  N   . LYS A 1 79  ? 6.797   9.599   -4.537  1.00 6.99  ? 79   LYS A N   1 
ATOM   621  C  CA  . LYS A 1 79  ? 7.918   10.417  -4.980  1.00 8.39  ? 79   LYS A CA  1 
ATOM   622  C  C   . LYS A 1 79  ? 7.757   10.904  -6.414  1.00 7.88  ? 79   LYS A C   1 
ATOM   623  O  O   . LYS A 1 79  ? 8.405   11.867  -6.815  1.00 8.45  ? 79   LYS A O   1 
ATOM   624  C  CB  . LYS A 1 79  ? 9.223   9.635   -4.830  1.00 10.77 ? 79   LYS A CB  1 
ATOM   625  C  CG  . LYS A 1 79  ? 9.598   9.389   -3.352  1.00 14.86 ? 79   LYS A CG  1 
ATOM   626  C  CD  . LYS A 1 79  ? 10.918  8.651   -3.197  1.00 20.96 ? 79   LYS A CD  1 
ATOM   627  C  CE  . LYS A 1 79  ? 11.496  8.844   -1.796  1.00 6.92  ? 79   LYS A CE  1 
ATOM   628  N  NZ  . LYS A 1 79  ? 12.696  7.983   -1.632  1.00 28.07 ? 79   LYS A NZ  1 
ATOM   629  N  N   . GLU A 1 80  ? 6.921   10.226  -7.191  1.00 8.00  ? 80   GLU A N   1 
ATOM   630  C  CA  . GLU A 1 80  ? 6.745   10.573  -8.602  1.00 7.90  ? 80   GLU A CA  1 
ATOM   631  C  C   . GLU A 1 80  ? 5.409   11.231  -8.854  1.00 13.42 ? 80   GLU A C   1 
ATOM   632  O  O   . GLU A 1 80  ? 5.025   11.426  -10.005 1.00 9.63  ? 80   GLU A O   1 
ATOM   633  C  CB  . GLU A 1 80  ? 6.796   9.317   -9.471  1.00 10.08 ? 80   GLU A CB  1 
ATOM   634  C  CG  . GLU A 1 80  ? 8.112   8.589   -9.405  1.00 7.00  ? 80   GLU A CG  1 
ATOM   635  C  CD  . GLU A 1 80  ? 9.224   9.283   -10.158 1.00 13.13 ? 80   GLU A CD  1 
ATOM   636  O  OE1 . GLU A 1 80  ? 8.975   10.346  -10.771 1.00 10.33 ? 80   GLU A OE1 1 
ATOM   637  O  OE2 . GLU A 1 80  ? 10.351  8.746   -10.130 1.00 14.72 ? 80   GLU A OE2 1 
ATOM   638  N  N   . ILE A 1 81  ? 4.695   11.555  -7.787  1.00 10.62 ? 81   ILE A N   1 
ATOM   639  C  CA  . ILE A 1 81  ? 3.315   12.016  -7.940  1.00 9.35  ? 81   ILE A CA  1 
ATOM   640  C  C   . ILE A 1 81  ? 3.149   13.336  -8.682  1.00 11.46 ? 81   ILE A C   1 
ATOM   641  O  O   . ILE A 1 81  ? 2.047   13.649  -9.121  1.00 12.61 ? 81   ILE A O   1 
ATOM   642  C  CB  . ILE A 1 81  ? 2.596   12.097  -6.594  1.00 12.98 ? 81   ILE A CB  1 
ATOM   643  C  CG1 . ILE A 1 81  ? 1.073   12.105  -6.820  1.00 31.18 ? 81   ILE A CG1 1 
ATOM   644  C  CG2 . ILE A 1 81  ? 2.964   13.386  -5.892  1.00 12.25 ? 81   ILE A CG2 1 
ATOM   645  C  CD1 . ILE A 1 81  ? 0.440   10.733  -7.033  1.00 15.54 ? 81   ILE A CD1 1 
ATOM   646  N  N   . SER A 1 82  ? 4.230   14.113  -8.787  1.00 12.07 ? 82   SER A N   1 
ATOM   647  C  CA  . SER A 1 82  ? 4.223   15.391  -9.492  1.00 8.80  ? 82   SER A CA  1 
ATOM   648  C  C   . SER A 1 82  ? 4.665   15.225  -10.938 1.00 17.18 ? 82   SER A C   1 
ATOM   649  O  O   . SER A 1 82  ? 4.804   16.205  -11.661 1.00 17.07 ? 82   SER A O   1 
ATOM   650  C  CB  . SER A 1 82  ? 5.156   16.401  -8.796  1.00 8.09  ? 82   SER A CB  1 
ATOM   651  O  OG  . SER A 1 82  ? 4.581   16.835  -7.580  1.00 16.74 ? 82   SER A OG  1 
ATOM   652  N  N   . ASN A 1 83  ? 4.932   13.981  -11.340 1.00 16.53 ? 83   ASN A N   1 
ATOM   653  C  CA  . ASN A 1 83  ? 5.300   13.656  -12.730 1.00 10.77 ? 83   ASN A CA  1 
ATOM   654  C  C   . ASN A 1 83  ? 4.148   12.815  -13.235 1.00 9.64  ? 83   ASN A C   1 
ATOM   655  O  O   . ASN A 1 83  ? 4.112   11.608  -13.014 1.00 9.91  ? 83   ASN A O   1 
ATOM   656  C  CB  . ASN A 1 83  ? 6.642   12.915  -12.807 1.00 7.47  ? 83   ASN A CB  1 
ATOM   657  C  CG  . ASN A 1 83  ? 7.142   12.797  -14.244 1.00 59.25 ? 83   ASN A CG  1 
ATOM   658  O  OD1 . ASN A 1 83  ? 8.337   12.665  -14.489 0.00 16.76 ? 83   ASN A OD1 1 
ATOM   659  N  ND2 . ASN A 1 83  ? 6.228   12.843  -15.201 1.00 25.26 ? 83   ASN A ND2 1 
ATOM   660  N  N   . ASP A 1 84  ? 3.220   13.478  -13.913 1.00 16.75 ? 84   ASP A N   1 
ATOM   661  C  CA  . ASP A 1 84  ? 1.993   12.828  -14.360 1.00 9.64  ? 84   ASP A CA  1 
ATOM   662  C  C   . ASP A 1 84  ? 2.297   11.580  -15.172 1.00 6.51  ? 84   ASP A C   1 
ATOM   663  O  O   . ASP A 1 84  ? 1.703   10.531  -14.971 1.00 9.67  ? 84   ASP A O   1 
ATOM   664  C  CB  . ASP A 1 84  ? 1.144   13.812  -15.175 1.00 16.59 ? 84   ASP A CB  1 
ATOM   665  C  CG  . ASP A 1 84  ? -0.150  13.196  -15.685 1.00 19.70 ? 84   ASP A CG  1 
ATOM   666  O  OD1 . ASP A 1 84  ? -1.159  13.257  -14.965 1.00 14.72 ? 84   ASP A OD1 1 
ATOM   667  O  OD2 . ASP A 1 84  ? -0.266  12.667  -16.805 1.00 11.16 ? 84   ASP A OD2 1 
ATOM   668  N  N   . ALA A 1 85  ? 3.194   11.708  -16.134 1.00 7.23  ? 85   ALA A N   1 
ATOM   669  C  CA  . ALA A 1 85  ? 3.519   10.561  -16.955 1.00 10.33 ? 85   ALA A CA  1 
ATOM   670  C  C   . ALA A 1 85  ? 4.151   9.427   -16.136 1.00 10.67 ? 85   ALA A C   1 
ATOM   671  O  O   . ALA A 1 85  ? 3.703   8.286   -16.191 1.00 8.66  ? 85   ALA A O   1 
ATOM   672  C  CB  . ALA A 1 85  ? 4.403   10.981  -18.134 1.00 4.61  ? 85   ALA A CB  1 
ATOM   673  N  N   . GLU A 1 86  ? 5.178   9.741   -15.354 1.00 11.69 ? 86   GLU A N   1 
ATOM   674  C  CA  . GLU A 1 86  ? 5.889   8.702   -14.616 1.00 18.25 ? 86   GLU A CA  1 
ATOM   675  C  C   . GLU A 1 86  ? 5.014   7.971   -13.605 1.00 7.62  ? 86   GLU A C   1 
ATOM   676  O  O   . GLU A 1 86  ? 5.056   6.746   -13.536 1.00 8.79  ? 86   GLU A O   1 
ATOM   677  C  CB  . GLU A 1 86  ? 7.131   9.261   -13.925 1.00 12.28 ? 86   GLU A CB  1 
ATOM   678  C  CG  . GLU A 1 86  ? 8.063   8.209   -13.328 1.00 20.80 ? 86   GLU A CG  1 
ATOM   679  C  CD  . GLU A 1 86  ? 8.694   7.264   -14.351 1.00 19.53 ? 86   GLU A CD  1 
ATOM   680  O  OE1 . GLU A 1 86  ? 8.825   7.608   -15.543 1.00 19.28 ? 86   GLU A OE1 1 
ATOM   681  O  OE2 . GLU A 1 86  ? 9.095   6.157   -13.945 1.00 15.99 ? 86   GLU A OE2 1 
ATOM   682  N  N   . VAL A 1 87  ? 4.252   8.703   -12.806 1.00 8.34  ? 87   VAL A N   1 
ATOM   683  C  CA  . VAL A 1 87  ? 3.419   8.027   -11.810 1.00 18.27 ? 87   VAL A CA  1 
ATOM   684  C  C   . VAL A 1 87  ? 2.405   7.119   -12.498 1.00 8.69  ? 87   VAL A C   1 
ATOM   685  O  O   . VAL A 1 87  ? 2.145   5.994   -12.037 1.00 7.26  ? 87   VAL A O   1 
ATOM   686  C  CB  . VAL A 1 87  ? 2.740   8.991   -10.768 1.00 11.88 ? 87   VAL A CB  1 
ATOM   687  C  CG1 . VAL A 1 87  ? 1.588   9.773   -11.384 1.00 8.20  ? 87   VAL A CG1 1 
ATOM   688  C  CG2 . VAL A 1 87  ? 2.254   8.205   -9.507  1.00 6.06  ? 87   VAL A CG2 1 
ATOM   689  N  N   . LYS A 1 88  ? 1.846   7.582   -13.614 1.00 6.03  ? 88   LYS A N   1 
ATOM   690  C  CA  . LYS A 1 88  ? 0.907   6.725   -14.322 1.00 12.34 ? 88   LYS A CA  1 
ATOM   691  C  C   . LYS A 1 88  ? 1.600   5.423   -14.759 1.00 9.93  ? 88   LYS A C   1 
ATOM   692  O  O   . LYS A 1 88  ? 1.029   4.331   -14.643 1.00 8.91  ? 88   LYS A O   1 
ATOM   693  C  CB  . LYS A 1 88  ? 0.290   7.449   -15.517 1.00 2.96  ? 88   LYS A CB  1 
ATOM   694  C  CG  . LYS A 1 88  ? -0.819  8.424   -15.148 1.00 5.46  ? 88   LYS A CG  1 
ATOM   695  C  CD  . LYS A 1 88  ? -1.232  9.317   -16.335 1.00 7.78  ? 88   LYS A CD  1 
ATOM   696  C  CE  . LYS A 1 88  ? -2.428  10.210  -15.973 1.00 9.60  ? 88   LYS A CE  1 
ATOM   697  N  NZ  . LYS A 1 88  ? -2.726  11.270  -16.995 1.00 12.78 ? 88   LYS A NZ  1 
ATOM   698  N  N   . LYS A 1 89  ? 2.835   5.529   -15.249 1.00 8.60  ? 89   LYS A N   1 
ATOM   699  C  CA  . LYS A 1 89  ? 3.556   4.345   -15.728 1.00 19.48 ? 89   LYS A CA  1 
ATOM   700  C  C   . LYS A 1 89  ? 3.912   3.379   -14.606 1.00 13.70 ? 89   LYS A C   1 
ATOM   701  O  O   . LYS A 1 89  ? 3.742   2.170   -14.731 1.00 10.26 ? 89   LYS A O   1 
ATOM   702  C  CB  . LYS A 1 89  ? 4.806   4.729   -16.535 1.00 17.57 ? 89   LYS A CB  1 
ATOM   703  C  CG  . LYS A 1 89  ? 4.488   5.597   -17.760 1.00 17.40 ? 89   LYS A CG  1 
ATOM   704  C  CD  . LYS A 1 89  ? 5.432   5.327   -18.926 1.00 11.36 ? 89   LYS A CD  1 
ATOM   705  C  CE  . LYS A 1 89  ? 4.947   4.149   -19.784 1.00 11.19 ? 89   LYS A CE  1 
ATOM   706  N  NZ  . LYS A 1 89  ? 3.647   4.403   -20.462 1.00 5.42  ? 89   LYS A NZ  1 
ATOM   707  N  N   . ILE A 1 90  ? 4.451   3.925   -13.532 1.00 4.52  ? 90   ILE A N   1 
ATOM   708  C  CA  . ILE A 1 90  ? 4.797   3.158   -12.351 1.00 12.92 ? 90   ILE A CA  1 
ATOM   709  C  C   . ILE A 1 90  ? 3.552   2.478   -11.774 1.00 13.86 ? 90   ILE A C   1 
ATOM   710  O  O   . ILE A 1 90  ? 3.574   1.274   -11.465 1.00 6.88  ? 90   ILE A O   1 
ATOM   711  C  CB  . ILE A 1 90  ? 5.428   4.110   -11.299 1.00 9.78  ? 90   ILE A CB  1 
ATOM   712  C  CG1 . ILE A 1 90  ? 6.792   4.602   -11.790 1.00 16.64 ? 90   ILE A CG1 1 
ATOM   713  C  CG2 . ILE A 1 90  ? 5.586   3.433   -9.949  1.00 20.97 ? 90   ILE A CG2 1 
ATOM   714  C  CD1 . ILE A 1 90  ? 7.592   3.563   -12.449 1.00 19.70 ? 90   ILE A CD1 1 
ATOM   715  N  N   . ALA A 1 91  ? 2.457   3.231   -11.668 1.00 9.46  ? 91   ALA A N   1 
ATOM   716  C  CA  . ALA A 1 91  ? 1.224   2.704   -11.082 1.00 10.20 ? 91   ALA A CA  1 
ATOM   717  C  C   . ALA A 1 91  ? 0.702   1.543   -11.915 1.00 7.24  ? 91   ALA A C   1 
ATOM   718  O  O   . ALA A 1 91  ? 0.430   0.467   -11.394 1.00 7.54  ? 91   ALA A O   1 
ATOM   719  C  CB  . ALA A 1 91  ? 0.163   3.813   -10.960 1.00 14.03 ? 91   ALA A CB  1 
ATOM   720  N  N   . ALA A 1 92  ? 0.695   1.723   -13.232 1.00 10.12 ? 92   ALA A N   1 
ATOM   721  C  CA  . ALA A 1 92  ? 0.271   0.666   -14.157 1.00 11.57 ? 92   ALA A CA  1 
ATOM   722  C  C   . ALA A 1 92  ? 1.112   -0.615  -14.021 1.00 6.57  ? 92   ALA A C   1 
ATOM   723  O  O   . ALA A 1 92  ? 0.579   -1.724  -14.013 1.00 12.41 ? 92   ALA A O   1 
ATOM   724  C  CB  . ALA A 1 92  ? 0.312   1.201   -15.615 1.00 6.70  ? 92   ALA A CB  1 
ATOM   725  N  N   . GLN A 1 93  ? 2.422   -0.458  -13.873 1.00 6.41  ? 93   GLN A N   1 
ATOM   726  C  CA  . GLN A 1 93  ? 3.311   -1.601  -13.730 1.00 12.56 ? 93   GLN A CA  1 
ATOM   727  C  C   . GLN A 1 93  ? 3.043   -2.332  -12.405 1.00 6.45  ? 93   GLN A C   1 
ATOM   728  O  O   . GLN A 1 93  ? 2.980   -3.568  -12.356 1.00 10.54 ? 93   GLN A O   1 
ATOM   729  C  CB  . GLN A 1 93  ? 4.770   -1.141  -13.814 1.00 15.22 ? 93   GLN A CB  1 
ATOM   730  C  CG  . GLN A 1 93  ? 5.777   -2.277  -13.963 1.00 43.17 ? 93   GLN A CG  1 
ATOM   731  C  CD  . GLN A 1 93  ? 5.379   -3.320  -15.008 1.00 59.63 ? 93   GLN A CD  1 
ATOM   732  O  OE1 . GLN A 1 93  ? 5.169   -2.998  -16.178 1.00 20.38 ? 93   GLN A OE1 1 
ATOM   733  N  NE2 . GLN A 1 93  ? 5.313   -4.577  -14.588 1.00 24.31 ? 93   GLN A NE2 1 
ATOM   734  N  N   . TYR A 1 94  ? 2.892   -1.567  -11.329 1.00 6.97  ? 94   TYR A N   1 
ATOM   735  C  CA  . TYR A 1 94  ? 2.561   -2.186  -10.040 1.00 11.77 ? 94   TYR A CA  1 
ATOM   736  C  C   . TYR A 1 94  ? 1.237   -2.955  -10.129 1.00 8.59  ? 94   TYR A C   1 
ATOM   737  O  O   . TYR A 1 94  ? 1.081   -4.017  -9.509  1.00 10.63 ? 94   TYR A O   1 
ATOM   738  C  CB  . TYR A 1 94  ? 2.515   -1.153  -8.913  1.00 13.52 ? 94   TYR A CB  1 
ATOM   739  C  CG  . TYR A 1 94  ? 3.884   -0.655  -8.455  1.00 10.66 ? 94   TYR A CG  1 
ATOM   740  C  CD1 . TYR A 1 94  ? 4.981   -1.514  -8.398  1.00 11.35 ? 94   TYR A CD1 1 
ATOM   741  C  CD2 . TYR A 1 94  ? 4.084   0.692   -8.125  1.00 11.56 ? 94   TYR A CD2 1 
ATOM   742  C  CE1 . TYR A 1 94  ? 6.237   -1.046  -7.975  1.00 9.40  ? 94   TYR A CE1 1 
ATOM   743  C  CE2 . TYR A 1 94  ? 5.333   1.160   -7.700  1.00 13.36 ? 94   TYR A CE2 1 
ATOM   744  C  CZ  . TYR A 1 94  ? 6.401   0.288   -7.646  1.00 5.59  ? 94   TYR A CZ  1 
ATOM   745  O  OH  . TYR A 1 94  ? 7.649   0.726   -7.243  1.00 10.88 ? 94   TYR A OH  1 
ATOM   746  N  N   . GLY A 1 95  ? 0.281   -2.438  -10.893 1.00 12.95 ? 95   GLY A N   1 
ATOM   747  C  CA  . GLY A 1 95  ? -0.962  -3.169  -11.066 1.00 19.29 ? 95   GLY A CA  1 
ATOM   748  C  C   . GLY A 1 95  ? -0.690  -4.483  -11.782 1.00 22.47 ? 95   GLY A C   1 
ATOM   749  O  O   . GLY A 1 95  ? -1.122  -5.561  -11.366 1.00 14.79 ? 95   GLY A O   1 
ATOM   750  N  N   . LYS A 1 96  ? 0.048   -4.404  -12.884 1.00 12.94 ? 96   LYS A N   1 
ATOM   751  C  CA  . LYS A 1 96  ? 0.409   -5.571  -13.663 1.00 18.60 ? 96   LYS A CA  1 
ATOM   752  C  C   . LYS A 1 96  ? 1.185   -6.597  -12.820 1.00 14.36 ? 96   LYS A C   1 
ATOM   753  O  O   . LYS A 1 96  ? 1.012   -7.796  -13.010 1.00 17.96 ? 96   LYS A O   1 
ATOM   754  C  CB  . LYS A 1 96  ? 1.200   -5.149  -14.931 1.00 19.47 ? 96   LYS A CB  1 
ATOM   755  C  CG  . LYS A 1 96  ? 0.450   -4.275  -15.927 1.00 25.85 ? 96   LYS A CG  1 
ATOM   756  C  CD  . LYS A 1 96  ? 1.271   -4.016  -17.186 0.00 23.14 ? 96   LYS A CD  1 
ATOM   757  C  CE  . LYS A 1 96  ? 0.509   -3.135  -18.151 0.00 29.87 ? 96   LYS A CE  1 
ATOM   758  N  NZ  . LYS A 1 96  ? -0.021  -1.914  -17.480 0.00 24.60 ? 96   LYS A NZ  1 
ATOM   759  N  N   . ASP A 1 97  ? 2.042   -6.136  -11.917 1.00 17.76 ? 97   ASP A N   1 
ATOM   760  C  CA  . ASP A 1 97  ? 2.792   -7.046  -11.043 1.00 23.01 ? 97   ASP A CA  1 
ATOM   761  C  C   . ASP A 1 97  ? 1.888   -8.002  -10.259 1.00 21.32 ? 97   ASP A C   1 
ATOM   762  O  O   . ASP A 1 97  ? 2.352   -9.018  -9.735  1.00 22.09 ? 97   ASP A O   1 
ATOM   763  C  CB  . ASP A 1 97  ? 3.632   -6.255  -10.042 1.00 15.20 ? 97   ASP A CB  1 
ATOM   764  C  CG  . ASP A 1 97  ? 4.807   -5.560  -10.683 1.00 32.99 ? 97   ASP A CG  1 
ATOM   765  O  OD1 . ASP A 1 97  ? 5.227   -5.964  -11.790 1.00 17.40 ? 97   ASP A OD1 1 
ATOM   766  O  OD2 . ASP A 1 97  ? 5.355   -4.570  -10.156 1.00 20.98 ? 97   ASP A OD2 1 
ATOM   767  N  N   . HIS A 1 98  ? 0.608   -7.659  -10.151 1.00 10.51 ? 98   HIS A N   1 
ATOM   768  C  CA  . HIS A 1 98  ? -0.371  -8.507  -9.470  1.00 15.23 ? 98   HIS A CA  1 
ATOM   769  C  C   . HIS A 1 98  ? -0.838  -9.561  -10.460 1.00 17.19 ? 98   HIS A C   1 
ATOM   770  O  O   . HIS A 1 98  ? -1.984  -9.558  -10.894 1.00 20.34 ? 98   HIS A O   1 
ATOM   771  C  CB  . HIS A 1 98  ? -1.579  -7.681  -8.981  1.00 14.45 ? 98   HIS A CB  1 
ATOM   772  C  CG  . HIS A 1 98  ? -1.275  -6.814  -7.798  1.00 32.02 ? 98   HIS A CG  1 
ATOM   773  N  ND1 . HIS A 1 98  ? -0.552  -5.645  -7.900  1.00 19.94 ? 98   HIS A ND1 1 
ATOM   774  C  CD2 . HIS A 1 98  ? -1.575  -6.955  -6.484  1.00 12.75 ? 98   HIS A CD2 1 
ATOM   775  C  CE1 . HIS A 1 98  ? -0.386  -5.123  -6.696  1.00 11.50 ? 98   HIS A CE1 1 
ATOM   776  N  NE2 . HIS A 1 98  ? -1.003  -5.894  -5.820  1.00 11.94 ? 98   HIS A NE2 1 
ATOM   777  N  N   . THR A 1 99  ? 0.080   -10.439 -10.822 1.00 14.47 ? 99   THR A N   1 
ATOM   778  C  CA  . THR A 1 99  ? -0.203  -11.465 -11.833 1.00 17.93 ? 99   THR A CA  1 
ATOM   779  C  C   . THR A 1 99  ? -1.110  -12.596 -11.384 1.00 28.03 ? 99   THR A C   1 
ATOM   780  O  O   . THR A 1 99  ? -1.867  -13.152 -12.185 1.00 18.83 ? 99   THR A O   1 
ATOM   781  C  CB  . THR A 1 99  ? 1.127   -12.063 -12.353 1.00 23.67 ? 99   THR A CB  1 
ATOM   782  O  OG1 . THR A 1 99  ? 1.886   -12.575 -11.251 1.00 28.16 ? 99   THR A OG1 1 
ATOM   783  C  CG2 . THR A 1 99  ? 1.946   -11.010 -13.071 0.00 20.93 ? 99   THR A CG2 1 
ATOM   784  N  N   . SER A 1 100 ? -1.035  -12.936 -10.107 1.00 17.90 ? 100  SER A N   1 
ATOM   785  C  CA  . SER A 1 100 ? -1.806  -14.036 -9.564  1.00 26.25 ? 100  SER A CA  1 
ATOM   786  C  C   . SER A 1 100 ? -3.246  -14.054 -10.077 1.00 10.38 ? 100  SER A C   1 
ATOM   787  O  O   . SER A 1 100 ? -3.967  -13.049 -10.012 1.00 17.98 ? 100  SER A O   1 
ATOM   788  C  CB  . SER A 1 100 ? -1.810  -13.987 -8.035  1.00 26.16 ? 100  SER A CB  1 
ATOM   789  O  OG  . SER A 1 100 ? -2.545  -15.083 -7.503  1.00 23.92 ? 100  SER A OG  1 
ATOM   790  N  N   . ARG A 1 101 ? -3.679  -15.222 -10.531 1.00 24.31 ? 101  ARG A N   1 
ATOM   791  C  CA  . ARG A 1 101 ? -5.052  -15.356 -10.981 1.00 29.16 ? 101  ARG A CA  1 
ATOM   792  C  C   . ARG A 1 101 ? -5.969  -15.339 -9.769  1.00 21.43 ? 101  ARG A C   1 
ATOM   793  O  O   . ARG A 1 101 ? -7.186  -15.366 -9.908  1.00 19.13 ? 101  ARG A O   1 
ATOM   794  C  CB  . ARG A 1 101 ? -5.268  -16.653 -11.769 1.00 33.56 ? 101  ARG A CB  1 
ATOM   795  C  CG  . ARG A 1 101 ? -5.031  -17.911 -10.961 1.00 13.34 ? 101  ARG A CG  1 
ATOM   796  C  CD  . ARG A 1 101 ? -4.635  -19.063 -11.893 1.00 35.49 ? 101  ARG A CD  1 
ATOM   797  N  NE  . ARG A 1 101 ? -4.578  -20.346 -11.204 1.00 51.06 ? 101  ARG A NE  1 
ATOM   798  C  CZ  . ARG A 1 101 ? -4.785  -21.519 -11.813 0.00 32.40 ? 101  ARG A CZ  1 
ATOM   799  N  NH1 . ARG A 1 101 ? -5.049  -21.541 -13.113 0.00 32.98 ? 101  ARG A NH1 1 
ATOM   800  N  NH2 . ARG A 1 101 ? -4.724  -22.665 -11.138 0.00 32.98 ? 101  ARG A NH2 1 
ATOM   801  N  N   . LYS A 1 102 ? -5.377  -15.286 -8.577  1.00 15.07 ? 102  LYS A N   1 
ATOM   802  C  CA  . LYS A 1 102 ? -6.172  -15.334 -7.357  1.00 20.74 ? 102  LYS A CA  1 
ATOM   803  C  C   . LYS A 1 102 ? -6.658  -13.955 -6.935  1.00 35.35 ? 102  LYS A C   1 
ATOM   804  O  O   . LYS A 1 102 ? -7.485  -13.846 -6.031  1.00 25.74 ? 102  LYS A O   1 
ATOM   805  C  CB  . LYS A 1 102 ? -5.403  -15.995 -6.209  1.00 27.18 ? 102  LYS A CB  1 
ATOM   806  C  CG  . LYS A 1 102 ? -5.065  -17.461 -6.439  1.00 46.84 ? 102  LYS A CG  1 
ATOM   807  C  CD  . LYS A 1 102 ? -6.211  -18.374 -6.060  1.00 40.76 ? 102  LYS A CD  1 
ATOM   808  C  CE  . LYS A 1 102 ? -5.915  -19.821 -6.443  1.00 30.23 ? 102  LYS A CE  1 
ATOM   809  N  NZ  . LYS A 1 102 ? -6.748  -20.770 -5.652  1.00 46.32 ? 102  LYS A NZ  1 
ATOM   810  N  N   . VAL A 1 103 ? -6.139  -12.908 -7.575  1.00 9.19  ? 103  VAL A N   1 
ATOM   811  C  CA  . VAL A 1 103 ? -6.545  -11.541 -7.226  1.00 8.90  ? 103  VAL A CA  1 
ATOM   812  C  C   . VAL A 1 103 ? -7.287  -10.834 -8.362  1.00 17.82 ? 103  VAL A C   1 
ATOM   813  O  O   . VAL A 1 103 ? -6.847  -10.867 -9.506  1.00 25.88 ? 103  VAL A O   1 
ATOM   814  C  CB  . VAL A 1 103 ? -5.335  -10.685 -6.779  1.00 16.54 ? 103  VAL A CB  1 
ATOM   815  C  CG1 . VAL A 1 103 ? -4.304  -10.584 -7.901  1.00 33.44 ? 103  VAL A CG1 1 
ATOM   816  C  CG2 . VAL A 1 103 ? -5.792  -9.309  -6.332  1.00 22.38 ? 103  VAL A CG2 1 
ATOM   817  N  N   . THR A 1 104 ? -8.433  -10.229 -8.046  1.00 12.38 ? 104  THR A N   1 
ATOM   818  C  CA  . THR A 1 104 ? -9.217  -9.493  -9.043  1.00 5.15  ? 104  THR A CA  1 
ATOM   819  C  C   . THR A 1 104 ? -9.204  -8.009  -8.790  1.00 13.34 ? 104  THR A C   1 
ATOM   820  O  O   . THR A 1 104 ? -8.817  -7.550  -7.726  1.00 9.83  ? 104  THR A O   1 
ATOM   821  C  CB  . THR A 1 104 ? -10.683 -9.947  -9.047  1.00 4.73  ? 104  THR A CB  1 
ATOM   822  O  OG1 . THR A 1 104 ? -11.290 -9.608  -7.790  1.00 7.99  ? 104  THR A OG1 1 
ATOM   823  C  CG2 . THR A 1 104 ? -10.748 -11.496 -9.108  1.00 14.23 ? 104  THR A CG2 1 
ATOM   824  N  N   . LYS A 1 105 ? -9.677  -7.263  -9.775  1.00 9.21  ? 105  LYS A N   1 
ATOM   825  C  CA  . LYS A 1 105 ? -9.807  -5.835  -9.696  1.00 14.10 ? 105  LYS A CA  1 
ATOM   826  C  C   . LYS A 1 105 ? -10.635 -5.452  -8.499  1.00 11.54 ? 105  LYS A C   1 
ATOM   827  O  O   . LYS A 1 105 ? -10.264 -4.569  -7.727  1.00 9.03  ? 105  LYS A O   1 
ATOM   828  C  CB  . LYS A 1 105 ? -10.472 -5.274  -10.964 1.00 16.08 ? 105  LYS A CB  1 
ATOM   829  C  CG  . LYS A 1 105 ? -10.572 -3.751  -11.055 1.00 15.15 ? 105  LYS A CG  1 
ATOM   830  C  CD  . LYS A 1 105 ? -11.239 -3.313  -12.352 0.00 13.50 ? 105  LYS A CD  1 
ATOM   831  C  CE  . LYS A 1 105 ? -11.537 -1.824  -12.378 0.00 14.13 ? 105  LYS A CE  1 
ATOM   832  N  NZ  . LYS A 1 105 ? -12.093 -1.391  -13.687 0.00 14.57 ? 105  LYS A NZ  1 
ATOM   833  N  N   . ASP A 1 106 ? -11.768 -6.119  -8.343  1.00 14.71 ? 106  ASP A N   1 
ATOM   834  C  CA  . ASP A 1 106 ? -12.684 -5.762  -7.286  1.00 6.80  ? 106  ASP A CA  1 
ATOM   835  C  C   . ASP A 1 106 ? -12.085 -6.074  -5.896  1.00 7.67  ? 106  ASP A C   1 
ATOM   836  O  O   . ASP A 1 106 ? -12.205 -5.276  -4.957  1.00 10.21 ? 106  ASP A O   1 
ATOM   837  C  CB  . ASP A 1 106 ? -14.043 -6.436  -7.503  1.00 12.05 ? 106  ASP A CB  1 
ATOM   838  C  CG  . ASP A 1 106 ? -14.860 -5.756  -8.589  1.00 22.94 ? 106  ASP A CG  1 
ATOM   839  O  OD1 . ASP A 1 106 ? -15.194 -6.431  -9.587  1.00 27.45 ? 106  ASP A OD1 1 
ATOM   840  O  OD2 . ASP A 1 106 ? -15.173 -4.549  -8.541  1.00 29.90 ? 106  ASP A OD2 1 
ATOM   841  N  N   . GLU A 1 107 ? -11.403 -7.207  -5.782  1.00 5.06  ? 107  GLU A N   1 
ATOM   842  C  CA  . GLU A 1 107 ? -10.738 -7.573  -4.545  1.00 7.23  ? 107  GLU A CA  1 
ATOM   843  C  C   . GLU A 1 107 ? -9.661  -6.525  -4.205  1.00 11.24 ? 107  GLU A C   1 
ATOM   844  O  O   . GLU A 1 107 ? -9.544  -6.084  -3.066  1.00 9.47  ? 107  GLU A O   1 
ATOM   845  C  CB  . GLU A 1 107 ? -10.128 -8.976  -4.657  1.00 8.59  ? 107  GLU A CB  1 
ATOM   846  C  CG  . GLU A 1 107 ? -9.507  -9.469  -3.366  1.00 9.21  ? 107  GLU A CG  1 
ATOM   847  C  CD  . GLU A 1 107 ? -9.142  -10.950 -3.391  1.00 18.27 ? 107  GLU A CD  1 
ATOM   848  O  OE1 . GLU A 1 107 ? -7.938  -11.269 -3.204  1.00 16.89 ? 107  GLU A OE1 1 
ATOM   849  O  OE2 . GLU A 1 107 ? -10.067 -11.794 -3.508  1.00 17.26 ? 107  GLU A OE2 1 
ATOM   850  N  N   . PHE A 1 108 ? -8.854  -6.177  -5.193  1.00 7.04  ? 108  PHE A N   1 
ATOM   851  C  CA  . PHE A 1 108 ? -7.807  -5.168  -5.030  1.00 7.52  ? 108  PHE A CA  1 
ATOM   852  C  C   . PHE A 1 108 ? -8.401  -3.868  -4.531  1.00 8.20  ? 108  PHE A C   1 
ATOM   853  O  O   . PHE A 1 108 ? -7.899  -3.263  -3.570  1.00 10.83 ? 108  PHE A O   1 
ATOM   854  C  CB  . PHE A 1 108 ? -7.125  -4.921  -6.380  1.00 5.52  ? 108  PHE A CB  1 
ATOM   855  C  CG  . PHE A 1 108 ? -5.989  -3.951  -6.320  1.00 8.41  ? 108  PHE A CG  1 
ATOM   856  C  CD1 . PHE A 1 108 ? -4.709  -4.388  -5.974  1.00 14.33 ? 108  PHE A CD1 1 
ATOM   857  C  CD2 . PHE A 1 108 ? -6.194  -2.610  -6.602  1.00 15.60 ? 108  PHE A CD2 1 
ATOM   858  C  CE1 . PHE A 1 108 ? -3.656  -3.498  -5.914  1.00 15.27 ? 108  PHE A CE1 1 
ATOM   859  C  CE2 . PHE A 1 108 ? -5.146  -1.702  -6.515  1.00 3.53  ? 108  PHE A CE2 1 
ATOM   860  C  CZ  . PHE A 1 108 ? -3.870  -2.158  -6.196  1.00 13.36 ? 108  PHE A CZ  1 
ATOM   861  N  N   . MET A 1 109 ? -9.465  -3.425  -5.192  1.00 10.57 ? 109  MET A N   1 
ATOM   862  C  CA  . MET A 1 109 ? -10.096 -2.166  -4.838  1.00 11.44 ? 109  MET A CA  1 
ATOM   863  C  C   . MET A 1 109 ? -10.690 -2.139  -3.435  1.00 4.68  ? 109  MET A C   1 
ATOM   864  O  O   . MET A 1 109 ? -10.733 -1.093  -2.804  1.00 10.76 ? 109  MET A O   1 
ATOM   865  C  CB  . MET A 1 109 ? -11.119 -1.732  -5.891  1.00 9.76  ? 109  MET A CB  1 
ATOM   866  C  CG  . MET A 1 109 ? -10.482 -1.240  -7.190  1.00 13.00 ? 109  MET A CG  1 
ATOM   867  S  SD  . MET A 1 109 ? -9.524  0.302   -6.951  1.00 13.10 ? 109  MET A SD  1 
ATOM   868  C  CE  . MET A 1 109 ? -10.765 1.341   -6.164  1.00 11.63 ? 109  MET A CE  1 
ATOM   869  N  N   . SER A 1 110 ? -11.090 -3.294  -2.924  1.00 12.20 ? 110  SER A N   1 
ATOM   870  C  CA  . SER A 1 110 ? -11.658 -3.339  -1.593  1.00 9.23  ? 110  SER A CA  1 
ATOM   871  C  C   . SER A 1 110 ? -10.621 -2.994  -0.510  1.00 14.66 ? 110  SER A C   1 
ATOM   872  O  O   . SER A 1 110 ? -10.967 -2.810  0.641   1.00 11.28 ? 110  SER A O   1 
ATOM   873  C  CB  . SER A 1 110 ? -12.276 -4.712  -1.305  1.00 14.75 ? 110  SER A CB  1 
ATOM   874  O  OG  . SER A 1 110 ? -11.286 -5.693  -1.059  1.00 9.42  ? 110  SER A OG  1 
ATOM   875  N  N   . GLY A 1 111 ? -9.347  -2.974  -0.878  1.00 12.16 ? 111  GLY A N   1 
ATOM   876  C  CA  . GLY A 1 111 ? -8.286  -2.647  0.060   1.00 17.14 ? 111  GLY A CA  1 
ATOM   877  C  C   . GLY A 1 111 ? -8.107  -1.147  0.235   1.00 16.86 ? 111  GLY A C   1 
ATOM   878  O  O   . GLY A 1 111 ? -7.533  -0.668  1.213   1.00 8.96  ? 111  GLY A O   1 
ATOM   879  N  N   . GLU A 1 112 ? -8.665  -0.382  -0.686  1.00 7.17  ? 112  GLU A N   1 
ATOM   880  C  CA  . GLU A 1 112 ? -8.542  1.079   -0.598  1.00 3.09  ? 112  GLU A CA  1 
ATOM   881  C  C   . GLU A 1 112 ? -8.941  1.723   0.740   1.00 17.86 ? 112  GLU A C   1 
ATOM   882  O  O   . GLU A 1 112 ? -8.151  2.446   1.323   1.00 8.58  ? 112  GLU A O   1 
ATOM   883  C  CB  . GLU A 1 112 ? -9.335  1.729   -1.723  1.00 12.42 ? 112  GLU A CB  1 
ATOM   884  C  CG  . GLU A 1 112 ? -9.188  3.230   -1.834  1.00 21.08 ? 112  GLU A CG  1 
ATOM   885  C  CD  . GLU A 1 112 ? -10.149 3.782   -2.875  1.00 34.09 ? 112  GLU A CD  1 
ATOM   886  O  OE1 . GLU A 1 112 ? -11.381 3.708   -2.665  1.00 65.96 ? 112  GLU A OE1 1 
ATOM   887  O  OE2 . GLU A 1 112 ? -9.674  4.202   -3.941  1.00 26.46 ? 112  GLU A OE2 1 
ATOM   888  N  N   . PRO A 1 113 ? -10.181 1.537   1.193   1.00 16.16 ? 113  PRO A N   1 
ATOM   889  C  CA  . PRO A 1 113 ? -10.620 2.163   2.446   1.00 9.30  ? 113  PRO A CA  1 
ATOM   890  C  C   . PRO A 1 113 ? -9.786  1.669   3.638   1.00 14.89 ? 113  PRO A C   1 
ATOM   891  O  O   . PRO A 1 113 ? -9.507  2.452   4.555   1.00 8.46  ? 113  PRO A O   1 
ATOM   892  C  CB  . PRO A 1 113 ? -12.094 1.726   2.562   1.00 11.75 ? 113  PRO A CB  1 
ATOM   893  C  CG  . PRO A 1 113 ? -12.169 0.504   1.768   1.00 9.48  ? 113  PRO A CG  1 
ATOM   894  C  CD  . PRO A 1 113 ? -11.264 0.750   0.572   1.00 14.98 ? 113  PRO A CD  1 
ATOM   895  N  N   . ILE A 1 114 ? -9.339  0.413   3.584   1.00 7.38  ? 114  ILE A N   1 
ATOM   896  C  CA  . ILE A 1 114 ? -8.565  -0.175  4.671   1.00 14.25 ? 114  ILE A CA  1 
ATOM   897  C  C   . ILE A 1 114 ? -7.167  0.450   4.752   1.00 13.54 ? 114  ILE A C   1 
ATOM   898  O  O   . ILE A 1 114 ? -6.718  0.834   5.824   1.00 4.89  ? 114  ILE A O   1 
ATOM   899  C  CB  . ILE A 1 114 ? -8.490  -1.722  4.502   1.00 7.38  ? 114  ILE A CB  1 
ATOM   900  C  CG1 . ILE A 1 114 ? -9.900  -2.314  4.640   1.00 8.24  ? 114  ILE A CG1 1 
ATOM   901  C  CG2 . ILE A 1 114 ? -7.570  -2.323  5.539   1.00 10.79 ? 114  ILE A CG2 1 
ATOM   902  C  CD1 . ILE A 1 114 ? -9.997  -3.755  4.263   1.00 9.53  ? 114  ILE A CD1 1 
ATOM   903  N  N   . PHE A 1 115 ? -6.463  0.508   3.623   1.00 6.62  ? 115  PHE A N   1 
ATOM   904  C  CA  . PHE A 1 115 ? -5.128  1.121   3.583   1.00 3.59  ? 115  PHE A CA  1 
ATOM   905  C  C   . PHE A 1 115 ? -5.232  2.613   3.897   1.00 5.74  ? 115  PHE A C   1 
ATOM   906  O  O   . PHE A 1 115 ? -4.365  3.183   4.550   1.00 8.23  ? 115  PHE A O   1 
ATOM   907  C  CB  . PHE A 1 115 ? -4.485  0.964   2.195   1.00 5.70  ? 115  PHE A CB  1 
ATOM   908  C  CG  . PHE A 1 115 ? -3.829  -0.376  1.965   1.00 14.48 ? 115  PHE A CG  1 
ATOM   909  C  CD1 . PHE A 1 115 ? -4.013  -1.435  2.852   1.00 7.39  ? 115  PHE A CD1 1 
ATOM   910  C  CD2 . PHE A 1 115 ? -3.021  -0.570  0.862   1.00 12.01 ? 115  PHE A CD2 1 
ATOM   911  C  CE1 . PHE A 1 115 ? -3.398  -2.656  2.619   1.00 13.21 ? 115  PHE A CE1 1 
ATOM   912  C  CE2 . PHE A 1 115 ? -2.450  -1.796  0.598   1.00 13.40 ? 115  PHE A CE2 1 
ATOM   913  C  CZ  . PHE A 1 115 ? -2.653  -2.849  1.457   1.00 9.61  ? 115  PHE A CZ  1 
ATOM   914  N  N   . THR A 1 116 ? -6.292  3.255   3.423   1.00 8.26  ? 116  THR A N   1 
ATOM   915  C  CA  . THR A 1 116 ? -6.489  4.682   3.730   1.00 7.11  ? 116  THR A CA  1 
ATOM   916  C  C   . THR A 1 116 ? -6.555  4.957   5.246   1.00 15.57 ? 116  THR A C   1 
ATOM   917  O  O   . THR A 1 116 ? -5.845  5.812   5.757   1.00 13.27 ? 116  THR A O   1 
ATOM   918  C  CB  . THR A 1 116 ? -7.746  5.205   3.047   1.00 9.44  ? 116  THR A CB  1 
ATOM   919  O  OG1 . THR A 1 116 ? -7.512  5.269   1.636   1.00 9.75  ? 116  THR A OG1 1 
ATOM   920  C  CG2 . THR A 1 116 ? -7.993  6.655   3.450   1.00 15.14 ? 116  THR A CG2 1 
ATOM   921  N  N   . LYS A 1 117 ? -7.404  4.195   5.949   1.00 14.45 ? 117  LYS A N   1 
ATOM   922  C  CA  . LYS A 1 117 ? -7.527  4.367   7.393   1.00 11.76 ? 117  LYS A CA  1 
ATOM   923  C  C   . LYS A 1 117 ? -6.182  4.078   8.079   1.00 11.86 ? 117  LYS A C   1 
ATOM   924  O  O   . LYS A 1 117 ? -5.761  4.821   8.975   1.00 10.81 ? 117  LYS A O   1 
ATOM   925  C  CB  . LYS A 1 117 ? -8.604  3.448   7.929   1.00 9.30  ? 117  LYS A CB  1 
ATOM   926  C  CG  . LYS A 1 117 ? -8.770  3.534   9.442   1.00 15.54 ? 117  LYS A CG  1 
ATOM   927  C  CD  . LYS A 1 117 ? -9.478  2.319   9.992   1.00 23.73 ? 117  LYS A CD  1 
ATOM   928  C  CE  . LYS A 1 117 ? -10.032 2.568   11.392  0.00 16.09 ? 117  LYS A CE  1 
ATOM   929  N  NZ  . LYS A 1 117 ? -11.275 1.779   11.629  0.00 16.76 ? 117  LYS A NZ  1 
ATOM   930  N  N   . TYR A 1 118 ? -5.521  3.015   7.652   1.00 8.86  ? 118  TYR A N   1 
ATOM   931  C  CA  . TYR A 1 118 ? -4.253  2.622   8.251   1.00 9.20  ? 118  TYR A CA  1 
ATOM   932  C  C   . TYR A 1 118 ? -3.201  3.716   8.138   1.00 11.90 ? 118  TYR A C   1 
ATOM   933  O  O   . TYR A 1 118 ? -2.509  4.038   9.111   1.00 10.01 ? 118  TYR A O   1 
ATOM   934  C  CB  . TYR A 1 118 ? -3.716  1.370   7.572   1.00 7.44  ? 118  TYR A CB  1 
ATOM   935  C  CG  . TYR A 1 118 ? -2.300  1.051   8.019   1.00 5.09  ? 118  TYR A CG  1 
ATOM   936  C  CD1 . TYR A 1 118 ? -2.058  0.576   9.313   1.00 8.52  ? 118  TYR A CD1 1 
ATOM   937  C  CD2 . TYR A 1 118 ? -1.210  1.291   7.185   1.00 4.77  ? 118  TYR A CD2 1 
ATOM   938  C  CE1 . TYR A 1 118 ? -0.776  0.299   9.748   1.00 9.84  ? 118  TYR A CE1 1 
ATOM   939  C  CE2 . TYR A 1 118 ? 0.077   0.986   7.609   1.00 5.87  ? 118  TYR A CE2 1 
ATOM   940  C  CZ  . TYR A 1 118 ? 0.285   0.541   8.915   1.00 10.75 ? 118  TYR A CZ  1 
ATOM   941  O  OH  . TYR A 1 118 ? 1.559   0.245   9.370   1.00 12.48 ? 118  TYR A OH  1 
ATOM   942  N  N   . PHE A 1 119 ? -3.003  4.204   6.925   1.00 9.77  ? 119  PHE A N   1 
ATOM   943  C  CA  . PHE A 1 119 ? -1.966  5.207   6.676   1.00 11.25 ? 119  PHE A CA  1 
ATOM   944  C  C   . PHE A 1 119 ? -2.360  6.551   7.273   1.00 10.80 ? 119  PHE A C   1 
ATOM   945  O  O   . PHE A 1 119 ? -1.513  7.333   7.690   1.00 10.36 ? 119  PHE A O   1 
ATOM   946  C  CB  . PHE A 1 119 ? -1.659  5.318   5.162   1.00 7.77  ? 119  PHE A CB  1 
ATOM   947  C  CG  . PHE A 1 119 ? -0.734  4.225   4.664   1.00 11.41 ? 119  PHE A CG  1 
ATOM   948  C  CD1 . PHE A 1 119 ? 0.631   4.288   4.906   1.00 11.83 ? 119  PHE A CD1 1 
ATOM   949  C  CD2 . PHE A 1 119 ? -1.253  3.073   4.098   1.00 10.03 ? 119  PHE A CD2 1 
ATOM   950  C  CE1 . PHE A 1 119 ? 1.486   3.237   4.525   1.00 9.86  ? 119  PHE A CE1 1 
ATOM   951  C  CE2 . PHE A 1 119 ? -0.415  2.027   3.681   1.00 9.11  ? 119  PHE A CE2 1 
ATOM   952  C  CZ  . PHE A 1 119 ? 0.959   2.103   3.922   1.00 3.92  ? 119  PHE A CZ  1 
ATOM   953  N  N   . GLN A 1 120 ? -3.653  6.828   7.323   1.00 4.32  ? 120  GLN A N   1 
ATOM   954  C  CA  . GLN A 1 120 ? -4.078  8.063   7.969   1.00 5.82  ? 120  GLN A CA  1 
ATOM   955  C  C   . GLN A 1 120 ? -3.727  8.000   9.438   1.00 6.34  ? 120  GLN A C   1 
ATOM   956  O  O   . GLN A 1 120 ? -3.266  8.976   10.029  1.00 12.64 ? 120  GLN A O   1 
ATOM   957  C  CB  . GLN A 1 120 ? -5.581  8.268   7.822   1.00 9.13  ? 120  GLN A CB  1 
ATOM   958  C  CG  . GLN A 1 120 ? -6.001  8.859   6.469   1.00 12.78 ? 120  GLN A CG  1 
ATOM   959  C  CD  . GLN A 1 120 ? -7.504  9.105   6.382   1.00 20.98 ? 120  GLN A CD  1 
ATOM   960  O  OE1 . GLN A 1 120 ? -8.299  8.272   6.831   1.00 12.76 ? 120  GLN A OE1 1 
ATOM   961  N  NE2 . GLN A 1 120 ? -7.894  10.247  5.802   1.00 10.73 ? 120  GLN A NE2 1 
ATOM   962  N  N   . ASN A 1 121 ? -4.003  6.859   10.046  1.00 9.63  ? 121  ASN A N   1 
ATOM   963  C  CA  . ASN A 1 121 ? -3.718  6.693   11.473  1.00 7.47  ? 121  ASN A CA  1 
ATOM   964  C  C   . ASN A 1 121 ? -2.211  6.755   11.717  1.00 6.19  ? 121  ASN A C   1 
ATOM   965  O  O   . ASN A 1 121 ? -1.745  7.245   12.755  1.00 9.24  ? 121  ASN A O   1 
ATOM   966  C  CB  . ASN A 1 121 ? -4.255  5.342   11.955  1.00 11.66 ? 121  ASN A CB  1 
ATOM   967  C  CG  . ASN A 1 121 ? -5.768  5.304   12.017  1.00 35.57 ? 121  ASN A CG  1 
ATOM   968  O  OD1 . ASN A 1 121 ? -6.417  6.334   11.939  1.00 21.53 ? 121  ASN A OD1 1 
ATOM   969  N  ND2 . ASN A 1 121 ? -6.334  4.108   12.151  1.00 26.62 ? 121  ASN A ND2 1 
ATOM   970  N  N   . LEU A 1 122 ? -1.444  6.300   10.741  1.00 10.26 ? 122  LEU A N   1 
ATOM   971  C  CA  . LEU A 1 122 ? 0.010   6.256   10.906  1.00 4.04  ? 122  LEU A CA  1 
ATOM   972  C  C   . LEU A 1 122 ? 0.614   7.676   10.876  1.00 5.77  ? 122  LEU A C   1 
ATOM   973  O  O   . LEU A 1 122 ? 1.584   7.984   11.590  1.00 7.84  ? 122  LEU A O   1 
ATOM   974  C  CB  . LEU A 1 122 ? 0.603   5.404   9.785   1.00 10.63 ? 122  LEU A CB  1 
ATOM   975  C  CG  . LEU A 1 122 ? 2.015   4.851   9.961   1.00 10.50 ? 122  LEU A CG  1 
ATOM   976  C  CD1 . LEU A 1 122 ? 2.120   4.036   11.216  1.00 7.09  ? 122  LEU A CD1 1 
ATOM   977  C  CD2 . LEU A 1 122 ? 2.373   3.994   8.751   1.00 9.29  ? 122  LEU A CD2 1 
ATOM   978  N  N   . VAL A 1 123 ? 0.079   8.544   10.037  1.00 5.72  ? 123  VAL A N   1 
ATOM   979  C  CA  . VAL A 1 123 ? 0.693   9.870   9.920   1.00 7.23  ? 123  VAL A CA  1 
ATOM   980  C  C   . VAL A 1 123 ? 0.294   10.783  11.079  1.00 9.06  ? 123  VAL A C   1 
ATOM   981  O  O   . VAL A 1 123 ? -0.643  10.482  11.804  1.00 10.44 ? 123  VAL A O   1 
ATOM   982  C  CB  . VAL A 1 123 ? 0.486   10.507  8.540   1.00 7.72  ? 123  VAL A CB  1 
ATOM   983  C  CG1 . VAL A 1 123 ? 1.054   9.582   7.469   1.00 11.43 ? 123  VAL A CG1 1 
ATOM   984  C  CG2 . VAL A 1 123 ? -0.986  10.826  8.280   1.00 5.67  ? 123  VAL A CG2 1 
ATOM   985  N  N   . ALA A 1 124 ? 1.006   11.901  11.231  1.00 14.34 ? 124  ALA A N   1 
ATOM   986  C  CA  . ALA A 1 124 ? 0.913   12.745  12.419  1.00 5.55  ? 124  ALA A CA  1 
ATOM   987  C  C   . ALA A 1 124 ? -0.327  13.628  12.551  1.00 15.96 ? 124  ALA A C   1 
ATOM   988  O  O   . ALA A 1 124 ? -0.920  13.691  13.629  1.00 12.37 ? 124  ALA A O   1 
ATOM   989  C  CB  . ALA A 1 124 ? 2.177   13.613  12.548  1.00 8.25  ? 124  ALA A CB  1 
ATOM   990  N  N   . ASP A 1 125 ? -0.702  14.331  11.485  1.00 13.69 ? 125  ASP A N   1 
ATOM   991  C  CA  . ASP A 1 125 ? -1.715  15.380  11.607  1.00 12.23 ? 125  ASP A CA  1 
ATOM   992  C  C   . ASP A 1 125 ? -2.780  15.430  10.515  1.00 8.74  ? 125  ASP A C   1 
ATOM   993  O  O   . ASP A 1 125 ? -2.774  14.628  9.557   1.00 8.30  ? 125  ASP A O   1 
ATOM   994  C  CB  . ASP A 1 125 ? -1.038  16.759  11.771  1.00 11.36 ? 125  ASP A CB  1 
ATOM   995  C  CG  . ASP A 1 125 ? -0.009  17.046  10.677  1.00 13.63 ? 125  ASP A CG  1 
ATOM   996  O  OD1 . ASP A 1 125 ? -0.307  16.772  9.494   1.00 10.49 ? 125  ASP A OD1 1 
ATOM   997  O  OD2 . ASP A 1 125 ? 1.112   17.574  10.909  1.00 11.47 ? 125  ASP A OD2 1 
ATOM   998  N  N   . ALA A 1 126 ? -3.725  16.347  10.701  1.00 9.48  ? 126  ALA A N   1 
ATOM   999  C  CA  . ALA A 1 126 ? -4.882  16.456  9.817   1.00 11.95 ? 126  ALA A CA  1 
ATOM   1000 C  C   . ALA A 1 126 ? -4.455  16.707  8.366   1.00 12.84 ? 126  ALA A C   1 
ATOM   1001 O  O   . ALA A 1 126 ? -5.029  16.127  7.442   1.00 9.72  ? 126  ALA A O   1 
ATOM   1002 C  CB  . ALA A 1 126 ? -5.850  17.572  10.297  1.00 3.94  ? 126  ALA A CB  1 
ATOM   1003 N  N   . GLU A 1 127 ? -3.449  17.555  8.160   1.00 10.72 ? 127  GLU A N   1 
ATOM   1004 C  CA  . GLU A 1 127 ? -3.032  17.860  6.787   1.00 9.06  ? 127  GLU A CA  1 
ATOM   1005 C  C   . GLU A 1 127 ? -2.432  16.615  6.117   1.00 7.37  ? 127  GLU A C   1 
ATOM   1006 O  O   . GLU A 1 127 ? -2.702  16.329  4.957   1.00 8.35  ? 127  GLU A O   1 
ATOM   1007 C  CB  . GLU A 1 127 ? -2.053  19.056  6.727   1.00 12.99 ? 127  GLU A CB  1 
ATOM   1008 C  CG  . GLU A 1 127 ? -1.846  19.586  5.306   1.00 12.80 ? 127  GLU A CG  1 
ATOM   1009 C  CD  . GLU A 1 127 ? -0.812  20.700  5.201   1.00 8.98  ? 127  GLU A CD  1 
ATOM   1010 O  OE1 . GLU A 1 127 ? -0.064  20.908  6.184   1.00 13.34 ? 127  GLU A OE1 1 
ATOM   1011 O  OE2 . GLU A 1 127 ? -0.712  21.327  4.109   1.00 6.41  ? 127  GLU A OE2 1 
ATOM   1012 N  N   . GLY A 1 128 ? -1.671  15.837  6.865   1.00 7.83  ? 128  GLY A N   1 
ATOM   1013 C  CA  . GLY A 1 128 ? -1.122  14.604  6.309   1.00 4.20  ? 128  GLY A CA  1 
ATOM   1014 C  C   . GLY A 1 128 ? -2.182  13.527  6.121   1.00 3.97  ? 128  GLY A C   1 
ATOM   1015 O  O   . GLY A 1 128 ? -2.166  12.776  5.156   1.00 9.22  ? 128  GLY A O   1 
ATOM   1016 N  N   . LYS A 1 129 ? -3.165  13.501  7.013   1.00 6.33  ? 129  LYS A N   1 
ATOM   1017 C  CA  . LYS A 1 129 ? -4.217  12.496  6.933   1.00 11.96 ? 129  LYS A CA  1 
ATOM   1018 C  C   . LYS A 1 129 ? -5.074  12.749  5.690   1.00 12.37 ? 129  LYS A C   1 
ATOM   1019 O  O   . LYS A 1 129 ? -5.479  11.818  5.002   1.00 10.21 ? 129  LYS A O   1 
ATOM   1020 C  CB  . LYS A 1 129 ? -5.070  12.471  8.212   1.00 9.25  ? 129  LYS A CB  1 
ATOM   1021 C  CG  . LYS A 1 129 ? -4.347  11.863  9.419   1.00 6.27  ? 129  LYS A CG  1 
ATOM   1022 C  CD  . LYS A 1 129 ? -5.068  12.106  10.736  1.00 14.12 ? 129  LYS A CD  1 
ATOM   1023 C  CE  . LYS A 1 129 ? -4.064  12.081  11.910  1.00 15.71 ? 129  LYS A CE  1 
ATOM   1024 N  NZ  . LYS A 1 129 ? -3.685  10.694  12.314  1.00 12.42 ? 129  LYS A NZ  1 
ATOM   1025 N  N   . ALA A 1 130 ? -5.300  14.013  5.377   1.00 10.83 ? 130  ALA A N   1 
ATOM   1026 C  CA  . ALA A 1 130 ? -6.073  14.356  4.188   1.00 8.53  ? 130  ALA A CA  1 
ATOM   1027 C  C   . ALA A 1 130 ? -5.276  14.084  2.938   1.00 12.94 ? 130  ALA A C   1 
ATOM   1028 O  O   . ALA A 1 130 ? -5.840  13.685  1.902   1.00 8.24  ? 130  ALA A O   1 
ATOM   1029 C  CB  . ALA A 1 130 ? -6.540  15.827  4.236   1.00 13.00 ? 130  ALA A CB  1 
ATOM   1030 N  N   . ALA A 1 131 ? -3.959  14.306  3.009   1.00 8.26  ? 131  ALA A N   1 
ATOM   1031 C  CA  . ALA A 1 131 ? -3.141  14.038  1.838   1.00 11.55 ? 131  ALA A CA  1 
ATOM   1032 C  C   . ALA A 1 131 ? -3.041  12.532  1.555   1.00 10.30 ? 131  ALA A C   1 
ATOM   1033 O  O   . ALA A 1 131 ? -3.002  12.125  0.410   1.00 9.03  ? 131  ALA A O   1 
ATOM   1034 C  CB  . ALA A 1 131 ? -1.735  14.682  1.978   1.00 7.31  ? 131  ALA A CB  1 
ATOM   1035 N  N   . VAL A 1 132 ? -3.052  11.715  2.603   1.00 4.80  ? 132  VAL A N   1 
ATOM   1036 C  CA  . VAL A 1 132 ? -2.984  10.267  2.443   1.00 13.30 ? 132  VAL A CA  1 
ATOM   1037 C  C   . VAL A 1 132 ? -4.172  9.796   1.627   1.00 11.06 ? 132  VAL A C   1 
ATOM   1038 O  O   . VAL A 1 132 ? -4.054  9.004   0.699   1.00 9.83  ? 132  VAL A O   1 
ATOM   1039 C  CB  . VAL A 1 132 ? -3.031  9.543   3.817   1.00 10.84 ? 132  VAL A CB  1 
ATOM   1040 C  CG1 . VAL A 1 132 ? -3.507  8.065   3.637   1.00 8.53  ? 132  VAL A CG1 1 
ATOM   1041 C  CG2 . VAL A 1 132 ? -1.657  9.577   4.463   1.00 12.06 ? 132  VAL A CG2 1 
ATOM   1042 N  N   . GLU A 1 133 ? -5.351  10.262  2.018   1.00 10.23 ? 133  GLU A N   1 
ATOM   1043 C  CA  . GLU A 1 133 ? -6.559  9.823   1.354   1.00 16.25 ? 133  GLU A CA  1 
ATOM   1044 C  C   . GLU A 1 133 ? -6.566  10.279  -0.111  1.00 9.19  ? 133  GLU A C   1 
ATOM   1045 O  O   . GLU A 1 133 ? -6.846  9.487   -1.012  1.00 13.74 ? 133  GLU A O   1 
ATOM   1046 C  CB  . GLU A 1 133 ? -7.789  10.334  2.104   1.00 14.85 ? 133  GLU A CB  1 
ATOM   1047 C  CG  . GLU A 1 133 ? -9.101  10.015  1.405   1.00 17.42 ? 133  GLU A CG  1 
ATOM   1048 C  CD  . GLU A 1 133 ? -10.294 10.156  2.327   1.00 94.54 ? 133  GLU A CD  1 
ATOM   1049 O  OE1 . GLU A 1 133 ? -10.483 11.254  2.881   1.00 24.55 ? 133  GLU A OE1 1 
ATOM   1050 O  OE2 . GLU A 1 133 ? -11.030 9.167   2.522   1.00 39.19 ? 133  GLU A OE2 1 
ATOM   1051 N  N   . LYS A 1 134 ? -6.192  11.533  -0.360  1.00 9.28  ? 134  LYS A N   1 
ATOM   1052 C  CA  . LYS A 1 134 ? -6.166  12.038  -1.719  1.00 16.01 ? 134  LYS A CA  1 
ATOM   1053 C  C   . LYS A 1 134 ? -5.169  11.219  -2.521  1.00 13.20 ? 134  LYS A C   1 
ATOM   1054 O  O   . LYS A 1 134 ? -5.435  10.832  -3.660  1.00 11.80 ? 134  LYS A O   1 
ATOM   1055 C  CB  . LYS A 1 134 ? -5.780  13.522  -1.740  1.00 29.96 ? 134  LYS A CB  1 
ATOM   1056 C  CG  . LYS A 1 134 ? -6.023  14.273  -3.076  0.00 16.09 ? 134  LYS A CG  1 
ATOM   1057 C  CD  . LYS A 1 134 ? -5.643  15.741  -2.970  0.00 17.77 ? 134  LYS A CD  1 
ATOM   1058 C  CE  . LYS A 1 134 ? -6.056  16.519  -4.216  0.00 18.76 ? 134  LYS A CE  1 
ATOM   1059 N  NZ  . LYS A 1 134 ? -5.658  17.960  -4.147  0.00 19.58 ? 134  LYS A NZ  1 
ATOM   1060 N  N   . PHE A 1 135 ? -4.049  10.892  -1.892  1.00 8.21  ? 135  PHE A N   1 
ATOM   1061 C  CA  . PHE A 1 135 ? -3.013  10.112  -2.580  1.00 11.79 ? 135  PHE A CA  1 
ATOM   1062 C  C   . PHE A 1 135 ? -3.499  8.696   -2.928  1.00 4.62  ? 135  PHE A C   1 
ATOM   1063 O  O   . PHE A 1 135 ? -3.417  8.267   -4.076  1.00 12.47 ? 135  PHE A O   1 
ATOM   1064 C  CB  . PHE A 1 135 ? -1.727  10.076  -1.750  1.00 7.48  ? 135  PHE A CB  1 
ATOM   1065 C  CG  . PHE A 1 135 ? -0.702  9.103   -2.255  1.00 16.47 ? 135  PHE A CG  1 
ATOM   1066 C  CD1 . PHE A 1 135 ? -0.147  9.254   -3.514  1.00 11.73 ? 135  PHE A CD1 1 
ATOM   1067 C  CD2 . PHE A 1 135 ? -0.283  8.037   -1.465  1.00 11.11 ? 135  PHE A CD2 1 
ATOM   1068 C  CE1 . PHE A 1 135 ? 0.834   8.365   -3.979  1.00 8.49  ? 135  PHE A CE1 1 
ATOM   1069 C  CE2 . PHE A 1 135 ? 0.690   7.160   -1.920  1.00 12.41 ? 135  PHE A CE2 1 
ATOM   1070 C  CZ  . PHE A 1 135 ? 1.249   7.334   -3.173  1.00 11.68 ? 135  PHE A CZ  1 
ATOM   1071 N  N   . LEU A 1 136 ? -4.048  7.989   -1.955  1.00 9.90  ? 136  LEU A N   1 
ATOM   1072 C  CA  . LEU A 1 136 ? -4.490  6.611   -2.208  1.00 9.50  ? 136  LEU A CA  1 
ATOM   1073 C  C   . LEU A 1 136 ? -5.697  6.514   -3.135  1.00 20.36 ? 136  LEU A C   1 
ATOM   1074 O  O   . LEU A 1 136 ? -5.790  5.590   -3.941  1.00 14.46 ? 136  LEU A O   1 
ATOM   1075 C  CB  . LEU A 1 136 ? -4.734  5.863   -0.906  1.00 10.72 ? 136  LEU A CB  1 
ATOM   1076 C  CG  . LEU A 1 136 ? -3.431  5.666   -0.134  1.00 6.80  ? 136  LEU A CG  1 
ATOM   1077 C  CD1 . LEU A 1 136 ? -3.728  5.074   1.248   1.00 16.10 ? 136  LEU A CD1 1 
ATOM   1078 C  CD2 . LEU A 1 136 ? -2.460  4.760   -0.923  1.00 8.54  ? 136  LEU A CD2 1 
ATOM   1079 N  N   . LYS A 1 137 ? -6.622  7.466   -3.025  1.00 16.19 ? 137  LYS A N   1 
ATOM   1080 C  CA  . LYS A 1 137 ? -7.799  7.480   -3.897  1.00 20.27 ? 137  LYS A CA  1 
ATOM   1081 C  C   . LYS A 1 137 ? -7.393  7.697   -5.348  1.00 17.13 ? 137  LYS A C   1 
ATOM   1082 O  O   . LYS A 1 137 ? -8.089  7.274   -6.280  1.00 21.43 ? 137  LYS A O   1 
ATOM   1083 C  CB  . LYS A 1 137 ? -8.813  8.529   -3.406  1.00 25.18 ? 137  LYS A CB  1 
ATOM   1084 C  CG  . LYS A 1 137 ? -9.578  8.145   -2.153  0.00 47.40 ? 137  LYS A CG  1 
ATOM   1085 C  CD  . LYS A 1 137 ? -10.579 9.214   -1.747  0.00 22.09 ? 137  LYS A CD  1 
ATOM   1086 C  CE  . LYS A 1 137 ? -11.783 9.211   -2.684  0.00 22.79 ? 137  LYS A CE  1 
ATOM   1087 N  NZ  . LYS A 1 137 ? -12.761 10.283  -2.342  0.00 23.20 ? 137  LYS A NZ  1 
ATOM   1088 N  N   . HIS A 1 138 ? -6.254  8.344   -5.540  1.00 28.61 ? 138  HIS A N   1 
ATOM   1089 C  CA  . HIS A 1 138 ? -5.774  8.632   -6.871  1.00 18.15 ? 138  HIS A CA  1 
ATOM   1090 C  C   . HIS A 1 138 ? -5.065  7.424   -7.479  1.00 16.31 ? 138  HIS A C   1 
ATOM   1091 O  O   . HIS A 1 138 ? -5.284  7.075   -8.650  1.00 18.87 ? 138  HIS A O   1 
ATOM   1092 C  CB  . HIS A 1 138 ? -4.813  9.817   -6.816  1.00 13.95 ? 138  HIS A CB  1 
ATOM   1093 C  CG  . HIS A 1 138 ? -4.457  10.367  -8.156  1.00 30.23 ? 138  HIS A CG  1 
ATOM   1094 N  ND1 . HIS A 1 138 ? -5.348  11.082  -8.927  1.00 39.56 ? 138  HIS A ND1 1 
ATOM   1095 C  CD2 . HIS A 1 138 ? -3.307  10.300  -8.869  1.00 40.53 ? 138  HIS A CD2 1 
ATOM   1096 C  CE1 . HIS A 1 138 ? -4.766  11.422  -10.064 1.00 32.84 ? 138  HIS A CE1 1 
ATOM   1097 N  NE2 . HIS A 1 138 ? -3.524  10.969  -10.048 1.00 34.65 ? 138  HIS A NE2 1 
ATOM   1098 N  N   . VAL A 1 139 ? -4.218  6.773   -6.688  1.00 17.41 ? 139  VAL A N   1 
ATOM   1099 C  CA  . VAL A 1 139 ? -3.384  5.689   -7.207  1.00 19.29 ? 139  VAL A CA  1 
ATOM   1100 C  C   . VAL A 1 139 ? -4.014  4.292   -7.240  1.00 20.15 ? 139  VAL A C   1 
ATOM   1101 O  O   . VAL A 1 139 ? -3.600  3.449   -8.043  1.00 10.67 ? 139  VAL A O   1 
ATOM   1102 C  CB  . VAL A 1 139 ? -2.008  5.613   -6.504  1.00 20.59 ? 139  VAL A CB  1 
ATOM   1103 C  CG1 . VAL A 1 139 ? -1.178  6.874   -6.816  1.00 20.95 ? 139  VAL A CG1 1 
ATOM   1104 C  CG2 . VAL A 1 139 ? -2.170  5.424   -4.996  1.00 17.00 ? 139  VAL A CG2 1 
ATOM   1105 N  N   . PHE A 1 140 ? -4.960  4.017   -6.341  1.00 8.23  ? 140  PHE A N   1 
ATOM   1106 C  CA  . PHE A 1 140 ? -5.641  2.715   -6.375  1.00 9.10  ? 140  PHE A CA  1 
ATOM   1107 C  C   . PHE A 1 140 ? -6.254  2.415   -7.741  1.00 11.41 ? 140  PHE A C   1 
ATOM   1108 O  O   . PHE A 1 140 ? -6.041  1.339   -8.294  1.00 15.36 ? 140  PHE A O   1 
ATOM   1109 C  CB  . PHE A 1 140 ? -6.674  2.567   -5.246  1.00 13.43 ? 140  PHE A CB  1 
ATOM   1110 C  CG  . PHE A 1 140 ? -6.196  1.726   -4.098  1.00 14.91 ? 140  PHE A CG  1 
ATOM   1111 C  CD1 . PHE A 1 140 ? -5.403  2.271   -3.111  1.00 9.20  ? 140  PHE A CD1 1 
ATOM   1112 C  CD2 . PHE A 1 140 ? -6.540  0.381   -4.006  1.00 7.71  ? 140  PHE A CD2 1 
ATOM   1113 C  CE1 . PHE A 1 140 ? -4.948  1.504   -2.055  1.00 12.23 ? 140  PHE A CE1 1 
ATOM   1114 C  CE2 . PHE A 1 140 ? -6.080  -0.400  -2.950  1.00 7.92  ? 140  PHE A CE2 1 
ATOM   1115 C  CZ  . PHE A 1 140 ? -5.289  0.167   -1.964  1.00 5.67  ? 140  PHE A CZ  1 
ATOM   1116 N  N   . PRO A 1 141 ? -7.073  3.313   -8.270  1.00 16.30 ? 141  PRO A N   1 
ATOM   1117 C  CA  . PRO A 1 141 ? -7.665  3.080   -9.594  1.00 24.49 ? 141  PRO A CA  1 
ATOM   1118 C  C   . PRO A 1 141 ? -6.613  2.957   -10.701 1.00 23.08 ? 141  PRO A C   1 
ATOM   1119 O  O   . PRO A 1 141 ? -6.826  2.186   -11.635 1.00 18.68 ? 141  PRO A O   1 
ATOM   1120 C  CB  . PRO A 1 141 ? -8.545  4.309   -9.809  1.00 26.65 ? 141  PRO A CB  1 
ATOM   1121 C  CG  . PRO A 1 141 ? -8.824  4.796   -8.431  1.00 24.40 ? 141  PRO A CG  1 
ATOM   1122 C  CD  . PRO A 1 141 ? -7.562  4.553   -7.646  1.00 9.78  ? 141  PRO A CD  1 
ATOM   1123 N  N   . MET A 1 142 ? -5.493  3.668   -10.589 1.00 15.23 ? 142  MET A N   1 
ATOM   1124 C  CA  . MET A 1 142 ? -4.435  3.568   -11.604 1.00 16.36 ? 142  MET A CA  1 
ATOM   1125 C  C   . MET A 1 142 ? -3.891  2.140   -11.665 1.00 23.27 ? 142  MET A C   1 
ATOM   1126 O  O   . MET A 1 142 ? -3.744  1.562   -12.735 1.00 19.60 ? 142  MET A O   1 
ATOM   1127 C  CB  . MET A 1 142 ? -3.287  4.566   -11.327 1.00 13.45 ? 142  MET A CB  1 
ATOM   1128 C  CG  . MET A 1 142 ? -3.679  6.034   -11.464 1.00 19.09 ? 142  MET A CG  1 
ATOM   1129 S  SD  . MET A 1 142 ? -2.207  7.122   -11.473 1.00 26.03 ? 142  MET A SD  1 
ATOM   1130 C  CE  . MET A 1 142 ? -2.842  8.549   -12.309 1.00 46.46 ? 142  MET A CE  1 
ATOM   1131 N  N   . MET A 1 143 ? -3.616  1.569   -10.501 1.00 10.33 ? 143  MET A N   1 
ATOM   1132 C  CA  . MET A 1 143 ? -3.129  0.202   -10.414 1.00 9.14  ? 143  MET A CA  1 
ATOM   1133 C  C   . MET A 1 143 ? -4.226  -0.786  -10.800 1.00 22.77 ? 143  MET A C   1 
ATOM   1134 O  O   . MET A 1 143 ? -3.992  -1.720  -11.548 1.00 16.82 ? 143  MET A O   1 
ATOM   1135 C  CB  . MET A 1 143 ? -2.628  -0.097  -8.997  1.00 18.69 ? 143  MET A CB  1 
ATOM   1136 C  CG  . MET A 1 143 ? -1.283  0.539   -8.671  1.00 10.73 ? 143  MET A CG  1 
ATOM   1137 S  SD  . MET A 1 143 ? -0.821  0.231   -6.964  1.00 11.41 ? 143  MET A SD  1 
ATOM   1138 C  CE  . MET A 1 143 ? -1.960  1.289   -6.131  1.00 20.60 ? 143  MET A CE  1 
ATOM   1139 N  N   . ALA A 1 144 ? -5.441  -0.546  -10.330 1.00 14.84 ? 144  ALA A N   1 
ATOM   1140 C  CA  . ALA A 1 144 ? -6.510  -1.510  -10.574 1.00 18.24 ? 144  ALA A CA  1 
ATOM   1141 C  C   . ALA A 1 144 ? -6.841  -1.666  -12.065 1.00 12.42 ? 144  ALA A C   1 
ATOM   1142 O  O   . ALA A 1 144 ? -7.244  -2.745  -12.518 1.00 18.42 ? 144  ALA A O   1 
ATOM   1143 C  CB  . ALA A 1 144 ? -7.751  -1.148  -9.760  1.00 11.29 ? 144  ALA A CB  1 
ATOM   1144 N  N   . ALA A 1 145 ? -6.642  -0.604  -12.830 1.00 13.25 ? 145  ALA A N   1 
ATOM   1145 C  CA  . ALA A 1 145 ? -6.907  -0.640  -14.262 1.00 25.57 ? 145  ALA A CA  1 
ATOM   1146 C  C   . ALA A 1 145 ? -6.158  -1.768  -14.976 1.00 19.50 ? 145  ALA A C   1 
ATOM   1147 O  O   . ALA A 1 145 ? -6.618  -2.283  -15.991 1.00 23.40 ? 145  ALA A O   1 
ATOM   1148 C  CB  . ALA A 1 145 ? -6.561  0.696   -14.891 1.00 32.53 ? 145  ALA A CB  1 
ATOM   1149 N  N   . GLU A 1 146 ? -4.997  -2.140  -14.457 1.00 19.52 ? 146  GLU A N   1 
ATOM   1150 C  CA  . GLU A 1 146 ? -4.199  -3.176  -15.094 1.00 16.54 ? 146  GLU A CA  1 
ATOM   1151 C  C   . GLU A 1 146 ? -4.372  -4.543  -14.447 1.00 27.18 ? 146  GLU A C   1 
ATOM   1152 O  O   . GLU A 1 146 ? -3.734  -5.504  -14.862 1.00 22.44 ? 146  GLU A O   1 
ATOM   1153 C  CB  . GLU A 1 146 ? -2.729  -2.769  -15.142 1.00 23.83 ? 146  GLU A CB  1 
ATOM   1154 C  CG  . GLU A 1 146 ? -2.480  -1.550  -16.022 1.00 18.26 ? 146  GLU A CG  1 
ATOM   1155 C  CD  . GLU A 1 146 ? -2.947  -1.793  -17.442 1.00 24.23 ? 146  GLU A CD  1 
ATOM   1156 O  OE1 . GLU A 1 146 ? -2.931  -2.976  -17.852 1.00 16.32 ? 146  GLU A OE1 1 
ATOM   1157 O  OE2 . GLU A 1 146 ? -3.384  -0.831  -18.117 1.00 21.04 ? 146  GLU A OE2 1 
ATOM   1158 N  N   . ILE A 1 147 ? -5.257  -4.644  -13.455 1.00 24.02 ? 147  ILE A N   1 
ATOM   1159 C  CA  . ILE A 1 147 ? -5.541  -5.933  -12.829 1.00 24.68 ? 147  ILE A CA  1 
ATOM   1160 C  C   . ILE A 1 147 ? -6.728  -6.661  -13.480 1.00 44.08 ? 147  ILE A C   1 
ATOM   1161 O  O   . ILE A 1 147 ? -7.730  -6.069  -13.903 1.00 34.37 ? 147  ILE A O   1 
ATOM   1162 C  CB  . ILE A 1 147 ? -5.753  -5.771  -11.310 1.00 39.96 ? 147  ILE A CB  1 
ATOM   1163 C  CG1 . ILE A 1 147 ? -4.500  -5.161  -10.674 1.00 25.11 ? 147  ILE A CG1 1 
ATOM   1164 C  CG2 . ILE A 1 147 ? -6.061  -7.117  -10.669 1.00 32.57 ? 147  ILE A CG2 1 
ATOM   1165 C  CD1 . ILE A 1 147 ? -4.658  -4.730  -9.227  1.00 22.24 ? 147  ILE A CD1 1 
ATOM   1166 O  OXT . ILE A 1 147 ? -7.398  -7.139  -13.029 0.00 38.53 ? 147  ILE A OXT 1 
HETATM 1167 S  S   . SO4 B 2 .   ? -1.397  24.050  -2.217  1.00 23.96 ? 1001 SO4 A S   1 
HETATM 1168 O  O1  . SO4 B 2 .   ? -2.006  24.764  -1.103  1.00 13.98 ? 1001 SO4 A O1  1 
HETATM 1169 O  O2  . SO4 B 2 .   ? -2.205  24.219  -3.426  1.00 14.27 ? 1001 SO4 A O2  1 
HETATM 1170 O  O3  . SO4 B 2 .   ? -0.085  24.624  -2.503  1.00 27.79 ? 1001 SO4 A O3  1 
HETATM 1171 O  O4  . SO4 B 2 .   ? -1.287  22.638  -1.864  1.00 17.59 ? 1001 SO4 A O4  1 
HETATM 1172 S  S   . SO4 C 2 .   ? -2.193  20.492  10.635  1.00 15.25 ? 1002 SO4 A S   1 
HETATM 1173 O  O1  . SO4 C 2 .   ? -2.949  20.423  11.886  1.00 18.10 ? 1002 SO4 A O1  1 
HETATM 1174 O  O2  . SO4 C 2 .   ? -1.061  21.420  10.819  1.00 10.69 ? 1002 SO4 A O2  1 
HETATM 1175 O  O3  . SO4 C 2 .   ? -1.732  19.159  10.258  1.00 12.86 ? 1002 SO4 A O3  1 
HETATM 1176 O  O4  . SO4 C 2 .   ? -3.073  20.970  9.569   1.00 22.16 ? 1002 SO4 A O4  1 
HETATM 1177 S  S   . SO4 D 2 .   ? 12.693  -10.273 1.320   1.00 39.75 ? 1003 SO4 A S   1 
HETATM 1178 O  O1  . SO4 D 2 .   ? 12.368  -8.876  1.600   1.00 53.38 ? 1003 SO4 A O1  1 
HETATM 1179 O  O2  . SO4 D 2 .   ? 12.265  -10.612 -0.033  1.00 32.96 ? 1003 SO4 A O2  1 
HETATM 1180 O  O3  . SO4 D 2 .   ? 14.138  -10.462 1.453   1.00 74.25 ? 1003 SO4 A O3  1 
HETATM 1181 O  O4  . SO4 D 2 .   ? 12.012  -11.128 2.289   1.00 45.10 ? 1003 SO4 A O4  1 
HETATM 1182 C  CHA . HEM E 3 .   ? 1.884   -8.299  -4.764  1.00 11.55 ? 148  HEM A CHA 1 
HETATM 1183 C  CHB . HEM E 3 .   ? 1.957   -3.486  -4.286  1.00 5.27  ? 148  HEM A CHB 1 
HETATM 1184 C  CHC . HEM E 3 .   ? -2.586  -3.496  -2.727  1.00 12.56 ? 148  HEM A CHC 1 
HETATM 1185 C  CHD . HEM E 3 .   ? -2.770  -8.282  -3.291  1.00 5.61  ? 148  HEM A CHD 1 
HETATM 1186 C  C1A . HEM E 3 .   ? 2.308   -6.989  -4.790  1.00 23.05 ? 148  HEM A C1A 1 
HETATM 1187 C  C2A . HEM E 3 .   ? 3.591   -6.506  -5.256  1.00 21.96 ? 148  HEM A C2A 1 
HETATM 1188 C  C3A . HEM E 3 .   ? 3.599   -5.175  -5.110  1.00 11.53 ? 148  HEM A C3A 1 
HETATM 1189 C  C4A . HEM E 3 .   ? 2.311   -4.778  -4.568  1.00 12.68 ? 148  HEM A C4A 1 
HETATM 1190 C  CMA . HEM E 3 .   ? 4.741   -4.202  -5.491  1.00 16.86 ? 148  HEM A CMA 1 
HETATM 1191 C  CAA . HEM E 3 .   ? 4.729   -7.362  -5.874  1.00 27.35 ? 148  HEM A CAA 1 
HETATM 1192 C  CBA . HEM E 3 .   ? 5.652   -7.889  -4.788  1.00 28.32 ? 148  HEM A CBA 1 
HETATM 1193 C  CGA . HEM E 3 .   ? 6.777   -8.983  -5.596  0.00 20.49 ? 148  HEM A CGA 1 
HETATM 1194 O  O1A . HEM E 3 .   ? 7.842   -8.399  -5.875  0.00 21.23 ? 148  HEM A O1A 1 
HETATM 1195 O  O2A . HEM E 3 .   ? 6.607   -10.196 -5.814  0.00 21.23 ? 148  HEM A O2A 1 
HETATM 1196 C  C1B . HEM E 3 .   ? 0.727   -3.058  -3.849  1.00 10.19 ? 148  HEM A C1B 1 
HETATM 1197 C  C2B . HEM E 3 .   ? 0.325   -1.686  -3.666  1.00 14.33 ? 148  HEM A C2B 1 
HETATM 1198 C  C3B . HEM E 3 .   ? -0.946  -1.686  -3.244  1.00 9.40  ? 148  HEM A C3B 1 
HETATM 1199 C  C4B . HEM E 3 .   ? -1.360  -3.068  -3.147  1.00 10.41 ? 148  HEM A C4B 1 
HETATM 1200 C  CMB . HEM E 3 .   ? 1.230   -0.458  -3.900  1.00 6.60  ? 148  HEM A CMB 1 
HETATM 1201 C  CAB . HEM E 3 .   ? -1.822  -0.469  -2.880  1.00 13.02 ? 148  HEM A CAB 1 
HETATM 1202 C  CBB . HEM E 3 .   ? -1.317  0.527   -2.143  1.00 13.91 ? 148  HEM A CBB 1 
HETATM 1203 C  C1C . HEM E 3 .   ? -3.006  -4.800  -2.721  1.00 10.17 ? 148  HEM A C1C 1 
HETATM 1204 C  C2C . HEM E 3 .   ? -4.322  -5.241  -2.305  1.00 11.57 ? 148  HEM A C2C 1 
HETATM 1205 C  C3C . HEM E 3 .   ? -4.351  -6.564  -2.392  1.00 7.04  ? 148  HEM A C3C 1 
HETATM 1206 C  C4C . HEM E 3 .   ? -3.092  -6.996  -2.975  1.00 9.54  ? 148  HEM A C4C 1 
HETATM 1207 C  CMC . HEM E 3 .   ? -5.400  -4.371  -1.616  1.00 18.01 ? 148  HEM A CMC 1 
HETATM 1208 C  CAC . HEM E 3 .   ? -5.554  -7.459  -2.031  1.00 20.92 ? 148  HEM A CAC 1 
HETATM 1209 C  CBC . HEM E 3 .   ? -6.483  -7.740  -2.946  1.00 97.01 ? 148  HEM A CBC 1 
HETATM 1210 C  C1D . HEM E 3 .   ? -1.558  -8.723  -3.741  1.00 8.30  ? 148  HEM A C1D 1 
HETATM 1211 C  C2D . HEM E 3 .   ? -1.262  -10.092 -4.101  1.00 12.37 ? 148  HEM A C2D 1 
HETATM 1212 C  C3D . HEM E 3 .   ? 0.179   -10.078 -4.570  1.00 21.38 ? 148  HEM A C3D 1 
HETATM 1213 C  C4D . HEM E 3 .   ? 0.619   -8.714  -4.427  1.00 16.16 ? 148  HEM A C4D 1 
HETATM 1214 C  CMD . HEM E 3 .   ? -2.207  -11.319 -4.029  1.00 19.33 ? 148  HEM A CMD 1 
HETATM 1215 C  CAD . HEM E 3 .   ? 1.020   -11.250 -5.094  1.00 21.49 ? 148  HEM A CAD 1 
HETATM 1216 C  CBD . HEM E 3 .   ? 1.711   -11.891 -3.904  1.00 29.22 ? 148  HEM A CBD 1 
HETATM 1217 C  CGD . HEM E 3 .   ? 2.780   -12.946 -4.914  0.00 19.38 ? 148  HEM A CGD 1 
HETATM 1218 O  O1D . HEM E 3 .   ? 3.670   -13.479 -4.229  0.00 19.80 ? 148  HEM A O1D 1 
HETATM 1219 O  O2D . HEM E 3 .   ? 2.666   -13.177 -6.147  0.00 19.80 ? 148  HEM A O2D 1 
HETATM 1220 N  NA  . HEM E 3 .   ? 1.569   -5.917  -4.331  1.00 9.27  ? 148  HEM A NA  1 
HETATM 1221 N  NB  . HEM E 3 .   ? -0.327  -3.880  -3.534  1.00 16.07 ? 148  HEM A NB  1 
HETATM 1222 N  NC  . HEM E 3 .   ? -2.295  -5.888  -3.174  1.00 11.10 ? 148  HEM A NC  1 
HETATM 1223 N  ND  . HEM E 3 .   ? -0.437  -7.931  -3.951  1.00 8.63  ? 148  HEM A ND  1 
HETATM 1224 FE FE  . HEM E 3 .   ? -0.388  -5.915  -3.786  1.00 13.18 ? 148  HEM A FE  1 
HETATM 1225 O  O   . HOH F 4 .   ? 12.248  6.980   11.936  1.00 13.21 ? 1004 HOH A O   1 
HETATM 1226 O  O   . HOH F 4 .   ? 4.216   14.365  -17.076 1.00 11.74 ? 1005 HOH A O   1 
HETATM 1227 O  O   . HOH F 4 .   ? 3.324   -6.486  -1.522  1.00 11.84 ? 1006 HOH A O   1 
HETATM 1228 O  O   . HOH F 4 .   ? 5.750   -17.560 4.362   1.00 9.17  ? 1007 HOH A O   1 
HETATM 1229 O  O   . HOH F 4 .   ? 2.257   -0.017  12.011  1.00 14.52 ? 1008 HOH A O   1 
HETATM 1230 O  O   . HOH F 4 .   ? -1.089  -13.158 12.657  1.00 12.94 ? 1009 HOH A O   1 
HETATM 1231 O  O   . HOH F 4 .   ? -7.559  15.622  7.597   1.00 14.36 ? 1010 HOH A O   1 
HETATM 1232 O  O   . HOH F 4 .   ? 4.072   11.405  10.499  1.00 11.52 ? 1011 HOH A O   1 
HETATM 1233 O  O   . HOH F 4 .   ? -1.492  -20.736 14.994  1.00 10.04 ? 1012 HOH A O   1 
HETATM 1234 O  O   . HOH F 4 .   ? 9.124   -20.145 5.457   1.00 10.14 ? 1013 HOH A O   1 
HETATM 1235 O  O   . HOH F 4 .   ? -2.362  -22.332 9.837   1.00 10.44 ? 1014 HOH A O   1 
HETATM 1236 O  O   . HOH F 4 .   ? 2.018   2.881   -18.785 1.00 14.13 ? 1015 HOH A O   1 
HETATM 1237 O  O   . HOH F 4 .   ? 6.738   -12.175 10.347  1.00 16.88 ? 1016 HOH A O   1 
HETATM 1238 O  O   . HOH F 4 .   ? 8.507   15.960  -9.927  1.00 11.69 ? 1017 HOH A O   1 
HETATM 1239 O  O   . HOH F 4 .   ? -7.182  -17.436 3.870   1.00 14.59 ? 1018 HOH A O   1 
HETATM 1240 O  O   . HOH F 4 .   ? 8.609   12.596  -10.912 1.00 23.01 ? 1019 HOH A O   1 
HETATM 1241 O  O   . HOH F 4 .   ? -5.266  -0.848  -19.836 1.00 15.34 ? 1020 HOH A O   1 
HETATM 1242 O  O   . HOH F 4 .   ? -3.333  17.692  2.682   1.00 15.78 ? 1021 HOH A O   1 
HETATM 1243 O  O   . HOH F 4 .   ? -12.973 -3.382  2.164   1.00 15.64 ? 1022 HOH A O   1 
HETATM 1244 O  O   . HOH F 4 .   ? -9.036  -4.073  9.608   1.00 14.88 ? 1023 HOH A O   1 
HETATM 1245 O  O   . HOH F 4 .   ? -5.095  -20.806 13.429  1.00 9.67  ? 1024 HOH A O   1 
HETATM 1246 O  O   . HOH F 4 .   ? 8.087   -2.889  -4.513  1.00 13.48 ? 1025 HOH A O   1 
HETATM 1247 O  O   . HOH F 4 .   ? -7.881  -16.850 8.952   1.00 8.20  ? 1026 HOH A O   1 
HETATM 1248 O  O   . HOH F 4 .   ? -6.808  -18.318 6.528   1.00 17.72 ? 1027 HOH A O   1 
HETATM 1249 O  O   . HOH F 4 .   ? -7.524  -0.037  8.307   1.00 10.97 ? 1028 HOH A O   1 
HETATM 1250 O  O   . HOH F 4 .   ? 9.534   16.885  -1.435  1.00 20.48 ? 1029 HOH A O   1 
HETATM 1251 O  O   . HOH F 4 .   ? 16.753  -1.485  10.288  1.00 11.59 ? 1030 HOH A O   1 
HETATM 1252 O  O   . HOH F 4 .   ? 2.723   -20.343 3.892   1.00 14.19 ? 1031 HOH A O   1 
HETATM 1253 O  O   . HOH F 4 .   ? -11.025 4.937   4.745   1.00 26.25 ? 1032 HOH A O   1 
HETATM 1254 O  O   . HOH F 4 .   ? 13.150  -3.251  4.271   1.00 12.20 ? 1033 HOH A O   1 
HETATM 1255 O  O   . HOH F 4 .   ? 10.837  3.071   -2.978  1.00 10.63 ? 1034 HOH A O   1 
HETATM 1256 O  O   . HOH F 4 .   ? 1.855   22.803  5.839   1.00 8.03  ? 1035 HOH A O   1 
HETATM 1257 O  O   . HOH F 4 .   ? 3.580   9.764   12.421  1.00 11.82 ? 1036 HOH A O   1 
HETATM 1258 O  O   . HOH F 4 .   ? -3.848  18.196  13.039  1.00 11.41 ? 1037 HOH A O   1 
HETATM 1259 O  O   . HOH F 4 .   ? 6.394   -0.149  -11.252 1.00 12.37 ? 1038 HOH A O   1 
HETATM 1260 O  O   . HOH F 4 .   ? -12.506 -12.149 -2.190  1.00 14.51 ? 1039 HOH A O   1 
HETATM 1261 O  O   . HOH F 4 .   ? 9.261   -14.716 1.813   1.00 12.36 ? 1040 HOH A O   1 
HETATM 1262 O  O   . HOH F 4 .   ? 5.018   -18.646 -3.342  1.00 7.32  ? 1041 HOH A O   1 
HETATM 1263 O  O   . HOH F 4 .   ? 12.435  -13.622 -1.648  1.00 31.28 ? 1042 HOH A O   1 
HETATM 1264 O  O   . HOH F 4 .   ? 11.678  -8.133  4.076   1.00 23.04 ? 1043 HOH A O   1 
HETATM 1265 O  O   . HOH F 4 .   ? 6.700   18.404  -3.823  1.00 9.75  ? 1044 HOH A O   1 
HETATM 1266 O  O   . HOH F 4 .   ? -2.077  20.207  2.150   1.00 8.01  ? 1045 HOH A O   1 
HETATM 1267 O  O   . HOH F 4 .   ? 3.516   -18.258 11.285  1.00 19.75 ? 1046 HOH A O   1 
HETATM 1268 O  O   . HOH F 4 .   ? -9.978  -12.162 -6.059  1.00 18.74 ? 1047 HOH A O   1 
HETATM 1269 O  O   . HOH F 4 .   ? -9.326  -18.390 2.027   1.00 24.77 ? 1048 HOH A O   1 
HETATM 1270 O  O   . HOH F 4 .   ? 11.861  4.833   1.502   1.00 24.48 ? 1049 HOH A O   1 
HETATM 1271 O  O   . HOH F 4 .   ? 0.253   -14.895 -4.950  1.00 17.21 ? 1050 HOH A O   1 
HETATM 1272 O  O   . HOH F 4 .   ? -10.035 -8.758  -12.029 1.00 21.86 ? 1051 HOH A O   1 
HETATM 1273 O  O   . HOH F 4 .   ? -3.492  2.742   -14.992 1.00 20.99 ? 1052 HOH A O   1 
HETATM 1274 O  O   . HOH F 4 .   ? 4.465   26.733  -0.621  1.00 28.08 ? 1053 HOH A O   1 
HETATM 1275 O  O   . HOH F 4 .   ? -4.492  -19.719 3.954   1.00 21.67 ? 1054 HOH A O   1 
HETATM 1276 O  O   . HOH F 4 .   ? -4.454  -11.233 14.243  1.00 31.20 ? 1055 HOH A O   1 
HETATM 1277 O  O   . HOH F 4 .   ? 14.509  0.934   12.586  1.00 14.15 ? 1056 HOH A O   1 
HETATM 1278 O  O   . HOH F 4 .   ? 3.745   18.732  8.317   1.00 30.21 ? 1057 HOH A O   1 
HETATM 1279 O  O   . HOH F 4 .   ? -10.351 -17.797 -2.456  1.00 30.07 ? 1058 HOH A O   1 
HETATM 1280 O  O   . HOH F 4 .   ? -7.673  -20.097 -2.488  1.00 33.39 ? 1059 HOH A O   1 
HETATM 1281 O  O   . HOH F 4 .   ? -10.728 5.579   -5.655  1.00 29.17 ? 1060 HOH A O   1 
HETATM 1282 O  O   . HOH F 4 .   ? 5.438   23.168  0.767   1.00 27.19 ? 1061 HOH A O   1 
HETATM 1283 O  O   . HOH F 4 .   ? 10.614  11.958  3.240   1.00 22.15 ? 1062 HOH A O   1 
HETATM 1284 O  O   . HOH F 4 .   ? -2.121  -18.009 -3.611  1.00 21.89 ? 1063 HOH A O   1 
HETATM 1285 O  O   . HOH F 4 .   ? 14.454  9.578   8.400   1.00 21.69 ? 1064 HOH A O   1 
HETATM 1286 O  O   . HOH F 4 .   ? -2.210  10.980  14.614  1.00 20.05 ? 1065 HOH A O   1 
HETATM 1287 O  O   . HOH F 4 .   ? -0.820  -8.907  -15.128 1.00 21.41 ? 1066 HOH A O   1 
HETATM 1288 O  O   . HOH F 4 .   ? 5.302   -9.447  12.666  1.00 28.26 ? 1067 HOH A O   1 
HETATM 1289 O  O   . HOH F 4 .   ? 11.374  7.081   -16.010 1.00 35.54 ? 1068 HOH A O   1 
HETATM 1290 O  O   . HOH F 4 .   ? 1.525   19.110  12.910  1.00 20.02 ? 1069 HOH A O   1 
HETATM 1291 O  O   . HOH F 4 .   ? 12.699  14.823  6.647   1.00 28.38 ? 1070 HOH A O   1 
HETATM 1292 O  O   . HOH F 4 .   ? -1.615  4.288   -14.568 1.00 20.43 ? 1071 HOH A O   1 
HETATM 1293 O  O   . HOH F 4 .   ? -13.040 -7.945  -10.556 1.00 20.24 ? 1072 HOH A O   1 
HETATM 1294 O  O   . HOH F 4 .   ? 6.601   -18.830 -12.029 1.00 38.09 ? 1073 HOH A O   1 
HETATM 1295 O  O   . HOH F 4 .   ? 10.439  6.221   -11.408 1.00 22.42 ? 1074 HOH A O   1 
HETATM 1296 O  O   . HOH F 4 .   ? 10.513  12.944  -14.262 1.00 24.27 ? 1075 HOH A O   1 
HETATM 1297 O  O   . HOH F 4 .   ? 0.905   -12.301 -8.059  1.00 35.09 ? 1076 HOH A O   1 
HETATM 1298 O  O   . HOH F 4 .   ? -7.712  -15.319 14.708  1.00 27.04 ? 1077 HOH A O   1 
HETATM 1299 O  O   . HOH F 4 .   ? -6.102  -17.764 19.300  1.00 7.98  ? 1078 HOH A O   1 
HETATM 1300 O  O   . HOH F 4 .   ? 7.740   0.687   -13.801 1.00 16.32 ? 1079 HOH A O   1 
HETATM 1301 O  O   . HOH F 4 .   ? 1.769   23.284  -4.172  1.00 11.67 ? 1080 HOH A O   1 
HETATM 1302 O  O   . HOH F 4 .   ? 7.128   13.980  -8.261  1.00 10.16 ? 1081 HOH A O   1 
HETATM 1303 O  O   . HOH F 4 .   ? 3.730   1.162   -17.256 1.00 9.62  ? 1082 HOH A O   1 
HETATM 1304 O  O   . HOH F 4 .   ? -6.120  0.570   10.471  1.00 18.61 ? 1083 HOH A O   1 
HETATM 1305 O  O   . HOH F 4 .   ? 0.107   -22.941 10.235  1.00 15.27 ? 1084 HOH A O   1 
HETATM 1306 O  O   . HOH F 4 .   ? 4.073   17.472  10.332  1.00 28.66 ? 1085 HOH A O   1 
HETATM 1307 O  O   . HOH F 4 .   ? 14.457  -2.105  2.307   1.00 17.68 ? 1086 HOH A O   1 
HETATM 1308 O  O   . HOH F 4 .   ? 3.028   -1.460  -17.351 1.00 14.77 ? 1087 HOH A O   1 
HETATM 1309 O  O   . HOH F 4 .   ? 9.080   4.262   -15.345 1.00 12.34 ? 1088 HOH A O   1 
HETATM 1310 O  O   . HOH F 4 .   ? 9.830   0.050   15.819  1.00 19.48 ? 1089 HOH A O   1 
HETATM 1311 O  O   . HOH F 4 .   ? -6.295  18.955  14.075  1.00 20.08 ? 1090 HOH A O   1 
HETATM 1312 O  O   . HOH F 4 .   ? -8.597  13.972  1.642   1.00 24.31 ? 1091 HOH A O   1 
HETATM 1313 O  O   . HOH F 4 .   ? 3.600   14.967  -19.511 1.00 28.55 ? 1092 HOH A O   1 
HETATM 1314 O  O   . HOH F 4 .   ? 8.069   14.722  -12.163 1.00 22.05 ? 1093 HOH A O   1 
HETATM 1315 O  O   . HOH F 4 .   ? -7.229  -9.764  13.894  1.00 23.65 ? 1094 HOH A O   1 
HETATM 1316 O  O   . HOH F 4 .   ? -1.640  -16.912 -6.046  1.00 25.14 ? 1095 HOH A O   1 
HETATM 1317 O  O   . HOH F 4 .   ? -9.526  -1.534  8.978   1.00 29.18 ? 1096 HOH A O   1 
HETATM 1318 O  O   . HOH F 4 .   ? -11.410 -5.347  10.627  1.00 19.77 ? 1097 HOH A O   1 
HETATM 1319 O  O   . HOH F 4 .   ? 8.186   -4.873  -6.213  1.00 26.36 ? 1098 HOH A O   1 
HETATM 1320 O  O   . HOH F 4 .   ? 3.958   16.284  -15.324 1.00 29.06 ? 1099 HOH A O   1 
HETATM 1321 O  O   . HOH F 4 .   ? 4.999   23.711  4.275   1.00 29.46 ? 1100 HOH A O   1 
HETATM 1322 O  O   . HOH F 4 .   ? 13.922  0.978   -0.892  1.00 33.62 ? 1101 HOH A O   1 
HETATM 1323 O  O   . HOH F 4 .   ? 16.983  -4.204  11.214  1.00 28.85 ? 1102 HOH A O   1 
HETATM 1324 O  O   . HOH F 4 .   ? -12.049 6.642   9.186   1.00 34.81 ? 1103 HOH A O   1 
HETATM 1325 O  O   . HOH F 4 .   ? -6.114  9.166   11.996  1.00 20.77 ? 1104 HOH A O   1 
HETATM 1326 O  O   . HOH F 4 .   ? 12.745  -0.645  14.278  1.00 17.24 ? 1105 HOH A O   1 
HETATM 1327 O  O   . HOH F 4 .   ? 12.061  11.182  7.752   1.00 29.58 ? 1106 HOH A O   1 
HETATM 1328 O  O   . HOH F 4 .   ? 5.694   -8.806  -12.821 1.00 35.38 ? 1107 HOH A O   1 
HETATM 1329 O  O   . HOH F 4 .   ? 9.296   -0.932  -6.171  1.00 25.04 ? 1108 HOH A O   1 
HETATM 1330 O  O   . HOH F 4 .   ? 14.954  2.825   14.437  1.00 30.86 ? 1109 HOH A O   1 
HETATM 1331 O  O   . HOH F 4 .   ? -15.093 -2.992  -6.348  1.00 33.76 ? 1110 HOH A O   1 
HETATM 1332 O  O   . HOH F 4 .   ? 12.033  5.420   -3.693  1.00 31.86 ? 1111 HOH A O   1 
HETATM 1333 O  O   . HOH F 4 .   ? 8.260   18.512  -10.817 1.00 34.29 ? 1112 HOH A O   1 
HETATM 1334 O  O   . HOH F 4 .   ? -3.093  -25.022 7.229   1.00 29.59 ? 1113 HOH A O   1 
HETATM 1335 O  O   . HOH F 4 .   ? -13.352 -2.109  4.593   1.00 31.17 ? 1114 HOH A O   1 
HETATM 1336 O  O   . HOH F 4 .   ? 0.060   1.547   13.258  1.00 23.15 ? 1115 HOH A O   1 
HETATM 1337 O  O   . HOH F 4 .   ? 2.836   -2.436  12.063  1.00 31.19 ? 1116 HOH A O   1 
HETATM 1338 O  O   . HOH F 4 .   ? -7.191  16.871  -16.678 1.00 34.12 ? 1117 HOH A O   1 
HETATM 1339 O  O   . HOH F 4 .   ? 8.989   -15.482 10.544  1.00 36.30 ? 1118 HOH A O   1 
HETATM 1340 O  O   . HOH F 4 .   ? 10.801  22.418  3.698   1.00 46.88 ? 1119 HOH A O   1 
HETATM 1341 O  O   . HOH F 4 .   ? -11.998 1.044   14.122  1.00 40.95 ? 1120 HOH A O   1 
HETATM 1342 O  O   . HOH F 4 .   ? -1.314  11.700  -12.122 1.00 30.50 ? 1121 HOH A O   1 
HETATM 1343 O  O   . HOH F 4 .   ? -3.991  -22.985 12.224  1.00 25.93 ? 1122 HOH A O   1 
HETATM 1344 O  O   . HOH F 4 .   ? 2.538   -17.164 15.449  1.00 30.98 ? 1123 HOH A O   1 
HETATM 1345 O  O   . HOH F 4 .   ? -10.814 7.424   6.145   1.00 28.30 ? 1124 HOH A O   1 
HETATM 1346 O  O   . HOH F 4 .   ? 6.844   -5.090  -8.403  1.00 21.25 ? 1125 HOH A O   1 
HETATM 1347 O  O   . HOH F 4 .   ? 5.656   -11.082 14.727  1.00 33.30 ? 1126 HOH A O   1 
HETATM 1348 O  O   . HOH F 4 .   ? 0.358   -8.637  14.344  1.00 28.45 ? 1127 HOH A O   1 
HETATM 1349 O  O   . HOH F 4 .   ? -0.198  -25.299 7.047   1.00 30.11 ? 1128 HOH A O   1 
HETATM 1350 O  O   . HOH F 4 .   ? -6.309  -13.022 14.902  1.00 23.59 ? 1129 HOH A O   1 
HETATM 1351 O  O   . HOH F 4 .   ? -14.797 -5.246  10.850  1.00 34.50 ? 1130 HOH A O   1 
HETATM 1352 O  O   . HOH F 4 .   ? -11.016 10.869  5.818   1.00 44.70 ? 1131 HOH A O   1 
HETATM 1353 O  O   . HOH F 4 .   ? -5.396  20.593  -3.724  1.00 29.81 ? 1132 HOH A O   1 
HETATM 1354 O  O   . HOH F 4 .   ? -3.943  -10.874 -11.071 1.00 37.96 ? 1133 HOH A O   1 
HETATM 1355 O  O   . HOH F 4 .   ? -12.085 0.213   6.070   1.00 24.11 ? 1134 HOH A O   1 
HETATM 1356 O  O   . HOH F 4 .   ? 11.293  14.629  1.986   1.00 30.47 ? 1135 HOH A O   1 
HETATM 1357 O  O   . HOH F 4 .   ? 16.263  -4.086  1.580   1.00 32.94 ? 1136 HOH A O   1 
HETATM 1358 O  O   . HOH F 4 .   ? 8.204   13.746  10.198  1.00 25.13 ? 1137 HOH A O   1 
HETATM 1359 O  O   . HOH F 4 .   ? 7.283   -2.370  -11.142 1.00 23.00 ? 1138 HOH A O   1 
HETATM 1360 O  O   . HOH F 4 .   ? -1.931  2.942   11.845  1.00 22.26 ? 1139 HOH A O   1 
HETATM 1361 O  O   . HOH F 4 .   ? 3.465   -16.348 -6.599  1.00 31.44 ? 1140 HOH A O   1 
HETATM 1362 O  O   . HOH F 4 .   ? 1.893   17.775  -7.949  1.00 20.25 ? 1141 HOH A O   1 
HETATM 1363 O  O   . HOH F 4 .   ? 2.593   -21.134 1.207   1.00 36.30 ? 1142 HOH A O   1 
HETATM 1364 O  O   . HOH F 4 .   ? -1.259  18.831  -11.410 1.00 43.94 ? 1143 HOH A O   1 
HETATM 1365 O  O   . HOH F 4 .   ? -3.410  8.275   14.742  1.00 35.71 ? 1144 HOH A O   1 
HETATM 1366 O  O   . HOH F 4 .   ? -14.930 -3.940  -4.329  1.00 31.33 ? 1145 HOH A O   1 
HETATM 1367 O  O   . HOH F 4 .   ? 1.734   19.550  -9.992  1.00 27.74 ? 1146 HOH A O   1 
HETATM 1368 O  O   . HOH F 4 .   ? 11.039  -5.111  12.160  1.00 32.54 ? 1147 HOH A O   1 
HETATM 1369 O  O   . HOH F 4 .   ? 0.437   -16.319 -7.594  1.00 36.93 ? 1148 HOH A O   1 
HETATM 1370 O  O   . HOH F 4 .   ? 4.278   -10.611 -10.233 1.00 45.49 ? 1149 HOH A O   1 
HETATM 1371 O  O   . HOH F 4 .   ? -0.739  4.130   14.507  1.00 27.55 ? 1150 HOH A O   1 
HETATM 1372 O  O   . HOH F 4 .   ? 7.640   -11.619 13.932  1.00 50.10 ? 1151 HOH A O   1 
HETATM 1373 O  O   . HOH F 4 .   ? 14.092  0.271   -3.153  1.00 40.41 ? 1152 HOH A O   1 
HETATM 1374 O  O   . HOH F 4 .   ? 9.189   0.510   -10.604 1.00 27.10 ? 1153 HOH A O   1 
HETATM 1375 O  O   . HOH F 4 .   ? 12.962  8.279   -14.112 1.00 28.77 ? 1154 HOH A O   1 
HETATM 1376 O  O   . HOH F 4 .   ? -4.048  1.614   12.812  1.00 41.16 ? 1155 HOH A O   1 
HETATM 1377 O  O   . HOH F 4 .   ? 8.699   21.383  8.633   1.00 38.69 ? 1156 HOH A O   1 
HETATM 1378 O  O   . HOH F 4 .   ? -4.687  -1.136  12.091  1.00 30.10 ? 1157 HOH A O   1 
HETATM 1379 O  O   . HOH F 4 .   ? -7.382  -3.424  11.703  1.00 31.83 ? 1158 HOH A O   1 
HETATM 1380 O  O   . HOH F 4 .   ? 6.254   -18.806 11.103  1.00 35.25 ? 1159 HOH A O   1 
HETATM 1381 O  O   . HOH F 4 .   ? -12.793 11.749  15.487  1.00 37.99 ? 1160 HOH A O   1 
HETATM 1382 O  O   . HOH F 4 .   ? -2.271  17.916  15.300  1.00 26.25 ? 1161 HOH A O   1 
HETATM 1383 O  O   . HOH F 4 .   ? -4.117  -12.990 -13.852 1.00 32.24 ? 1162 HOH A O   1 
HETATM 1384 O  O   . HOH F 4 .   ? 14.684  -5.664  7.499   1.00 33.69 ? 1163 HOH A O   1 
HETATM 1385 O  O   . HOH F 4 .   ? -5.239  18.057  1.045   1.00 37.98 ? 1164 HOH A O   1 
HETATM 1386 O  O   . HOH F 4 .   ? 14.161  4.421   -3.931  1.00 42.27 ? 1165 HOH A O   1 
HETATM 1387 O  O   . HOH F 4 .   ? 11.838  2.659   0.132   1.00 27.33 ? 1166 HOH A O   1 
HETATM 1388 O  O   . HOH F 4 .   ? 10.779  -11.771 13.240  1.00 35.31 ? 1167 HOH A O   1 
HETATM 1389 O  O   . HOH F 4 .   ? 1.336   22.781  -7.483  1.00 20.03 ? 1168 HOH A O   1 
HETATM 1390 O  O   . HOH F 4 .   ? -7.966  11.222  -8.748  1.00 39.96 ? 1169 HOH A O   1 
HETATM 1391 O  O   . HOH F 4 .   ? 13.702  -6.116  4.793   1.00 30.56 ? 1170 HOH A O   1 
HETATM 1392 O  O   . HOH F 4 .   ? 15.330  -2.412  -1.472  1.00 42.22 ? 1171 HOH A O   1 
HETATM 1393 O  O   . HOH F 4 .   ? -0.108  -13.150 15.130  1.00 30.30 ? 1172 HOH A O   1 
HETATM 1394 O  O   . HOH F 4 .   ? -0.106  27.317  -3.385  1.00 24.88 ? 1173 HOH A O   1 
HETATM 1395 O  O   . HOH F 4 .   ? 8.311   -5.616  -12.204 1.00 38.33 ? 1174 HOH A O   1 
HETATM 1396 O  O   . HOH F 4 .   ? -6.622  -1.861  13.511  1.00 27.95 ? 1175 HOH A O   1 
HETATM 1397 O  O   . HOH F 4 .   ? -0.284  12.969  -10.294 1.00 26.48 ? 1176 HOH A O   1 
HETATM 1398 O  O   . HOH F 4 .   ? -9.778  1.091   -11.786 1.00 33.30 ? 1177 HOH A O   1 
HETATM 1399 O  O   . HOH F 4 .   ? -9.852  13.305  3.913   1.00 32.46 ? 1178 HOH A O   1 
HETATM 1400 O  O   . HOH F 4 .   ? 1.379   17.560  -11.804 1.00 39.73 ? 1179 HOH A O   1 
HETATM 1401 O  O   . HOH F 4 .   ? -6.387  13.939  -10.707 1.00 33.80 ? 1180 HOH A O   1 
HETATM 1402 O  O   . HOH F 4 .   ? -8.635  -20.994 1.840   1.00 35.59 ? 1181 HOH A O   1 
HETATM 1403 O  O   . HOH F 4 .   ? 13.003  14.013  9.332   1.00 36.92 ? 1182 HOH A O   1 
HETATM 1404 O  O   . HOH F 4 .   ? 8.601   12.223  -16.964 1.00 36.61 ? 1183 HOH A O   1 
# 
